data_9LU3
#
_entry.id   9LU3
#
_cell.length_a   123.416
_cell.length_b   125.155
_cell.length_c   152.376
_cell.angle_alpha   90.00
_cell.angle_beta   90.00
_cell.angle_gamma   90.00
#
_symmetry.space_group_name_H-M   'P 21 21 21'
#
loop_
_entity.id
_entity.type
_entity.pdbx_description
1 polymer 'Glycoprotein G'
2 polymer 'mAb LN1F9 Fab heavy chain'
3 polymer 'mAb LN1F9 Fab light chain'
4 non-polymer 2-acetamido-2-deoxy-beta-D-glucopyranose
#
loop_
_entity_poly.entity_id
_entity_poly.type
_entity_poly.pdbx_seq_one_letter_code
_entity_poly.pdbx_strand_id
1 'polypeptide(L)'
;HHHHHHLEVLFQGPEGVSNLVGLPNNICLQKTSNQILKPKLISYTLPVVGQSGTCITDPLLAMDEGYFAYSHLERIGSCS
RGVSKQRIIGVGEVLDRGDEVPSLFMTNVWTPPNPNTVYHCSAVYNNEFYYVLCAVSTVGDPILNSTYWSGSLMMTRLAV
KPKSNGGGYNQHQLALRSIEKGRYDKVMPYGPSGIKQGDTLYFPAVGFLVRTEFKYNDSNCPITKCQYSKPENCRLSMGI
RPNSHYILRSGLLKYNLSDGENPKVVFIEISDQRLSIGSPSKIYDSLGQPVFYQASFSWDTMIKFGDVLTVNPLVVNWRN
NTVISRPGQSQCPRFNTCPEICWEGVYNDAFLIDRINWISAGVFLDSNQTAENPVFTVFKDNEILYRAQLASEDTNAQKT
ITNCFLLKNKIWCISLVEIYDTGDNVIRPKLFAVKIPEQCT
;
A,B
2 'polypeptide(L)'
;EVKLVESGGGLVKPGGSLKLSCAASGFSFRNYAMSWVRQSPEKRLEWVAEVSSGGGYTYYPDTVTGRFTISRDNAKNILY
LEMSSLRSEDTAMYYCTRDPDSSGYLAWFAYWGQGTLVTVSAASTKGPSVFPLAPSSKSTSGGTAALGCLVKDYFPEPVT
VSWNSGALTSGVHTFPAVLQSSGLYSLSSVVTVPSSSLGTQTYICNVNHKPSNTKVDKKVEPKSCDKTHHHHHH
;
H,D
3 'polypeptide(L)'
;DILLTQSPASLSASVGETVTITCRASENINSYLAWYQQKQGKSPQLLVYNAKTLAEGVPSRFSGSGSDTQFSLKINTLQP
EDFGTYYCQHHSGTPYTFGGGTKLEIKRTVAAPSVFIFPPSDEQLKSGTASVVCLLNNFYPREAKVQWKVDNALQSGNSQ
ESVTEQDSKDSTYSLSSTLTLSKADYEKHKVYACEVTHQGLSSPVTKSFNRGEC
;
L,E
#
# COMPACT_ATOMS: atom_id res chain seq x y z
N PRO A 14 31.50 -0.04 -4.71
CA PRO A 14 30.13 -0.53 -4.98
C PRO A 14 29.81 -0.67 -6.48
N GLU A 15 28.58 -1.10 -6.73
CA GLU A 15 28.10 -1.37 -8.08
C GLU A 15 27.38 -0.13 -8.61
N GLY A 16 27.64 0.19 -9.88
CA GLY A 16 27.03 1.38 -10.47
C GLY A 16 27.36 2.66 -9.72
N VAL A 17 26.32 3.46 -9.46
CA VAL A 17 26.46 4.80 -8.91
C VAL A 17 26.34 4.77 -7.39
N SER A 18 27.28 5.45 -6.71
CA SER A 18 27.49 5.44 -5.27
C SER A 18 27.77 6.85 -4.81
N ASN A 19 27.43 7.17 -3.55
CA ASN A 19 27.70 8.51 -3.02
C ASN A 19 29.18 8.79 -2.94
N LEU A 20 29.51 10.08 -2.92
CA LEU A 20 30.90 10.54 -2.88
C LEU A 20 31.43 10.33 -1.46
N VAL A 21 32.01 9.17 -1.19
CA VAL A 21 32.51 8.82 0.14
C VAL A 21 33.85 8.11 -0.06
N GLY A 22 34.59 7.95 1.04
CA GLY A 22 35.84 7.22 0.98
C GLY A 22 36.96 7.97 0.30
N LEU A 23 37.69 7.27 -0.58
CA LEU A 23 38.89 7.81 -1.21
C LEU A 23 38.72 7.76 -2.72
N PRO A 24 38.13 8.78 -3.31
CA PRO A 24 37.84 8.74 -4.75
C PRO A 24 39.10 8.97 -5.56
N ASN A 25 39.02 8.52 -6.82
CA ASN A 25 40.08 8.69 -7.78
C ASN A 25 40.53 10.14 -7.87
N ASN A 26 41.84 10.31 -8.00
CA ASN A 26 42.44 11.63 -7.98
C ASN A 26 41.83 12.49 -9.07
N ILE A 27 41.81 13.78 -8.85
CA ILE A 27 41.27 14.68 -9.86
C ILE A 27 42.32 15.75 -10.15
N CYS A 28 42.17 16.42 -11.30
CA CYS A 28 43.07 17.52 -11.65
C CYS A 28 43.00 18.60 -10.59
N LEU A 29 44.13 18.84 -9.93
CA LEU A 29 44.18 19.75 -8.80
C LEU A 29 44.80 21.10 -9.14
N GLN A 30 45.00 21.41 -10.42
CA GLN A 30 45.70 22.65 -10.75
C GLN A 30 44.89 23.49 -11.71
N LYS A 31 45.11 24.80 -11.63
CA LYS A 31 44.45 25.75 -12.52
C LYS A 31 44.94 25.55 -13.94
N THR A 32 44.01 25.43 -14.89
CA THR A 32 44.44 25.20 -16.26
C THR A 32 43.35 25.69 -17.20
N SER A 33 43.78 26.44 -18.22
CA SER A 33 42.90 26.87 -19.29
C SER A 33 42.62 25.76 -20.28
N ASN A 34 43.19 24.58 -20.05
CA ASN A 34 42.90 23.40 -20.85
C ASN A 34 41.40 23.13 -20.86
N GLN A 35 40.96 22.38 -21.87
CA GLN A 35 39.55 22.04 -22.08
C GLN A 35 39.24 20.64 -21.55
N ILE A 36 39.64 20.36 -20.30
CA ILE A 36 39.60 18.99 -19.77
C ILE A 36 38.24 18.54 -19.25
N LEU A 37 37.25 19.42 -19.16
CA LEU A 37 35.90 19.04 -18.80
C LEU A 37 35.11 18.87 -20.09
N LYS A 38 34.52 17.69 -20.29
CA LYS A 38 33.69 17.43 -21.45
C LYS A 38 32.28 17.12 -20.96
N PRO A 39 31.44 18.13 -20.73
CA PRO A 39 30.07 17.85 -20.31
C PRO A 39 29.34 17.01 -21.35
N LYS A 40 28.27 16.36 -20.92
CA LYS A 40 27.46 15.48 -21.76
C LYS A 40 25.98 15.76 -21.50
N LEU A 41 25.25 16.12 -22.55
CA LEU A 41 23.82 16.40 -22.47
C LEU A 41 23.06 15.09 -22.22
N ILE A 42 22.52 14.94 -21.01
CA ILE A 42 21.83 13.72 -20.63
C ILE A 42 20.34 13.96 -20.43
N SER A 43 19.83 15.12 -20.83
CA SER A 43 18.44 15.45 -20.58
C SER A 43 17.49 14.47 -21.24
N TYR A 44 17.93 13.82 -22.34
CA TYR A 44 17.00 13.06 -23.17
C TYR A 44 16.25 11.94 -22.42
N THR A 45 16.72 11.52 -21.24
CA THR A 45 16.04 10.43 -20.54
C THR A 45 14.98 10.92 -19.54
N LEU A 46 14.42 12.14 -19.74
CA LEU A 46 13.39 12.67 -18.85
C LEU A 46 12.30 13.46 -19.60
N PRO A 47 11.20 13.86 -18.93
CA PRO A 47 10.15 14.64 -19.61
C PRO A 47 10.57 16.04 -20.01
N VAL A 48 10.26 16.38 -21.27
CA VAL A 48 10.57 17.68 -21.96
C VAL A 48 10.79 18.89 -21.05
N THR A 54 4.77 24.17 -24.42
CA THR A 54 4.54 24.59 -23.04
C THR A 54 5.83 25.01 -22.30
N CYS A 55 5.70 25.57 -21.09
CA CYS A 55 6.82 26.06 -20.27
C CYS A 55 7.01 25.24 -19.01
N ILE A 56 8.24 25.25 -18.48
CA ILE A 56 8.63 24.39 -17.36
C ILE A 56 9.46 25.16 -16.33
N THR A 57 8.87 25.49 -15.19
CA THR A 57 9.61 26.17 -14.13
C THR A 57 9.53 25.36 -12.85
N ASP A 58 10.30 25.81 -11.89
CA ASP A 58 10.41 25.35 -10.52
C ASP A 58 11.11 24.01 -10.42
N PRO A 59 12.27 23.88 -11.07
CA PRO A 59 12.94 22.58 -11.08
C PRO A 59 13.47 22.21 -9.70
N LEU A 60 13.44 20.92 -9.43
CA LEU A 60 14.03 20.28 -8.28
C LEU A 60 14.91 19.12 -8.75
N LEU A 61 16.18 19.09 -8.32
CA LEU A 61 16.98 17.91 -8.59
C LEU A 61 17.72 17.56 -7.32
N ALA A 62 17.32 16.44 -6.73
CA ALA A 62 17.97 15.83 -5.59
C ALA A 62 18.55 14.49 -6.03
N MET A 63 19.74 14.17 -5.52
CA MET A 63 20.41 12.91 -5.82
C MET A 63 21.01 12.33 -4.55
N ASP A 64 21.06 11.00 -4.45
CA ASP A 64 21.54 10.35 -3.23
C ASP A 64 21.54 8.81 -3.37
N GLU A 65 22.68 8.19 -3.02
CA GLU A 65 22.80 6.73 -2.94
C GLU A 65 22.39 6.04 -4.23
N GLY A 66 22.66 6.68 -5.37
CA GLY A 66 22.31 6.09 -6.64
C GLY A 66 20.90 6.33 -7.09
N TYR A 67 20.07 6.98 -6.28
CA TYR A 67 18.72 7.34 -6.67
C TYR A 67 18.70 8.87 -6.81
N PHE A 68 17.63 9.39 -7.40
CA PHE A 68 17.47 10.83 -7.60
C PHE A 68 16.01 11.22 -7.42
N ALA A 69 15.77 12.52 -7.21
CA ALA A 69 14.42 13.07 -7.17
C ALA A 69 14.33 14.29 -8.06
N TYR A 70 13.23 14.42 -8.79
CA TYR A 70 13.05 15.52 -9.72
C TYR A 70 11.65 16.09 -9.63
N SER A 71 11.55 17.42 -9.73
CA SER A 71 10.23 18.04 -9.75
C SER A 71 10.25 19.25 -10.66
N HIS A 72 9.07 19.57 -11.20
CA HIS A 72 8.85 20.81 -11.95
C HIS A 72 7.36 21.08 -12.06
N LEU A 73 7.05 22.30 -12.47
CA LEU A 73 5.68 22.71 -12.77
C LEU A 73 5.60 23.13 -14.23
N GLU A 74 4.81 22.39 -15.00
CA GLU A 74 4.58 22.71 -16.39
C GLU A 74 3.43 23.71 -16.41
N ARG A 75 3.71 24.91 -16.92
CA ARG A 75 2.76 25.99 -16.98
C ARG A 75 2.41 26.32 -18.43
N ILE A 76 1.31 27.06 -18.60
CA ILE A 76 0.75 27.42 -19.90
C ILE A 76 1.22 28.81 -20.29
N GLY A 77 1.96 28.89 -21.39
CA GLY A 77 2.47 30.15 -21.90
C GLY A 77 3.48 30.79 -20.99
N SER A 78 3.05 31.81 -20.26
CA SER A 78 3.96 32.68 -19.54
C SER A 78 4.56 31.96 -18.33
N CYS A 79 5.89 31.95 -18.25
CA CYS A 79 6.60 31.26 -17.18
C CYS A 79 6.58 32.02 -15.87
N SER A 80 5.85 33.14 -15.80
CA SER A 80 5.67 33.88 -14.55
C SER A 80 4.28 33.64 -13.97
N ARG A 81 3.23 33.91 -14.75
CA ARG A 81 1.87 33.89 -14.22
C ARG A 81 0.91 33.04 -15.05
N GLY A 82 1.41 32.18 -15.94
CA GLY A 82 0.55 31.36 -16.78
C GLY A 82 -0.35 30.42 -15.99
N VAL A 83 -1.11 29.61 -16.72
CA VAL A 83 -2.01 28.67 -16.06
C VAL A 83 -1.21 27.43 -15.64
N SER A 84 -1.31 27.08 -14.36
CA SER A 84 -0.57 25.95 -13.80
C SER A 84 -1.14 24.65 -14.34
N LYS A 85 -0.46 24.05 -15.33
CA LYS A 85 -0.95 22.81 -15.92
C LYS A 85 -0.70 21.61 -15.00
N GLN A 86 0.53 21.44 -14.51
CA GLN A 86 0.83 20.19 -13.82
C GLN A 86 2.04 20.31 -12.91
N ARG A 87 1.94 19.67 -11.74
CA ARG A 87 3.09 19.39 -10.90
C ARG A 87 3.57 17.96 -11.14
N ILE A 88 4.87 17.80 -11.35
CA ILE A 88 5.47 16.49 -11.49
C ILE A 88 6.44 16.33 -10.34
N ILE A 89 6.21 15.35 -9.47
CA ILE A 89 7.13 14.97 -8.40
C ILE A 89 7.55 13.54 -8.67
N GLY A 90 8.80 13.33 -9.06
CA GLY A 90 9.20 12.04 -9.58
C GLY A 90 10.53 11.59 -9.01
N VAL A 91 10.68 10.27 -8.85
CA VAL A 91 11.92 9.67 -8.34
C VAL A 91 12.42 8.65 -9.36
N GLY A 92 13.70 8.31 -9.23
CA GLY A 92 14.27 7.37 -10.18
C GLY A 92 15.66 6.95 -9.77
N GLU A 93 16.28 6.14 -10.64
CA GLU A 93 17.60 5.60 -10.38
C GLU A 93 18.60 6.22 -11.35
N VAL A 94 19.86 6.32 -10.90
CA VAL A 94 20.95 6.90 -11.68
C VAL A 94 21.81 5.75 -12.18
N LEU A 95 21.55 5.31 -13.40
CA LEU A 95 22.25 4.18 -13.99
C LEU A 95 23.39 4.67 -14.88
N ASP A 96 24.40 3.83 -15.02
CA ASP A 96 25.39 3.99 -16.08
C ASP A 96 24.67 3.70 -17.40
N ARG A 97 24.50 4.71 -18.24
CA ARG A 97 23.55 4.53 -19.33
C ARG A 97 24.00 3.52 -20.40
N GLY A 98 25.28 3.14 -20.38
CA GLY A 98 25.78 2.05 -21.19
C GLY A 98 27.22 2.24 -21.62
N ASP A 99 27.74 3.45 -21.45
CA ASP A 99 29.06 3.81 -21.96
C ASP A 99 29.88 4.49 -20.88
N GLU A 100 29.70 4.07 -19.62
CA GLU A 100 30.27 4.74 -18.45
C GLU A 100 29.88 6.23 -18.40
N VAL A 101 28.63 6.54 -18.69
CA VAL A 101 28.14 7.89 -18.41
C VAL A 101 26.84 7.77 -17.64
N PRO A 102 26.72 8.43 -16.50
CA PRO A 102 25.48 8.34 -15.71
C PRO A 102 24.31 9.11 -16.30
N SER A 103 23.10 8.59 -16.07
CA SER A 103 21.87 9.28 -16.48
C SER A 103 20.74 8.98 -15.52
N LEU A 104 19.76 9.86 -15.52
CA LEU A 104 18.60 9.74 -14.65
C LEU A 104 17.49 8.99 -15.37
N PHE A 105 17.02 7.92 -14.77
CA PHE A 105 15.94 7.11 -15.31
C PHE A 105 14.81 7.11 -14.30
N MET A 106 13.74 7.83 -14.63
CA MET A 106 12.56 7.93 -13.77
C MET A 106 12.06 6.53 -13.43
N THR A 107 11.47 6.37 -12.23
CA THR A 107 10.87 5.10 -11.83
C THR A 107 9.49 5.21 -11.20
N ASN A 108 9.04 6.39 -10.83
CA ASN A 108 7.82 6.53 -10.05
C ASN A 108 7.51 8.01 -10.08
N VAL A 109 6.36 8.39 -10.62
CA VAL A 109 5.99 9.78 -10.75
C VAL A 109 4.68 10.00 -10.01
N TRP A 110 4.59 11.09 -9.28
CA TRP A 110 3.36 11.45 -8.63
C TRP A 110 3.01 12.85 -9.10
N THR A 111 1.74 13.06 -9.43
CA THR A 111 1.27 14.37 -9.84
C THR A 111 0.18 14.78 -8.86
N PRO A 112 0.41 15.80 -8.04
CA PRO A 112 -0.63 16.30 -7.12
C PRO A 112 -1.95 16.52 -7.85
N PRO A 113 -3.08 16.47 -7.14
CA PRO A 113 -4.34 16.83 -7.82
C PRO A 113 -4.38 18.28 -8.21
N ASN A 114 -3.98 19.17 -7.31
CA ASN A 114 -4.08 20.60 -7.52
C ASN A 114 -2.67 21.14 -7.73
N PRO A 115 -2.25 21.37 -8.98
CA PRO A 115 -0.85 21.73 -9.23
C PRO A 115 -0.45 23.09 -8.68
N ASN A 116 -1.40 24.01 -8.51
CA ASN A 116 -1.04 25.36 -8.08
C ASN A 116 -1.28 25.57 -6.59
N THR A 117 -1.41 24.52 -5.81
CA THR A 117 -1.36 24.69 -4.35
C THR A 117 -0.13 24.05 -3.73
N VAL A 118 0.79 23.55 -4.53
CA VAL A 118 1.98 22.86 -4.04
C VAL A 118 3.20 23.71 -4.37
N TYR A 119 4.00 24.05 -3.35
CA TYR A 119 5.11 24.97 -3.53
C TYR A 119 6.33 24.55 -2.72
N HIS A 120 7.48 24.98 -3.22
CA HIS A 120 8.76 24.93 -2.52
C HIS A 120 9.09 23.54 -2.02
N CYS A 121 8.80 22.55 -2.88
CA CYS A 121 9.13 21.15 -2.65
C CYS A 121 10.61 20.94 -2.39
N SER A 122 10.91 20.04 -1.46
CA SER A 122 12.27 19.73 -1.07
C SER A 122 12.36 18.24 -0.81
N ALA A 123 13.46 17.64 -1.22
CA ALA A 123 13.55 16.19 -1.33
C ALA A 123 14.69 15.61 -0.50
N VAL A 124 14.45 14.47 0.13
CA VAL A 124 15.43 13.74 0.93
C VAL A 124 15.23 12.25 0.77
N TYR A 125 16.31 11.53 0.55
CA TYR A 125 16.25 10.09 0.37
C TYR A 125 16.61 9.39 1.66
N ASN A 126 15.90 8.30 1.96
CA ASN A 126 16.24 7.45 3.10
C ASN A 126 15.72 6.06 2.82
N ASN A 127 16.64 5.13 2.57
CA ASN A 127 16.32 3.72 2.66
C ASN A 127 15.16 3.34 1.74
N GLU A 128 15.38 3.60 0.45
CA GLU A 128 14.52 3.19 -0.67
C GLU A 128 13.17 3.91 -0.66
N PHE A 129 13.17 5.12 -0.09
CA PHE A 129 12.09 6.08 -0.21
C PHE A 129 12.71 7.44 -0.41
N TYR A 130 12.20 8.20 -1.39
CA TYR A 130 12.29 9.65 -1.34
C TYR A 130 11.12 10.22 -0.56
N TYR A 131 11.44 11.15 0.34
CA TYR A 131 10.42 11.97 0.97
C TYR A 131 10.53 13.35 0.34
N VAL A 132 9.39 13.99 0.11
CA VAL A 132 9.39 15.31 -0.49
C VAL A 132 8.45 16.20 0.32
N LEU A 133 8.98 17.32 0.80
CA LEU A 133 8.27 18.22 1.68
C LEU A 133 7.91 19.46 0.88
N CYS A 134 6.63 19.75 0.80
CA CYS A 134 6.16 20.92 0.05
C CYS A 134 5.26 21.76 0.94
N ALA A 135 5.06 23.00 0.53
CA ALA A 135 4.13 23.92 1.17
C ALA A 135 2.79 23.84 0.46
N VAL A 136 1.71 23.90 1.23
CA VAL A 136 0.37 23.94 0.66
C VAL A 136 -0.21 25.33 0.85
N SER A 137 -0.63 25.95 -0.26
CA SER A 137 -1.07 27.31 -0.16
C SER A 137 -2.12 27.60 -1.20
N THR A 138 -3.25 28.14 -0.75
CA THR A 138 -4.31 28.59 -1.63
C THR A 138 -4.27 30.09 -1.86
N VAL A 139 -3.20 30.74 -1.42
CA VAL A 139 -3.07 32.18 -1.40
C VAL A 139 -1.87 32.66 -2.20
N GLY A 140 -1.21 31.75 -2.93
CA GLY A 140 -0.08 32.06 -3.79
C GLY A 140 1.21 31.48 -3.26
N ASP A 141 2.30 31.97 -3.81
CA ASP A 141 3.63 31.68 -3.28
C ASP A 141 3.76 32.22 -1.86
N PRO A 142 3.89 31.38 -0.84
CA PRO A 142 3.98 31.90 0.54
C PRO A 142 5.04 32.98 0.74
N ILE A 143 6.18 32.91 0.05
CA ILE A 143 7.16 33.99 0.13
C ILE A 143 6.52 35.33 -0.23
N LEU A 144 5.55 35.33 -1.14
CA LEU A 144 4.95 36.58 -1.57
C LEU A 144 3.65 36.94 -0.86
N ASN A 145 2.89 35.97 -0.36
CA ASN A 145 1.71 36.32 0.43
C ASN A 145 1.76 35.74 1.84
N SER A 146 2.89 35.94 2.54
CA SER A 146 3.16 35.26 3.81
C SER A 146 2.17 35.64 4.91
N THR A 147 1.83 36.92 5.04
CA THR A 147 0.90 37.31 6.09
C THR A 147 -0.45 36.61 5.96
N TYR A 148 -0.74 36.03 4.80
CA TYR A 148 -2.00 35.32 4.54
C TYR A 148 -1.85 33.80 4.40
N TRP A 149 -0.63 33.27 4.36
CA TRP A 149 -0.43 31.83 4.17
C TRP A 149 -0.64 31.09 5.49
N SER A 150 -1.64 30.20 5.49
CA SER A 150 -1.75 29.11 6.45
C SER A 150 -0.46 28.33 6.53
N GLY A 151 -0.08 27.92 7.73
CA GLY A 151 1.22 27.30 7.86
C GLY A 151 1.49 25.94 7.21
N SER A 152 0.57 25.48 6.36
CA SER A 152 0.39 24.04 6.11
C SER A 152 1.48 23.41 5.22
N LEU A 153 1.79 22.14 5.53
CA LEU A 153 2.85 21.41 4.87
C LEU A 153 2.38 20.02 4.49
N MET A 154 2.83 19.56 3.34
CA MET A 154 2.51 18.26 2.79
C MET A 154 3.81 17.49 2.55
N MET A 155 3.80 16.22 2.90
CA MET A 155 4.98 15.39 2.82
C MET A 155 4.63 14.10 2.11
N THR A 156 5.26 13.87 0.97
CA THR A 156 5.02 12.71 0.14
C THR A 156 6.23 11.80 0.23
N ARG A 157 6.00 10.51 0.45
CA ARG A 157 7.01 9.48 0.37
C ARG A 157 6.78 8.68 -0.90
N LEU A 158 7.84 8.54 -1.71
CA LEU A 158 7.79 7.79 -2.94
C LEU A 158 8.76 6.62 -2.86
N ALA A 159 8.31 5.45 -3.25
CA ALA A 159 9.26 4.36 -3.44
C ALA A 159 10.14 4.70 -4.64
N VAL A 160 11.45 4.52 -4.49
CA VAL A 160 12.36 4.75 -5.62
C VAL A 160 12.22 3.64 -6.63
N LYS A 161 11.91 2.43 -6.17
CA LYS A 161 11.77 1.24 -7.01
C LYS A 161 10.46 0.57 -6.63
N PRO A 162 9.34 1.05 -7.20
CA PRO A 162 8.03 0.55 -6.79
C PRO A 162 7.83 -0.91 -7.13
N LYS A 163 6.79 -1.48 -6.51
CA LYS A 163 6.44 -2.88 -6.69
C LYS A 163 5.04 -2.99 -7.27
N SER A 164 4.68 -4.22 -7.66
CA SER A 164 3.51 -4.46 -8.51
C SER A 164 2.22 -3.96 -7.87
N ASN A 165 1.87 -4.46 -6.70
CA ASN A 165 0.63 -4.00 -6.11
C ASN A 165 0.96 -3.17 -4.89
N GLY A 166 2.05 -2.40 -5.02
CA GLY A 166 2.77 -1.81 -3.91
C GLY A 166 1.96 -0.87 -3.04
N GLY A 167 0.83 -0.40 -3.54
CA GLY A 167 -0.07 0.39 -2.70
C GLY A 167 0.66 1.48 -1.98
N GLY A 168 0.53 1.49 -0.65
CA GLY A 168 1.16 2.54 0.14
C GLY A 168 2.67 2.61 0.06
N TYR A 169 3.32 1.51 -0.24
CA TYR A 169 4.78 1.51 -0.40
C TYR A 169 5.19 2.35 -1.60
N ASN A 170 4.43 2.25 -2.68
CA ASN A 170 4.78 2.94 -3.92
C ASN A 170 4.63 4.43 -3.73
N GLN A 171 3.48 4.86 -3.22
CA GLN A 171 3.25 6.28 -3.01
C GLN A 171 2.39 6.42 -1.76
N HIS A 172 2.82 7.27 -0.83
CA HIS A 172 2.08 7.49 0.40
C HIS A 172 2.15 8.95 0.82
N GLN A 173 1.02 9.49 1.28
CA GLN A 173 0.93 10.90 1.70
C GLN A 173 0.96 10.93 3.22
N LEU A 174 2.11 11.29 3.81
CA LEU A 174 2.26 11.20 5.26
C LEU A 174 1.53 12.34 5.94
N ALA A 175 1.15 12.11 7.20
CA ALA A 175 0.36 13.05 8.00
C ALA A 175 1.25 14.08 8.71
N LEU A 176 1.19 15.33 8.25
CA LEU A 176 1.91 16.45 8.86
C LEU A 176 1.05 17.14 9.94
N ARG A 177 0.95 16.42 11.06
CA ARG A 177 0.12 16.90 12.16
C ARG A 177 0.75 18.15 12.77
N SER A 178 1.79 17.98 13.58
CA SER A 178 2.32 19.06 14.38
C SER A 178 3.61 19.60 13.78
N ILE A 179 3.82 20.89 13.99
CA ILE A 179 5.00 21.62 13.52
C ILE A 179 5.54 22.43 14.69
N GLU A 180 6.72 22.07 15.16
CA GLU A 180 7.36 22.84 16.22
C GLU A 180 8.24 23.90 15.57
N LYS A 181 7.94 25.20 15.82
CA LYS A 181 8.58 26.29 15.09
C LYS A 181 9.19 27.40 15.93
N GLY A 182 9.34 27.23 17.24
CA GLY A 182 9.96 28.28 18.04
C GLY A 182 9.30 29.63 17.84
N ARG A 183 10.11 30.67 17.81
CA ARG A 183 9.52 32.01 17.70
C ARG A 183 9.03 32.30 16.25
N TYR A 184 8.93 31.30 15.38
CA TYR A 184 8.64 31.58 13.99
C TYR A 184 7.15 31.44 13.71
N ASP A 185 6.62 32.42 13.01
CA ASP A 185 5.20 32.38 12.69
C ASP A 185 4.88 31.12 11.90
N LYS A 186 5.66 30.85 10.86
CA LYS A 186 5.43 29.73 9.95
C LYS A 186 6.76 29.29 9.35
N VAL A 187 6.91 27.98 9.15
CA VAL A 187 8.12 27.43 8.55
C VAL A 187 7.72 26.73 7.26
N MET A 188 8.71 26.51 6.40
CA MET A 188 8.46 26.06 5.04
C MET A 188 9.75 25.47 4.51
N PRO A 189 9.68 24.43 3.67
CA PRO A 189 10.89 24.01 2.95
C PRO A 189 11.35 25.09 1.99
N TYR A 190 12.66 25.15 1.75
CA TYR A 190 13.18 26.18 0.85
C TYR A 190 14.51 25.72 0.29
N GLY A 191 14.47 24.76 -0.61
CA GLY A 191 15.65 24.30 -1.29
C GLY A 191 15.42 22.94 -1.91
N PRO A 192 16.27 22.57 -2.84
CA PRO A 192 16.03 21.32 -3.59
C PRO A 192 16.18 20.07 -2.74
N SER A 193 17.32 19.90 -2.07
CA SER A 193 17.69 18.63 -1.45
C SER A 193 18.21 18.81 -0.04
N GLY A 194 17.95 17.81 0.80
CA GLY A 194 18.51 17.70 2.13
C GLY A 194 19.24 16.40 2.41
N ILE A 195 19.44 16.06 3.69
CA ILE A 195 20.24 14.92 4.10
C ILE A 195 19.43 14.05 5.04
N LYS A 196 20.02 12.93 5.37
CA LYS A 196 19.50 12.05 6.40
C LYS A 196 20.62 11.79 7.39
N GLN A 197 20.25 11.64 8.64
CA GLN A 197 21.15 11.11 9.65
C GLN A 197 20.37 10.08 10.43
N GLY A 198 20.81 8.83 10.36
CA GLY A 198 19.96 7.75 10.77
C GLY A 198 18.60 7.89 10.14
N ASP A 199 17.58 8.00 10.98
CA ASP A 199 16.21 7.96 10.52
C ASP A 199 15.60 9.34 10.56
N THR A 200 16.44 10.36 10.64
CA THR A 200 15.99 11.74 10.70
C THR A 200 16.34 12.46 9.40
N LEU A 201 15.31 12.99 8.74
CA LEU A 201 15.48 13.74 7.51
C LEU A 201 15.66 15.20 7.92
N TYR A 202 16.66 15.87 7.35
CA TYR A 202 16.79 17.34 7.51
C TYR A 202 16.57 17.96 6.13
N PHE A 203 15.38 18.61 5.96
CA PHE A 203 15.15 19.32 4.70
C PHE A 203 15.62 20.77 4.86
N PRO A 204 16.03 21.46 3.79
CA PRO A 204 16.41 22.88 3.94
C PRO A 204 15.20 23.80 3.92
N ALA A 205 15.16 24.69 4.89
CA ALA A 205 13.92 25.38 5.23
C ALA A 205 14.17 26.86 5.42
N VAL A 206 13.06 27.53 5.69
CA VAL A 206 13.06 28.96 5.96
C VAL A 206 12.05 29.25 7.06
N GLY A 207 12.43 30.14 7.98
CA GLY A 207 11.56 30.55 9.07
C GLY A 207 11.07 31.96 8.83
N PHE A 208 9.74 32.13 8.89
CA PHE A 208 9.11 33.43 8.79
C PHE A 208 9.02 33.99 10.20
N LEU A 209 9.64 35.14 10.42
CA LEU A 209 9.72 35.78 11.71
C LEU A 209 9.12 37.17 11.60
N VAL A 210 8.25 37.51 12.54
CA VAL A 210 7.71 38.87 12.56
C VAL A 210 8.84 39.86 12.75
N ARG A 211 8.93 40.84 11.84
CA ARG A 211 10.08 41.74 11.79
C ARG A 211 10.38 42.40 13.12
N THR A 212 9.34 42.71 13.90
CA THR A 212 9.49 43.45 15.14
C THR A 212 10.08 42.61 16.27
N GLU A 213 10.21 41.30 16.12
CA GLU A 213 10.84 40.46 17.13
C GLU A 213 12.27 40.11 16.75
N PHE A 214 12.73 40.58 15.60
CA PHE A 214 14.00 40.17 15.04
C PHE A 214 15.13 40.90 15.74
N LYS A 215 15.95 40.17 16.49
CA LYS A 215 17.02 40.79 17.27
C LYS A 215 18.27 40.93 16.41
N TYR A 216 18.67 42.17 16.14
CA TYR A 216 19.80 42.43 15.24
C TYR A 216 20.64 43.61 15.71
N ASN A 217 21.95 43.42 15.69
CA ASN A 217 22.92 44.46 15.98
C ASN A 217 23.35 45.14 14.69
N ASP A 218 22.81 46.34 14.43
CA ASP A 218 23.16 47.06 13.23
C ASP A 218 24.64 47.40 13.16
N SER A 219 25.33 47.44 14.30
CA SER A 219 26.76 47.72 14.24
C SER A 219 27.53 46.59 13.60
N ASN A 220 26.90 45.43 13.45
CA ASN A 220 27.52 44.30 12.78
C ASN A 220 27.21 44.25 11.29
N CYS A 221 26.40 45.14 10.77
CA CYS A 221 26.29 45.24 9.31
C CYS A 221 27.59 45.81 8.78
N PRO A 222 28.27 45.10 7.90
CA PRO A 222 29.64 45.47 7.52
C PRO A 222 29.74 46.50 6.39
N ILE A 223 29.88 47.77 6.73
CA ILE A 223 29.79 48.78 5.69
C ILE A 223 31.07 49.62 5.58
N THR A 224 32.22 49.10 6.02
CA THR A 224 33.38 49.97 6.22
C THR A 224 33.82 50.64 4.91
N LYS A 225 34.11 49.85 3.88
CA LYS A 225 34.50 50.41 2.59
C LYS A 225 33.29 50.76 1.71
N CYS A 226 32.12 50.92 2.31
CA CYS A 226 30.88 51.09 1.55
C CYS A 226 30.31 52.50 1.76
N GLN A 227 30.69 53.44 0.90
CA GLN A 227 30.41 54.82 1.27
C GLN A 227 28.94 55.21 1.08
N TYR A 228 28.18 54.50 0.25
CA TYR A 228 26.77 54.87 0.10
C TYR A 228 25.83 53.94 0.87
N SER A 229 26.36 52.99 1.65
CA SER A 229 25.57 52.14 2.51
C SER A 229 25.17 52.87 3.77
N LYS A 230 24.41 52.18 4.60
CA LYS A 230 24.12 52.65 5.94
C LYS A 230 24.05 51.44 6.87
N PRO A 231 24.32 51.63 8.16
CA PRO A 231 24.43 50.49 9.06
C PRO A 231 23.22 49.60 9.08
N GLU A 232 22.07 50.01 8.57
CA GLU A 232 20.88 49.22 8.84
C GLU A 232 20.30 48.57 7.61
N ASN A 233 21.08 48.46 6.53
CA ASN A 233 20.57 47.75 5.37
C ASN A 233 20.42 46.24 5.65
N CYS A 234 21.40 45.62 6.33
CA CYS A 234 21.30 44.19 6.62
C CYS A 234 19.96 43.80 7.23
N ARG A 235 19.68 44.33 8.43
CA ARG A 235 18.39 44.13 9.07
C ARG A 235 17.23 44.42 8.15
N LEU A 236 17.33 45.50 7.35
CA LEU A 236 16.23 45.83 6.43
C LEU A 236 16.07 44.76 5.34
N SER A 237 17.16 44.28 4.72
CA SER A 237 17.03 43.31 3.63
C SER A 237 17.16 41.87 4.12
N MET A 238 16.67 41.63 5.32
CA MET A 238 16.34 40.31 5.86
C MET A 238 14.90 39.95 5.55
N GLY A 239 14.20 40.85 4.87
CA GLY A 239 12.88 40.58 4.36
C GLY A 239 12.83 41.08 2.93
N ILE A 240 11.74 40.72 2.23
CA ILE A 240 11.64 40.99 0.81
C ILE A 240 11.33 42.45 0.50
N ARG A 241 10.96 43.24 1.50
CA ARG A 241 10.87 44.69 1.46
C ARG A 241 11.44 45.21 2.78
N PRO A 242 11.93 46.45 2.81
CA PRO A 242 12.47 46.97 4.06
C PRO A 242 11.43 47.18 5.14
N ASN A 243 10.15 47.25 4.80
CA ASN A 243 9.08 47.28 5.80
C ASN A 243 8.26 46.00 5.82
N SER A 244 8.81 44.92 5.26
CA SER A 244 8.10 43.66 5.17
C SER A 244 7.72 43.15 6.55
N HIS A 245 6.52 42.58 6.64
CA HIS A 245 6.01 42.10 7.92
C HIS A 245 6.91 41.03 8.54
N TYR A 246 7.52 40.18 7.72
CA TYR A 246 8.39 39.11 8.19
C TYR A 246 9.82 39.35 7.72
N ILE A 247 10.74 38.76 8.46
CA ILE A 247 12.07 38.50 7.93
C ILE A 247 12.17 37.00 7.71
N LEU A 248 13.03 36.59 6.78
CA LEU A 248 13.18 35.17 6.51
C LEU A 248 14.56 34.74 6.98
N ARG A 249 14.58 33.77 7.88
CA ARG A 249 15.80 33.15 8.36
C ARG A 249 15.87 31.72 7.81
N SER A 250 16.97 31.42 7.12
CA SER A 250 17.12 30.09 6.53
C SER A 250 17.35 29.04 7.62
N GLY A 251 17.19 27.76 7.27
CA GLY A 251 17.53 26.76 8.25
C GLY A 251 17.17 25.36 7.82
N LEU A 252 16.95 24.51 8.82
CA LEU A 252 16.60 23.11 8.62
C LEU A 252 15.18 22.85 9.09
N LEU A 253 14.47 21.98 8.37
CA LEU A 253 13.26 21.33 8.88
C LEU A 253 13.63 19.88 9.17
N LYS A 254 13.39 19.45 10.41
CA LYS A 254 13.81 18.14 10.92
C LYS A 254 12.60 17.23 10.97
N TYR A 255 12.69 16.06 10.32
CA TYR A 255 11.68 15.01 10.37
C TYR A 255 12.28 13.72 10.94
N ASN A 256 11.84 13.31 12.15
CA ASN A 256 12.34 12.09 12.80
C ASN A 256 11.42 10.93 12.50
N LEU A 257 11.84 10.03 11.62
CA LEU A 257 10.96 8.96 11.16
C LEU A 257 10.56 8.01 12.28
N SER A 258 11.33 7.92 13.37
CA SER A 258 10.93 7.11 14.51
C SER A 258 10.32 7.94 15.64
N ASP A 259 9.66 9.04 15.31
CA ASP A 259 8.96 9.86 16.30
C ASP A 259 7.47 9.55 16.25
N GLY A 260 7.13 8.28 16.39
CA GLY A 260 5.74 7.87 16.55
C GLY A 260 5.00 7.56 15.25
N GLU A 261 3.67 7.68 15.35
CA GLU A 261 2.76 7.50 14.21
C GLU A 261 3.00 8.58 13.15
N ASN A 262 2.78 9.83 13.55
CA ASN A 262 2.97 11.02 12.72
C ASN A 262 4.02 11.86 13.41
N PRO A 263 5.30 11.73 13.04
CA PRO A 263 6.31 12.59 13.65
C PRO A 263 6.08 14.06 13.28
N LYS A 264 6.56 14.93 14.16
CA LYS A 264 6.45 16.33 13.87
C LYS A 264 7.64 16.75 13.02
N VAL A 265 7.52 17.93 12.43
CA VAL A 265 8.66 18.65 11.84
C VAL A 265 9.08 19.72 12.82
N VAL A 266 10.39 19.90 12.96
CA VAL A 266 10.94 20.86 13.93
C VAL A 266 11.89 21.80 13.21
N PHE A 267 11.68 23.10 13.40
CA PHE A 267 12.56 24.06 12.74
C PHE A 267 13.86 24.22 13.48
N ILE A 268 14.93 24.32 12.72
CA ILE A 268 16.26 24.62 13.18
C ILE A 268 16.71 25.85 12.43
N GLU A 269 17.05 26.90 13.15
CA GLU A 269 17.47 28.09 12.43
C GLU A 269 18.97 28.05 12.20
N ILE A 270 19.40 28.74 11.19
CA ILE A 270 20.82 28.79 10.88
C ILE A 270 21.45 29.81 11.82
N SER A 271 22.74 29.68 12.13
CA SER A 271 23.30 30.63 13.08
C SER A 271 23.26 32.05 12.50
N ASP A 272 23.70 33.02 13.30
CA ASP A 272 23.71 34.40 12.85
C ASP A 272 24.98 34.76 12.09
N GLN A 273 25.92 33.83 11.97
CA GLN A 273 27.16 34.14 11.30
C GLN A 273 26.92 34.34 9.80
N ARG A 274 27.52 35.39 9.26
CA ARG A 274 27.32 35.80 7.86
C ARG A 274 25.85 35.62 7.46
N LEU A 275 25.00 36.37 8.15
CA LEU A 275 23.57 36.26 8.01
C LEU A 275 23.08 37.05 6.82
N SER A 276 22.17 36.45 6.07
CA SER A 276 21.60 37.00 4.83
C SER A 276 20.17 36.54 4.78
N ILE A 277 19.35 37.18 3.92
CA ILE A 277 17.94 36.81 3.86
C ILE A 277 17.79 35.30 3.65
N GLY A 278 16.77 34.74 4.30
CA GLY A 278 16.31 33.41 3.97
C GLY A 278 16.23 33.31 2.48
N SER A 279 16.97 32.37 1.91
CA SER A 279 16.92 32.07 0.49
C SER A 279 16.84 30.57 0.32
N PRO A 280 16.61 30.11 -0.92
CA PRO A 280 16.57 28.67 -1.16
C PRO A 280 17.94 28.06 -0.99
N SER A 281 18.02 27.01 -0.18
CA SER A 281 19.28 26.50 0.33
C SER A 281 19.33 25.00 0.18
N LYS A 282 20.42 24.41 0.65
CA LYS A 282 20.65 22.99 0.37
C LYS A 282 21.70 22.47 1.35
N ILE A 283 21.39 21.33 1.96
CA ILE A 283 22.32 20.58 2.80
C ILE A 283 22.56 19.24 2.11
N TYR A 284 23.83 18.86 2.00
CA TYR A 284 24.20 17.67 1.27
C TYR A 284 25.43 17.06 1.95
N ASP A 285 25.54 15.74 1.87
CA ASP A 285 26.71 15.06 2.40
C ASP A 285 27.82 15.00 1.36
N SER A 286 29.03 15.12 1.82
CA SER A 286 30.17 15.01 0.93
C SER A 286 31.32 14.48 1.77
N LEU A 287 31.88 13.34 1.36
CA LEU A 287 33.04 12.78 2.03
C LEU A 287 32.80 12.51 3.52
N GLY A 288 31.56 12.16 3.86
CA GLY A 288 31.20 11.72 5.18
C GLY A 288 30.64 12.80 6.07
N GLN A 289 30.68 14.05 5.65
CA GLN A 289 30.30 15.13 6.52
C GLN A 289 29.36 16.07 5.77
N PRO A 290 28.47 16.78 6.47
CA PRO A 290 27.47 17.59 5.76
C PRO A 290 28.01 18.93 5.31
N VAL A 291 27.47 19.42 4.17
CA VAL A 291 27.84 20.70 3.59
C VAL A 291 26.58 21.49 3.30
N PHE A 292 26.66 22.82 3.44
CA PHE A 292 25.49 23.70 3.32
C PHE A 292 25.67 24.72 2.22
N TYR A 293 24.60 25.03 1.49
CA TYR A 293 24.66 26.08 0.48
C TYR A 293 23.44 26.97 0.60
N GLN A 294 23.66 28.28 0.52
CA GLN A 294 22.60 29.26 0.63
C GLN A 294 22.70 30.22 -0.53
N ALA A 295 21.60 30.32 -1.28
CA ALA A 295 21.54 31.31 -2.34
C ALA A 295 21.78 32.69 -1.78
N SER A 296 22.45 33.52 -2.58
CA SER A 296 22.72 34.89 -2.19
C SER A 296 21.66 35.75 -2.84
N PHE A 297 20.53 35.89 -2.15
CA PHE A 297 19.38 36.60 -2.65
C PHE A 297 19.37 38.06 -2.22
N SER A 298 20.48 38.56 -1.71
CA SER A 298 20.55 39.87 -1.07
C SER A 298 21.85 40.54 -1.54
N TRP A 299 22.31 41.55 -0.79
CA TRP A 299 23.52 42.29 -1.12
C TRP A 299 24.80 41.44 -1.00
N ASP A 300 24.80 40.42 -0.17
CA ASP A 300 25.97 39.55 -0.01
C ASP A 300 25.94 38.55 -1.16
N THR A 301 26.60 38.90 -2.26
CA THR A 301 26.49 38.17 -3.52
C THR A 301 27.61 37.16 -3.73
N MET A 302 28.59 37.09 -2.85
CA MET A 302 29.59 36.04 -2.92
C MET A 302 29.01 34.75 -2.37
N ILE A 303 29.36 33.62 -3.01
CA ILE A 303 28.69 32.35 -2.73
C ILE A 303 28.78 32.03 -1.25
N LYS A 304 27.68 31.55 -0.69
CA LYS A 304 27.62 31.18 0.73
C LYS A 304 27.52 29.66 0.81
N PHE A 305 28.62 29.02 1.17
CA PHE A 305 28.58 27.58 1.40
C PHE A 305 29.80 27.18 2.18
N GLY A 306 29.69 26.03 2.83
CA GLY A 306 30.76 25.51 3.66
C GLY A 306 30.24 24.36 4.46
N ASP A 307 31.18 23.65 5.06
CA ASP A 307 30.86 22.49 5.88
C ASP A 307 29.99 22.89 7.06
N VAL A 308 29.08 22.00 7.41
CA VAL A 308 28.30 22.18 8.62
C VAL A 308 29.20 21.86 9.79
N LEU A 309 29.34 22.82 10.71
CA LEU A 309 30.04 22.53 11.97
C LEU A 309 29.17 21.69 12.87
N THR A 310 27.90 22.06 13.03
CA THR A 310 26.90 21.25 13.72
C THR A 310 25.54 21.44 13.04
N VAL A 311 24.81 20.33 12.90
CA VAL A 311 23.48 20.36 12.27
C VAL A 311 22.47 21.05 13.19
N ASN A 312 22.66 20.96 14.49
CA ASN A 312 21.66 21.52 15.39
C ASN A 312 22.26 21.90 16.73
N PRO A 313 22.39 23.20 17.03
CA PRO A 313 21.99 24.38 16.24
C PRO A 313 22.66 24.45 14.86
N LEU A 314 22.11 25.11 13.84
CA LEU A 314 22.73 25.02 12.53
C LEU A 314 23.80 26.08 12.42
N VAL A 315 25.04 25.61 12.27
CA VAL A 315 26.26 26.40 12.25
C VAL A 315 27.07 25.94 11.05
N VAL A 316 27.41 26.89 10.17
CA VAL A 316 27.97 26.57 8.87
C VAL A 316 29.27 27.33 8.73
N ASN A 317 30.39 26.59 8.60
CA ASN A 317 31.71 27.22 8.46
C ASN A 317 31.85 27.81 7.07
N TRP A 318 31.22 28.98 6.88
CA TRP A 318 31.11 29.58 5.57
C TRP A 318 32.47 29.74 4.91
N ARG A 319 32.51 29.57 3.59
CA ARG A 319 33.78 29.76 2.90
C ARG A 319 34.07 31.22 2.79
N ASN A 320 35.36 31.56 2.84
CA ASN A 320 35.80 32.90 2.47
C ASN A 320 36.17 32.86 0.99
N ASN A 321 35.13 32.69 0.16
CA ASN A 321 35.27 32.48 -1.28
C ASN A 321 35.23 33.80 -2.03
N THR A 322 36.21 34.00 -2.91
CA THR A 322 36.42 35.30 -3.53
C THR A 322 36.28 35.27 -5.05
N VAL A 323 35.79 34.18 -5.64
CA VAL A 323 35.77 34.07 -7.10
C VAL A 323 34.41 33.70 -7.67
N ILE A 324 33.48 33.17 -6.88
CA ILE A 324 32.19 32.70 -7.40
C ILE A 324 31.08 33.60 -6.87
N SER A 325 30.17 33.99 -7.74
CA SER A 325 29.04 34.80 -7.32
C SER A 325 27.85 34.46 -8.20
N ARG A 326 26.85 35.32 -8.19
CA ARG A 326 25.65 35.11 -8.99
C ARG A 326 25.31 36.42 -9.67
N PRO A 327 24.72 36.36 -10.85
CA PRO A 327 24.16 37.59 -11.43
C PRO A 327 23.06 38.10 -10.52
N GLY A 328 22.89 39.41 -10.52
CA GLY A 328 21.80 40.03 -9.79
C GLY A 328 21.25 41.17 -10.61
N GLN A 329 20.38 41.96 -10.04
CA GLN A 329 19.85 43.10 -10.77
C GLN A 329 20.80 44.29 -10.60
N SER A 330 20.28 45.50 -10.79
CA SER A 330 21.13 46.69 -10.85
C SER A 330 21.50 47.20 -9.47
N GLN A 331 20.72 46.85 -8.43
CA GLN A 331 21.02 47.27 -7.06
C GLN A 331 22.07 46.39 -6.38
N CYS A 332 22.04 45.09 -6.60
CA CYS A 332 23.04 44.19 -6.07
C CYS A 332 23.52 43.32 -7.21
N PRO A 333 24.39 43.84 -8.06
CA PRO A 333 24.90 43.07 -9.18
C PRO A 333 25.88 42.00 -8.76
N ARG A 334 26.35 41.24 -9.75
CA ARG A 334 27.37 40.24 -9.50
C ARG A 334 28.56 40.89 -8.80
N PHE A 335 29.09 40.19 -7.81
CA PHE A 335 30.26 40.62 -7.04
C PHE A 335 29.98 41.78 -6.10
N ASN A 336 28.72 42.15 -5.90
CA ASN A 336 28.45 43.19 -4.92
C ASN A 336 28.79 42.69 -3.53
N THR A 337 29.39 43.56 -2.73
CA THR A 337 29.66 43.22 -1.34
C THR A 337 29.08 44.21 -0.37
N CYS A 338 28.56 45.26 -0.83
CA CYS A 338 28.21 46.30 0.13
C CYS A 338 26.77 46.17 0.56
N PRO A 339 26.47 46.26 1.84
CA PRO A 339 25.08 46.08 2.27
C PRO A 339 24.13 47.08 1.65
N GLU A 340 23.12 46.54 0.99
CA GLU A 340 22.16 47.27 0.17
C GLU A 340 20.77 46.74 0.50
N ILE A 341 19.74 47.52 0.19
CA ILE A 341 18.38 47.01 0.30
C ILE A 341 18.08 46.34 -1.04
N CYS A 342 18.06 45.00 -1.07
CA CYS A 342 17.73 44.31 -2.31
C CYS A 342 17.36 42.87 -2.04
N TRP A 343 16.35 42.38 -2.76
CA TRP A 343 15.99 40.96 -2.81
C TRP A 343 16.08 40.55 -4.27
N GLU A 344 17.24 40.08 -4.67
CA GLU A 344 17.49 39.73 -6.05
C GLU A 344 18.65 38.73 -6.08
N GLY A 345 18.63 37.85 -7.10
CA GLY A 345 19.66 36.83 -7.30
C GLY A 345 19.04 35.53 -7.79
N VAL A 346 19.93 34.60 -8.19
CA VAL A 346 19.48 33.24 -8.56
C VAL A 346 20.24 32.18 -7.75
N TYR A 347 19.57 31.03 -7.61
CA TYR A 347 20.15 29.86 -6.98
C TYR A 347 21.12 29.19 -7.96
N ASN A 348 22.42 29.27 -7.70
CA ASN A 348 23.44 28.53 -8.46
C ASN A 348 24.30 27.71 -7.49
N ASP A 349 23.83 26.52 -7.09
CA ASP A 349 24.48 25.80 -5.99
C ASP A 349 25.83 25.24 -6.42
N ALA A 350 26.63 24.82 -5.44
CA ALA A 350 27.86 24.13 -5.72
C ALA A 350 27.99 22.88 -4.83
N PHE A 351 28.76 21.91 -5.31
CA PHE A 351 28.89 20.64 -4.62
C PHE A 351 30.37 20.39 -4.34
N LEU A 352 30.72 20.29 -3.05
CA LEU A 352 32.08 19.99 -2.64
C LEU A 352 32.50 18.60 -3.11
N ILE A 353 33.59 18.53 -3.86
CA ILE A 353 34.11 17.25 -4.35
C ILE A 353 35.41 16.86 -3.69
N ASP A 354 36.12 17.80 -3.07
CA ASP A 354 37.39 17.46 -2.44
C ASP A 354 37.52 18.28 -1.15
N ARG A 355 37.60 17.61 0.00
CA ARG A 355 37.62 18.36 1.25
C ARG A 355 39.02 18.77 1.69
N ILE A 356 40.02 17.93 1.43
CA ILE A 356 41.38 18.31 1.81
C ILE A 356 41.78 19.61 1.14
N ASN A 357 41.52 19.75 -0.16
CA ASN A 357 41.85 20.97 -0.90
C ASN A 357 40.67 21.94 -1.07
N TRP A 358 39.47 21.56 -0.59
CA TRP A 358 38.23 22.35 -0.77
C TRP A 358 38.04 22.82 -2.21
N ILE A 359 37.82 21.83 -3.06
CA ILE A 359 37.48 22.02 -4.46
C ILE A 359 36.01 21.67 -4.65
N SER A 360 35.31 22.48 -5.45
CA SER A 360 33.89 22.31 -5.65
C SER A 360 33.52 22.59 -7.11
N ALA A 361 32.36 22.06 -7.51
CA ALA A 361 31.83 22.22 -8.85
C ALA A 361 30.40 22.74 -8.80
N GLY A 362 30.04 23.56 -9.77
CA GLY A 362 28.69 24.06 -9.93
C GLY A 362 28.61 24.78 -11.26
N VAL A 363 27.40 25.12 -11.65
CA VAL A 363 27.21 25.85 -12.90
C VAL A 363 26.84 27.26 -12.48
N PHE A 364 27.71 28.23 -12.81
CA PHE A 364 27.45 29.64 -12.53
C PHE A 364 27.28 30.38 -13.84
N LEU A 365 26.69 31.57 -13.78
CA LEU A 365 26.38 32.34 -14.98
C LEU A 365 27.38 33.48 -15.09
N ASP A 366 28.15 33.47 -16.18
CA ASP A 366 29.21 34.45 -16.40
C ASP A 366 28.69 35.69 -17.13
N SER A 367 28.04 36.56 -16.38
CA SER A 367 27.67 37.92 -16.80
C SER A 367 27.27 38.72 -15.57
N ASN A 368 27.51 40.04 -15.64
CA ASN A 368 27.47 40.89 -14.46
C ASN A 368 26.04 41.12 -13.94
N GLN A 369 25.18 41.77 -14.73
CA GLN A 369 23.80 42.04 -14.32
C GLN A 369 22.77 41.30 -15.18
N THR A 370 23.19 40.65 -16.27
CA THR A 370 22.35 39.74 -17.04
C THR A 370 22.66 38.29 -16.70
N ALA A 371 21.59 37.48 -16.60
CA ALA A 371 21.71 36.07 -16.27
C ALA A 371 21.90 35.31 -17.57
N GLU A 372 23.15 34.93 -17.86
CA GLU A 372 23.45 34.30 -19.12
C GLU A 372 24.81 33.63 -19.02
N ASN A 373 25.07 32.71 -19.98
CA ASN A 373 26.34 32.04 -20.17
C ASN A 373 26.63 31.06 -19.04
N PRO A 374 25.97 29.90 -19.03
CA PRO A 374 26.19 28.96 -17.91
C PRO A 374 27.49 28.20 -18.13
N VAL A 375 28.35 28.22 -17.12
CA VAL A 375 29.65 27.55 -17.19
C VAL A 375 29.78 26.57 -16.03
N PHE A 376 30.04 25.30 -16.35
CA PHE A 376 30.37 24.31 -15.33
C PHE A 376 31.78 24.62 -14.82
N THR A 377 31.94 24.74 -13.49
CA THR A 377 33.14 25.36 -12.93
C THR A 377 33.64 24.57 -11.74
N VAL A 378 34.94 24.31 -11.68
CA VAL A 378 35.59 23.59 -10.59
C VAL A 378 36.55 24.56 -9.89
N PHE A 379 36.35 24.82 -8.59
CA PHE A 379 37.04 25.97 -8.01
C PHE A 379 37.54 25.73 -6.58
N LYS A 380 38.47 26.60 -6.20
CA LYS A 380 38.97 26.75 -4.86
C LYS A 380 38.34 27.99 -4.27
N ASP A 381 38.78 28.36 -3.07
CA ASP A 381 38.20 29.51 -2.37
C ASP A 381 38.42 30.79 -3.14
N ASN A 382 39.54 30.88 -3.83
CA ASN A 382 39.93 32.14 -4.41
C ASN A 382 40.73 31.89 -5.69
N GLU A 383 40.27 30.91 -6.45
CA GLU A 383 40.91 30.42 -7.67
C GLU A 383 39.96 29.47 -8.38
N ILE A 384 39.45 29.82 -9.56
CA ILE A 384 38.80 28.82 -10.41
C ILE A 384 39.86 27.94 -11.01
N LEU A 385 39.70 26.62 -10.89
CA LEU A 385 40.73 25.73 -11.45
C LEU A 385 40.51 25.53 -12.94
N TYR A 386 39.41 24.89 -13.32
CA TYR A 386 39.09 24.72 -14.72
C TYR A 386 37.59 24.79 -14.93
N ARG A 387 37.20 25.33 -16.09
CA ARG A 387 35.81 25.64 -16.40
C ARG A 387 35.44 25.00 -17.74
N ALA A 388 34.17 25.15 -18.14
CA ALA A 388 33.69 24.61 -19.41
C ALA A 388 32.29 25.10 -19.77
N GLN A 389 32.18 25.99 -20.75
CA GLN A 389 30.87 26.56 -21.12
C GLN A 389 29.90 25.46 -21.53
N LEU A 390 28.68 25.55 -21.04
CA LEU A 390 27.69 24.60 -21.48
C LEU A 390 26.94 25.11 -22.69
N ALA A 391 27.21 26.34 -23.13
CA ALA A 391 26.42 26.96 -24.18
C ALA A 391 27.20 28.15 -24.75
N SER A 392 26.49 29.09 -25.40
CA SER A 392 27.08 30.31 -25.92
C SER A 392 26.90 31.44 -24.91
N GLU A 393 27.73 32.48 -25.03
CA GLU A 393 27.64 33.58 -24.06
C GLU A 393 26.31 34.29 -24.10
N ASP A 394 25.49 34.06 -25.14
CA ASP A 394 24.20 34.71 -25.27
C ASP A 394 23.11 34.03 -24.47
N THR A 395 23.24 32.72 -24.24
CA THR A 395 22.10 31.91 -23.85
C THR A 395 21.78 32.15 -22.39
N ASN A 396 20.53 32.47 -22.13
CA ASN A 396 20.12 32.84 -20.79
C ASN A 396 19.82 31.58 -19.97
N ALA A 397 20.48 31.49 -18.83
CA ALA A 397 20.30 30.47 -17.84
C ALA A 397 19.68 31.12 -16.61
N GLN A 398 18.98 30.35 -15.81
CA GLN A 398 18.55 30.93 -14.54
C GLN A 398 19.07 30.03 -13.40
N LYS A 399 18.43 28.91 -13.08
CA LYS A 399 18.78 28.16 -11.88
C LYS A 399 19.69 26.99 -12.22
N THR A 400 20.67 26.73 -11.36
CA THR A 400 21.51 25.55 -11.52
C THR A 400 21.62 24.75 -10.22
N ILE A 401 21.46 23.43 -10.34
CA ILE A 401 21.54 22.50 -9.22
C ILE A 401 22.54 21.41 -9.61
N THR A 402 23.55 21.21 -8.80
CA THR A 402 24.65 20.33 -9.17
C THR A 402 24.83 19.32 -8.06
N ASN A 403 24.87 18.04 -8.43
CA ASN A 403 25.12 16.97 -7.47
C ASN A 403 26.24 16.09 -8.00
N CYS A 404 27.09 15.59 -7.11
CA CYS A 404 28.27 14.85 -7.53
C CYS A 404 28.34 13.55 -6.76
N PHE A 405 29.03 12.58 -7.32
CA PHE A 405 28.89 11.20 -6.88
C PHE A 405 29.96 10.35 -7.56
N LEU A 406 29.97 9.08 -7.23
CA LEU A 406 30.97 8.16 -7.75
C LEU A 406 30.34 7.19 -8.75
N LEU A 407 31.05 6.94 -9.84
CA LEU A 407 30.78 5.83 -10.73
C LEU A 407 32.12 5.18 -11.05
N LYS A 408 32.21 3.87 -10.80
CA LYS A 408 33.46 3.14 -10.83
C LYS A 408 34.55 3.95 -10.15
N ASN A 409 34.19 4.63 -9.06
CA ASN A 409 35.10 5.39 -8.21
C ASN A 409 35.53 6.70 -8.84
N LYS A 410 34.84 7.17 -9.86
CA LYS A 410 35.23 8.40 -10.52
C LYS A 410 34.18 9.45 -10.21
N ILE A 411 34.64 10.61 -9.75
CA ILE A 411 33.76 11.71 -9.41
C ILE A 411 33.09 12.21 -10.67
N TRP A 412 31.76 12.25 -10.64
CA TRP A 412 30.95 12.81 -11.70
C TRP A 412 30.05 13.88 -11.07
N CYS A 413 29.50 14.74 -11.91
CA CYS A 413 28.49 15.70 -11.49
C CYS A 413 27.34 15.73 -12.47
N ILE A 414 26.14 15.81 -11.93
CA ILE A 414 24.93 16.06 -12.70
C ILE A 414 24.43 17.42 -12.30
N SER A 415 24.39 18.33 -13.27
CA SER A 415 23.83 19.64 -13.07
C SER A 415 22.55 19.72 -13.86
N LEU A 416 21.49 20.20 -13.21
CA LEU A 416 20.31 20.73 -13.88
C LEU A 416 20.54 22.22 -14.06
N VAL A 417 20.49 22.70 -15.30
CA VAL A 417 20.76 24.09 -15.66
C VAL A 417 19.58 24.61 -16.44
N GLU A 418 18.80 25.51 -15.85
CA GLU A 418 17.68 26.12 -16.55
C GLU A 418 18.16 26.95 -17.75
N ILE A 419 17.48 26.83 -18.90
CA ILE A 419 17.93 27.63 -20.07
C ILE A 419 16.86 28.40 -20.86
N VAL A 426 10.95 29.24 -24.54
CA VAL A 426 11.04 29.67 -23.15
C VAL A 426 12.08 28.90 -22.33
N ILE A 427 11.92 28.96 -21.01
CA ILE A 427 12.80 28.29 -20.07
C ILE A 427 12.40 26.83 -19.93
N ARG A 428 13.37 25.92 -20.10
CA ARG A 428 13.16 24.55 -19.64
C ARG A 428 14.49 24.01 -19.08
N PRO A 429 14.43 23.01 -18.19
CA PRO A 429 15.67 22.51 -17.59
C PRO A 429 16.34 21.49 -18.48
N LYS A 430 17.65 21.44 -18.37
CA LYS A 430 18.45 20.58 -19.22
C LYS A 430 19.57 20.04 -18.33
N LEU A 431 19.81 18.74 -18.40
CA LEU A 431 20.72 18.08 -17.47
C LEU A 431 22.04 17.77 -18.15
N PHE A 432 23.12 18.03 -17.44
CA PHE A 432 24.48 17.79 -17.90
C PHE A 432 25.18 16.82 -16.96
N ALA A 433 25.90 15.86 -17.53
CA ALA A 433 26.76 14.98 -16.73
C ALA A 433 28.20 15.29 -17.08
N VAL A 434 28.96 15.72 -16.09
CA VAL A 434 30.32 16.17 -16.27
C VAL A 434 31.18 15.34 -15.35
N LYS A 435 32.10 14.59 -15.93
CA LYS A 435 33.04 13.83 -15.13
C LYS A 435 34.19 14.73 -14.75
N ILE A 436 34.60 14.66 -13.48
CA ILE A 436 35.72 15.43 -12.96
C ILE A 436 36.96 14.71 -13.46
N PRO A 437 37.82 15.38 -14.21
CA PRO A 437 38.93 14.71 -14.88
C PRO A 437 40.10 14.48 -13.95
N GLU A 438 40.90 13.45 -14.28
CA GLU A 438 42.01 13.10 -13.40
C GLU A 438 43.30 13.78 -13.83
N GLN A 439 43.65 13.67 -15.12
CA GLN A 439 44.83 14.37 -15.63
C GLN A 439 44.45 15.83 -15.91
N CYS A 440 45.47 16.67 -16.08
CA CYS A 440 45.20 18.07 -16.39
C CYS A 440 45.36 18.41 -17.87
N THR A 441 45.20 17.43 -18.76
CA THR A 441 45.23 17.65 -20.23
C THR A 441 44.23 16.77 -20.98
N GLU B 1 29.23 70.49 -5.58
CA GLU B 1 28.12 71.39 -5.26
C GLU B 1 26.86 70.98 -6.00
N VAL B 2 25.93 70.44 -5.23
CA VAL B 2 24.76 69.77 -5.77
C VAL B 2 23.79 70.77 -6.33
N LYS B 3 23.18 70.42 -7.45
CA LYS B 3 22.02 71.14 -7.93
C LYS B 3 20.97 70.13 -8.36
N LEU B 4 19.71 70.49 -8.21
CA LEU B 4 18.60 69.69 -8.74
C LEU B 4 17.57 70.67 -9.28
N VAL B 5 17.16 70.47 -10.52
CA VAL B 5 16.35 71.42 -11.28
C VAL B 5 15.08 70.72 -11.76
N GLU B 6 13.98 70.96 -11.07
CA GLU B 6 12.68 70.52 -11.51
C GLU B 6 12.29 71.24 -12.80
N SER B 7 11.31 70.65 -13.50
CA SER B 7 10.82 71.15 -14.78
C SER B 7 9.58 70.40 -15.16
N GLY B 8 8.72 71.04 -15.95
CA GLY B 8 7.61 70.34 -16.55
C GLY B 8 6.30 70.36 -15.78
N GLY B 9 6.25 71.00 -14.64
CA GLY B 9 4.98 71.16 -13.97
C GLY B 9 4.12 72.17 -14.73
N GLY B 10 2.85 72.24 -14.38
CA GLY B 10 1.98 73.12 -15.11
C GLY B 10 0.53 72.93 -14.73
N LEU B 11 -0.34 73.40 -15.63
CA LEU B 11 -1.77 73.31 -15.43
C LEU B 11 -2.23 72.05 -16.12
N VAL B 12 -3.09 71.27 -15.46
CA VAL B 12 -3.62 70.03 -16.03
C VAL B 12 -5.08 69.88 -15.61
N LYS B 13 -5.88 69.25 -16.50
CA LYS B 13 -7.29 69.04 -16.20
C LYS B 13 -7.45 67.81 -15.32
N PRO B 14 -8.32 67.86 -14.31
CA PRO B 14 -8.53 66.68 -13.45
C PRO B 14 -8.85 65.45 -14.27
N GLY B 15 -8.03 64.41 -14.10
CA GLY B 15 -8.07 63.21 -14.89
C GLY B 15 -6.82 63.00 -15.70
N GLY B 16 -6.10 64.09 -16.02
CA GLY B 16 -4.98 64.03 -16.94
C GLY B 16 -3.67 63.68 -16.28
N SER B 17 -2.62 63.71 -17.08
CA SER B 17 -1.31 63.26 -16.67
C SER B 17 -0.27 64.36 -16.88
N LEU B 18 0.91 64.12 -16.29
CA LEU B 18 2.08 65.00 -16.38
C LEU B 18 3.32 64.16 -16.19
N LYS B 19 4.46 64.67 -16.64
CA LYS B 19 5.71 64.01 -16.28
C LYS B 19 6.73 65.07 -15.89
N LEU B 20 7.00 65.15 -14.59
CA LEU B 20 8.01 66.05 -14.05
C LEU B 20 9.37 65.40 -14.21
N SER B 21 10.36 66.22 -14.43
CA SER B 21 11.73 65.73 -14.49
C SER B 21 12.61 66.69 -13.71
N CYS B 22 13.63 66.09 -13.09
CA CYS B 22 14.60 66.78 -12.26
C CYS B 22 15.97 66.39 -12.80
N ALA B 23 16.75 67.39 -13.25
CA ALA B 23 18.09 67.13 -13.75
C ALA B 23 19.08 67.48 -12.66
N ALA B 24 20.01 66.57 -12.42
CA ALA B 24 20.92 66.65 -11.28
C ALA B 24 22.35 66.74 -11.77
N SER B 25 23.20 67.30 -10.91
CA SER B 25 24.60 67.60 -11.21
C SER B 25 25.31 67.82 -9.89
N GLY B 26 26.61 67.62 -9.89
CA GLY B 26 27.38 67.91 -8.71
C GLY B 26 27.50 66.78 -7.72
N PHE B 27 27.00 65.58 -8.06
CA PHE B 27 27.18 64.37 -7.26
C PHE B 27 26.95 63.17 -8.18
N SER B 28 27.44 62.00 -7.76
CA SER B 28 27.14 60.78 -8.50
C SER B 28 25.69 60.40 -8.36
N PHE B 29 24.86 60.94 -9.26
CA PHE B 29 23.43 60.68 -9.20
C PHE B 29 23.14 59.19 -9.07
N ARG B 30 23.89 58.35 -9.81
CA ARG B 30 23.62 56.92 -9.88
C ARG B 30 23.81 56.21 -8.54
N ASN B 31 24.58 56.77 -7.60
CA ASN B 31 24.83 56.06 -6.36
C ASN B 31 23.90 56.46 -5.21
N TYR B 32 22.90 57.32 -5.46
CA TYR B 32 22.01 57.84 -4.43
C TYR B 32 20.57 57.46 -4.74
N ALA B 33 19.81 57.19 -3.69
CA ALA B 33 18.37 57.16 -3.87
C ALA B 33 17.86 58.59 -4.05
N MET B 34 16.65 58.73 -4.55
CA MET B 34 16.08 60.04 -4.74
C MET B 34 14.59 60.00 -4.42
N SER B 35 14.04 61.14 -4.03
CA SER B 35 12.64 61.18 -3.64
C SER B 35 11.93 62.37 -4.27
N TRP B 36 10.61 62.31 -4.27
CA TRP B 36 9.79 63.45 -4.62
C TRP B 36 8.96 63.83 -3.41
N VAL B 37 9.02 65.11 -3.03
CA VAL B 37 8.27 65.67 -1.91
C VAL B 37 7.50 66.86 -2.44
N ARG B 38 6.21 66.94 -2.11
CA ARG B 38 5.35 68.02 -2.60
C ARG B 38 4.80 68.84 -1.46
N GLN B 39 4.53 70.12 -1.73
CA GLN B 39 3.96 70.97 -0.71
C GLN B 39 2.62 71.48 -1.21
N SER B 40 1.56 71.20 -0.43
CA SER B 40 0.21 71.63 -0.77
C SER B 40 0.08 73.14 -0.60
N PRO B 41 -0.96 73.75 -1.18
CA PRO B 41 -1.14 75.20 -1.00
C PRO B 41 -1.30 75.63 0.45
N GLU B 42 -1.68 74.72 1.34
CA GLU B 42 -1.77 75.01 2.77
C GLU B 42 -0.43 74.82 3.49
N LYS B 43 0.63 74.59 2.71
CA LYS B 43 2.04 74.51 3.10
C LYS B 43 2.41 73.23 3.86
N ARG B 44 1.53 72.21 3.86
CA ARG B 44 1.85 70.91 4.46
C ARG B 44 2.81 70.14 3.58
N LEU B 45 3.88 69.63 4.15
CA LEU B 45 4.84 68.90 3.34
C LEU B 45 4.40 67.45 3.24
N GLU B 46 4.66 66.82 2.10
CA GLU B 46 4.12 65.49 1.84
C GLU B 46 5.02 64.72 0.87
N TRP B 47 5.52 63.58 1.35
CA TRP B 47 6.44 62.75 0.57
C TRP B 47 5.65 61.88 -0.39
N VAL B 48 6.17 61.72 -1.62
CA VAL B 48 5.38 61.26 -2.74
C VAL B 48 5.97 60.01 -3.40
N ALA B 49 7.30 59.92 -3.45
CA ALA B 49 7.96 58.85 -4.19
C ALA B 49 9.41 58.78 -3.77
N GLU B 50 9.97 57.57 -3.82
CA GLU B 50 11.36 57.29 -3.53
C GLU B 50 11.77 56.12 -4.42
N VAL B 51 12.97 56.21 -5.00
CA VAL B 51 13.49 55.15 -5.89
C VAL B 51 14.91 54.78 -5.43
N SER B 52 15.31 53.53 -5.63
CA SER B 52 16.67 53.09 -5.27
C SER B 52 17.68 53.69 -6.24
N SER B 53 18.97 53.58 -5.91
CA SER B 53 20.04 54.13 -6.76
C SER B 53 19.93 53.49 -8.14
N GLY B 54 19.81 52.18 -8.15
CA GLY B 54 19.73 51.40 -9.38
C GLY B 54 18.43 51.54 -10.13
N GLY B 55 17.38 52.02 -9.50
CA GLY B 55 16.08 52.13 -10.13
C GLY B 55 15.14 50.97 -9.89
N GLY B 56 15.63 49.85 -9.35
CA GLY B 56 14.81 48.68 -9.18
C GLY B 56 13.78 48.78 -8.08
N TYR B 57 13.96 49.64 -7.08
CA TYR B 57 13.05 49.66 -5.94
C TYR B 57 12.36 51.00 -5.85
N THR B 58 11.04 50.97 -5.86
CA THR B 58 10.22 52.16 -5.77
C THR B 58 9.30 52.01 -4.57
N TYR B 59 9.00 53.13 -3.92
CA TYR B 59 8.17 53.15 -2.73
C TYR B 59 7.27 54.37 -2.83
N TYR B 60 5.99 54.18 -2.57
CA TYR B 60 5.00 55.24 -2.68
C TYR B 60 4.12 55.27 -1.43
N PRO B 61 3.47 56.40 -1.14
CA PRO B 61 2.47 56.41 -0.09
C PRO B 61 1.17 55.84 -0.62
N ASP B 62 0.27 55.50 0.32
CA ASP B 62 -1.06 55.07 -0.10
C ASP B 62 -1.71 56.11 -0.98
N THR B 63 -1.36 57.37 -0.79
CA THR B 63 -2.14 58.47 -1.34
C THR B 63 -1.91 58.65 -2.84
N VAL B 64 -0.75 58.24 -3.38
CA VAL B 64 -0.53 58.39 -4.81
C VAL B 64 -0.27 57.03 -5.48
N THR B 65 -0.73 55.94 -4.86
CA THR B 65 -0.27 54.64 -5.29
C THR B 65 -0.98 54.20 -6.57
N GLY B 66 -0.21 53.67 -7.51
CA GLY B 66 -0.75 53.22 -8.78
C GLY B 66 -1.00 54.29 -9.79
N ARG B 67 -0.93 55.57 -9.41
CA ARG B 67 -1.10 56.70 -10.31
C ARG B 67 0.19 57.47 -10.57
N PHE B 68 1.05 57.54 -9.57
CA PHE B 68 2.39 58.10 -9.70
C PHE B 68 3.38 56.97 -9.97
N THR B 69 4.49 57.32 -10.59
CA THR B 69 5.52 56.34 -10.90
C THR B 69 6.83 57.10 -10.99
N ILE B 70 7.73 56.82 -10.07
CA ILE B 70 9.07 57.41 -10.10
C ILE B 70 9.97 56.52 -10.94
N SER B 71 10.85 57.15 -11.72
CA SER B 71 11.79 56.47 -12.61
C SER B 71 13.07 57.30 -12.67
N ARG B 72 14.12 56.73 -13.27
CA ARG B 72 15.36 57.47 -13.27
C ARG B 72 16.26 57.02 -14.42
N ASP B 73 17.05 57.95 -14.90
CA ASP B 73 18.03 57.75 -15.97
C ASP B 73 19.41 58.04 -15.38
N ASN B 74 20.13 56.98 -15.00
CA ASN B 74 21.46 57.18 -14.45
C ASN B 74 22.49 57.42 -15.52
N ALA B 75 22.09 57.41 -16.79
CA ALA B 75 22.96 57.84 -17.87
C ALA B 75 22.91 59.37 -18.00
N LYS B 76 21.71 59.89 -18.20
CA LYS B 76 21.46 61.31 -18.40
C LYS B 76 21.25 62.06 -17.08
N ASN B 77 21.42 61.39 -15.92
CA ASN B 77 21.30 61.99 -14.58
C ASN B 77 19.99 62.77 -14.43
N ILE B 78 18.87 62.05 -14.61
CA ILE B 78 17.54 62.66 -14.51
C ILE B 78 16.65 61.77 -13.67
N LEU B 79 15.85 62.39 -12.83
CA LEU B 79 14.82 61.71 -12.04
C LEU B 79 13.47 62.13 -12.60
N TYR B 80 12.53 61.19 -12.63
CA TYR B 80 11.21 61.48 -13.18
C TYR B 80 10.17 61.16 -12.13
N LEU B 81 9.05 61.86 -12.23
CA LEU B 81 7.86 61.45 -11.51
C LEU B 81 6.72 61.55 -12.50
N GLU B 82 6.14 60.40 -12.80
CA GLU B 82 5.03 60.29 -13.73
C GLU B 82 3.75 60.31 -12.91
N MET B 83 2.86 61.22 -13.22
CA MET B 83 1.63 61.38 -12.45
C MET B 83 0.49 61.31 -13.43
N SER B 84 -0.49 60.46 -13.15
CA SER B 84 -1.61 60.30 -14.07
C SER B 84 -2.87 60.17 -13.26
N SER B 85 -3.99 60.44 -13.91
CA SER B 85 -5.28 60.53 -13.25
C SER B 85 -5.21 61.59 -12.14
N LEU B 86 -4.67 62.75 -12.49
CA LEU B 86 -4.39 63.77 -11.49
C LEU B 86 -5.66 64.25 -10.82
N ARG B 87 -5.74 64.12 -9.50
CA ARG B 87 -6.84 64.77 -8.80
C ARG B 87 -6.54 66.25 -8.60
N SER B 88 -7.59 67.02 -8.26
CA SER B 88 -7.37 68.41 -7.87
C SER B 88 -6.44 68.50 -6.67
N GLU B 89 -6.58 67.62 -5.67
CA GLU B 89 -5.79 67.68 -4.43
C GLU B 89 -4.38 67.17 -4.61
N ASP B 90 -3.94 66.93 -5.83
CA ASP B 90 -2.55 66.67 -6.12
C ASP B 90 -1.79 67.94 -6.42
N THR B 91 -2.50 69.07 -6.47
CA THR B 91 -1.92 70.36 -6.76
C THR B 91 -0.99 70.79 -5.63
N ALA B 92 0.25 71.12 -5.99
CA ALA B 92 1.32 71.31 -5.02
C ALA B 92 2.61 71.69 -5.76
N MET B 93 3.49 72.40 -5.07
CA MET B 93 4.88 72.48 -5.51
C MET B 93 5.51 71.10 -5.34
N TYR B 94 6.23 70.65 -6.36
CA TYR B 94 6.83 69.33 -6.39
C TYR B 94 8.35 69.50 -6.41
N TYR B 95 8.98 69.13 -5.31
CA TYR B 95 10.42 69.20 -5.17
C TYR B 95 11.04 67.83 -5.40
N CYS B 96 12.10 67.81 -6.19
CA CYS B 96 12.93 66.63 -6.29
C CYS B 96 13.97 66.68 -5.16
N THR B 97 14.25 65.55 -4.51
CA THR B 97 15.19 65.54 -3.39
C THR B 97 16.19 64.39 -3.51
N ARG B 98 17.34 64.53 -2.85
CA ARG B 98 18.34 63.48 -2.82
C ARG B 98 18.35 62.77 -1.48
N ASP B 99 18.45 61.46 -1.51
CA ASP B 99 18.62 60.71 -0.28
C ASP B 99 20.06 60.67 0.18
N PRO B 100 20.30 60.44 1.46
CA PRO B 100 21.68 60.33 1.95
C PRO B 100 22.40 59.09 1.49
N ASP B 101 21.70 58.03 1.11
CA ASP B 101 22.40 56.78 0.84
C ASP B 101 21.88 56.18 -0.45
N SER B 102 22.33 54.97 -0.82
CA SER B 102 21.94 54.40 -2.11
C SER B 102 20.57 53.75 -2.08
N SER B 103 20.12 53.23 -0.94
CA SER B 103 18.90 52.44 -0.95
C SER B 103 17.73 53.09 -0.21
N GLY B 104 17.94 54.25 0.40
CA GLY B 104 16.80 54.98 0.92
C GLY B 104 16.24 54.36 2.18
N TYR B 105 14.92 54.50 2.34
CA TYR B 105 14.10 54.01 3.45
C TYR B 105 14.26 54.88 4.69
N LEU B 106 15.49 55.23 5.07
CA LEU B 106 15.66 56.10 6.22
C LEU B 106 16.22 57.48 5.84
N ALA B 107 15.49 58.24 5.02
CA ALA B 107 16.08 59.35 4.28
C ALA B 107 15.58 60.70 4.79
N TRP B 108 16.52 61.57 5.13
CA TRP B 108 16.27 62.99 5.15
C TRP B 108 16.71 63.56 3.81
N PHE B 109 16.24 64.75 3.53
CA PHE B 109 16.52 65.38 2.26
C PHE B 109 17.47 66.55 2.53
N ALA B 110 18.76 66.27 2.39
CA ALA B 110 19.81 67.26 2.49
C ALA B 110 19.82 68.21 1.31
N TYR B 111 19.20 67.83 0.19
CA TYR B 111 19.22 68.62 -1.03
C TYR B 111 17.83 68.58 -1.64
N TRP B 112 17.32 69.76 -2.00
CA TRP B 112 16.06 69.90 -2.70
C TRP B 112 16.26 70.76 -3.93
N GLY B 113 15.35 70.64 -4.88
CA GLY B 113 15.37 71.48 -6.05
C GLY B 113 14.58 72.74 -5.85
N GLN B 114 14.59 73.59 -6.88
CA GLN B 114 13.84 74.83 -6.74
C GLN B 114 12.35 74.59 -6.73
N GLY B 115 11.89 73.39 -7.10
CA GLY B 115 10.47 73.15 -7.17
C GLY B 115 9.80 73.53 -8.49
N THR B 116 8.80 72.74 -8.86
CA THR B 116 8.03 72.95 -10.08
C THR B 116 6.56 72.80 -9.69
N LEU B 117 5.73 73.71 -10.15
CA LEU B 117 4.39 73.90 -9.59
C LEU B 117 3.34 73.24 -10.47
N VAL B 118 2.69 72.19 -9.94
CA VAL B 118 1.66 71.45 -10.63
C VAL B 118 0.32 71.99 -10.16
N THR B 119 -0.52 72.42 -11.12
CA THR B 119 -1.85 72.92 -10.82
C THR B 119 -2.83 72.00 -11.53
N VAL B 120 -3.69 71.33 -10.77
CA VAL B 120 -4.67 70.40 -11.33
C VAL B 120 -6.02 71.11 -11.24
N SER B 121 -6.48 71.66 -12.37
CA SER B 121 -7.66 72.50 -12.40
C SER B 121 -8.34 72.41 -13.75
N ALA B 122 -9.69 72.42 -13.73
CA ALA B 122 -10.43 72.50 -14.98
C ALA B 122 -10.20 73.84 -15.68
N ALA B 123 -9.95 74.91 -14.92
CA ALA B 123 -9.98 76.28 -15.41
C ALA B 123 -8.84 76.52 -16.40
N SER B 124 -8.93 77.66 -17.09
CA SER B 124 -8.15 77.91 -18.30
C SER B 124 -7.01 78.89 -18.06
N THR B 125 -5.86 78.62 -18.69
CA THR B 125 -4.76 79.58 -18.73
C THR B 125 -5.19 80.97 -19.22
N LYS B 126 -4.75 82.00 -18.50
CA LYS B 126 -5.07 83.40 -18.80
C LYS B 126 -3.91 84.28 -18.36
N GLY B 127 -3.34 85.03 -19.31
CA GLY B 127 -2.32 86.01 -18.99
C GLY B 127 -2.88 87.22 -18.27
N PRO B 128 -2.02 87.95 -17.58
CA PRO B 128 -2.49 89.01 -16.69
C PRO B 128 -2.50 90.37 -17.37
N SER B 129 -3.39 91.21 -16.88
CA SER B 129 -3.29 92.64 -17.11
C SER B 129 -2.18 93.22 -16.23
N VAL B 130 -1.51 94.25 -16.72
CA VAL B 130 -0.43 94.89 -15.97
C VAL B 130 -0.65 96.39 -15.99
N PHE B 131 -0.86 96.96 -14.81
CA PHE B 131 -1.16 98.38 -14.74
C PHE B 131 -0.14 99.09 -13.86
N PRO B 132 0.25 100.31 -14.19
CA PRO B 132 1.15 101.03 -13.28
C PRO B 132 0.38 101.50 -12.07
N LEU B 133 1.02 101.35 -10.90
CA LEU B 133 0.60 102.03 -9.68
C LEU B 133 1.45 103.29 -9.59
N ALA B 134 0.92 104.38 -10.16
CA ALA B 134 1.73 105.56 -10.41
C ALA B 134 2.09 106.27 -9.12
N PRO B 135 3.33 106.73 -8.99
CA PRO B 135 3.68 107.65 -7.90
C PRO B 135 2.90 108.94 -8.02
N SER B 136 2.13 109.23 -7.00
CA SER B 136 1.46 110.49 -6.77
C SER B 136 2.20 111.25 -5.67
N SER B 137 1.64 112.38 -5.25
CA SER B 137 2.14 113.00 -4.02
C SER B 137 1.38 112.53 -2.78
N LYS B 138 0.36 111.66 -2.95
CA LYS B 138 -0.18 110.83 -1.88
C LYS B 138 0.69 109.61 -1.61
N SER B 139 1.74 109.43 -2.41
CA SER B 139 2.82 108.48 -2.15
C SER B 139 4.21 109.16 -2.10
N THR B 140 4.26 110.49 -1.88
CA THR B 140 5.50 111.20 -1.51
C THR B 140 5.37 111.61 -0.04
N SER B 141 5.77 110.69 0.84
CA SER B 141 5.64 110.78 2.30
C SER B 141 7.04 110.77 2.91
N GLY B 142 7.44 111.90 3.50
CA GLY B 142 8.75 112.03 4.15
C GLY B 142 9.93 112.00 3.20
N GLY B 143 9.76 112.48 1.96
CA GLY B 143 10.79 112.43 0.94
C GLY B 143 10.90 111.12 0.17
N THR B 144 10.25 110.04 0.66
CA THR B 144 10.23 108.75 -0.01
C THR B 144 9.07 108.73 -0.99
N ALA B 145 9.31 108.22 -2.20
CA ALA B 145 8.24 107.99 -3.16
C ALA B 145 7.98 106.48 -3.32
N ALA B 146 6.69 106.12 -3.48
CA ALA B 146 6.23 104.74 -3.64
C ALA B 146 5.54 104.56 -5.00
N LEU B 147 5.99 103.56 -5.77
CA LEU B 147 5.49 103.30 -7.11
C LEU B 147 5.49 101.79 -7.38
N GLY B 148 4.54 101.33 -8.19
CA GLY B 148 4.47 99.91 -8.42
C GLY B 148 3.65 99.48 -9.62
N CYS B 149 3.47 98.17 -9.72
CA CYS B 149 2.70 97.54 -10.77
C CYS B 149 1.67 96.62 -10.14
N LEU B 150 0.52 96.54 -10.79
CA LEU B 150 -0.54 95.62 -10.40
C LEU B 150 -0.69 94.61 -11.54
N VAL B 151 -0.28 93.37 -11.27
CA VAL B 151 -0.47 92.25 -12.20
C VAL B 151 -1.79 91.58 -11.82
N LYS B 152 -2.80 91.71 -12.69
CA LYS B 152 -4.18 91.45 -12.29
C LYS B 152 -4.82 90.44 -13.24
N ASP B 153 -5.63 89.54 -12.65
CA ASP B 153 -6.48 88.58 -13.37
C ASP B 153 -5.67 87.68 -14.31
N TYR B 154 -4.97 86.73 -13.70
CA TYR B 154 -4.18 85.75 -14.42
C TYR B 154 -4.47 84.37 -13.86
N PHE B 155 -3.97 83.36 -14.58
CA PHE B 155 -4.13 81.97 -14.21
C PHE B 155 -3.24 81.15 -15.12
N PRO B 156 -2.58 80.11 -14.62
CA PRO B 156 -2.45 79.72 -13.23
C PRO B 156 -1.27 80.42 -12.59
N GLU B 157 -0.93 80.04 -11.38
CA GLU B 157 0.29 80.53 -10.77
C GLU B 157 1.48 79.97 -11.57
N PRO B 158 2.63 80.62 -11.57
CA PRO B 158 3.00 81.90 -10.89
C PRO B 158 3.46 82.99 -11.85
N VAL B 159 3.58 84.24 -11.40
CA VAL B 159 4.25 85.28 -12.19
C VAL B 159 5.53 85.70 -11.48
N THR B 160 6.50 86.16 -12.27
CA THR B 160 7.73 86.72 -11.75
C THR B 160 7.79 88.21 -12.14
N VAL B 161 8.13 89.05 -11.18
CA VAL B 161 8.20 90.49 -11.41
C VAL B 161 9.64 90.92 -11.19
N SER B 162 10.06 91.95 -11.93
CA SER B 162 11.40 92.48 -11.74
C SER B 162 11.35 93.94 -12.05
N TRP B 163 12.35 94.66 -11.56
CA TRP B 163 12.40 96.09 -11.82
C TRP B 163 13.70 96.46 -12.50
N ASN B 164 13.59 97.24 -13.58
CA ASN B 164 14.73 97.70 -14.37
C ASN B 164 15.61 96.53 -14.78
N SER B 165 14.95 95.46 -15.23
CA SER B 165 15.59 94.29 -15.81
C SER B 165 16.46 93.57 -14.78
N GLY B 166 15.97 93.53 -13.53
CA GLY B 166 16.71 93.01 -12.40
C GLY B 166 17.63 94.01 -11.74
N ALA B 167 17.87 95.17 -12.38
CA ALA B 167 18.77 96.15 -11.79
C ALA B 167 18.22 96.66 -10.47
N LEU B 168 16.98 97.14 -10.47
CA LEU B 168 16.38 97.68 -9.26
C LEU B 168 15.87 96.53 -8.41
N THR B 169 16.57 96.26 -7.31
CA THR B 169 16.16 95.26 -6.34
C THR B 169 15.88 95.84 -4.97
N SER B 170 16.72 96.80 -4.55
CA SER B 170 16.66 97.43 -3.23
C SER B 170 15.33 98.13 -3.00
N GLY B 171 14.60 97.70 -1.98
CA GLY B 171 13.34 98.33 -1.63
C GLY B 171 12.10 97.79 -2.31
N VAL B 172 12.27 96.86 -3.25
CA VAL B 172 11.13 96.27 -3.95
C VAL B 172 10.38 95.31 -3.04
N HIS B 173 9.05 95.33 -3.11
CA HIS B 173 8.18 94.39 -2.40
C HIS B 173 7.23 93.73 -3.39
N THR B 174 7.43 92.47 -3.75
CA THR B 174 6.46 91.75 -4.56
C THR B 174 5.53 90.99 -3.62
N PHE B 175 4.27 91.18 -3.75
CA PHE B 175 3.46 90.59 -2.72
C PHE B 175 2.98 89.20 -3.13
N PRO B 176 2.67 88.36 -2.15
CA PRO B 176 2.03 87.08 -2.48
C PRO B 176 0.73 87.34 -3.19
N ALA B 177 0.51 86.65 -4.30
CA ALA B 177 -0.74 86.82 -5.03
C ALA B 177 -1.93 86.50 -4.14
N VAL B 178 -3.04 87.14 -4.42
CA VAL B 178 -4.29 86.85 -3.74
C VAL B 178 -5.21 86.22 -4.77
N LEU B 179 -6.03 85.27 -4.33
CA LEU B 179 -6.97 84.60 -5.21
C LEU B 179 -8.29 85.33 -5.06
N GLN B 180 -8.64 86.11 -6.07
CA GLN B 180 -9.85 86.91 -6.05
C GLN B 180 -11.07 86.01 -6.18
N SER B 181 -12.19 86.45 -5.61
CA SER B 181 -13.43 85.69 -5.75
C SER B 181 -13.71 85.34 -7.20
N SER B 182 -13.16 86.10 -8.14
CA SER B 182 -13.35 85.83 -9.55
C SER B 182 -12.61 84.58 -10.02
N GLY B 183 -11.81 83.96 -9.16
CA GLY B 183 -11.06 82.76 -9.46
C GLY B 183 -9.69 82.99 -10.09
N LEU B 184 -9.31 84.25 -10.32
CA LEU B 184 -8.04 84.64 -10.91
C LEU B 184 -7.16 85.36 -9.89
N TYR B 185 -5.85 85.22 -10.09
CA TYR B 185 -4.87 85.78 -9.17
C TYR B 185 -4.48 87.17 -9.60
N SER B 186 -4.22 88.01 -8.61
CA SER B 186 -3.54 89.27 -8.83
C SER B 186 -2.47 89.41 -7.78
N LEU B 187 -1.45 90.20 -8.11
CA LEU B 187 -0.44 90.59 -7.14
C LEU B 187 0.08 91.96 -7.53
N SER B 188 0.81 92.55 -6.61
CA SER B 188 1.28 93.91 -6.76
C SER B 188 2.72 93.97 -6.28
N SER B 189 3.60 94.54 -7.08
CA SER B 189 5.02 94.66 -6.79
C SER B 189 5.39 96.14 -6.76
N VAL B 190 5.71 96.65 -5.57
CA VAL B 190 6.03 98.06 -5.33
C VAL B 190 7.49 98.21 -4.97
N VAL B 191 8.06 99.35 -5.34
CA VAL B 191 9.39 99.73 -4.94
C VAL B 191 9.30 101.16 -4.42
N THR B 192 9.93 101.41 -3.27
CA THR B 192 10.10 102.78 -2.80
C THR B 192 11.42 103.33 -3.33
N VAL B 193 11.43 104.64 -3.61
CA VAL B 193 12.62 105.33 -4.11
C VAL B 193 12.66 106.74 -3.54
N PRO B 194 13.80 107.43 -3.60
CA PRO B 194 13.81 108.86 -3.27
C PRO B 194 12.87 109.61 -4.21
N SER B 195 11.90 110.31 -3.62
CA SER B 195 11.10 111.24 -4.41
C SER B 195 11.98 112.07 -5.37
N SER B 196 13.18 112.42 -4.92
CA SER B 196 14.12 113.21 -5.71
C SER B 196 14.40 112.60 -7.08
N SER B 197 14.61 111.29 -7.13
CA SER B 197 15.01 110.68 -8.39
C SER B 197 13.85 110.45 -9.38
N LEU B 198 12.59 110.74 -8.97
CA LEU B 198 11.44 110.48 -9.83
C LEU B 198 11.59 111.18 -11.17
N GLY B 199 12.08 112.42 -11.16
CA GLY B 199 12.22 113.17 -12.41
C GLY B 199 13.30 112.61 -13.31
N THR B 200 14.34 112.02 -12.72
CA THR B 200 15.59 111.77 -13.42
C THR B 200 15.88 110.29 -13.67
N GLN B 201 15.02 109.40 -13.20
CA GLN B 201 15.25 107.96 -13.25
C GLN B 201 13.99 107.23 -13.66
N THR B 202 14.06 106.44 -14.72
CA THR B 202 12.88 105.79 -15.26
C THR B 202 12.69 104.40 -14.65
N TYR B 203 11.42 104.02 -14.42
CA TYR B 203 11.09 102.80 -13.70
C TYR B 203 10.21 101.89 -14.55
N ILE B 204 10.78 100.75 -14.93
CA ILE B 204 10.16 99.71 -15.73
C ILE B 204 9.99 98.45 -14.88
N CYS B 205 8.78 97.91 -14.86
CA CYS B 205 8.56 96.63 -14.19
C CYS B 205 8.39 95.54 -15.26
N ASN B 206 9.08 94.42 -15.08
CA ASN B 206 9.15 93.32 -16.04
C ASN B 206 8.35 92.15 -15.49
N VAL B 207 7.16 91.93 -16.01
CA VAL B 207 6.30 90.86 -15.51
C VAL B 207 6.41 89.70 -16.47
N ASN B 208 6.51 88.48 -15.93
CA ASN B 208 6.64 87.28 -16.73
C ASN B 208 5.69 86.22 -16.21
N HIS B 209 4.65 85.92 -16.97
CA HIS B 209 3.71 84.85 -16.67
C HIS B 209 3.99 83.74 -17.68
N LYS B 210 4.88 82.83 -17.30
CA LYS B 210 5.30 81.79 -18.24
C LYS B 210 4.17 80.85 -18.67
N PRO B 211 3.22 80.47 -17.82
CA PRO B 211 2.12 79.63 -18.31
C PRO B 211 1.45 80.12 -19.57
N SER B 212 0.89 81.34 -19.56
CA SER B 212 0.25 81.91 -20.74
C SER B 212 1.23 82.57 -21.69
N ASN B 213 2.52 82.31 -21.53
CA ASN B 213 3.57 82.85 -22.40
C ASN B 213 3.55 84.38 -22.47
N THR B 214 3.00 85.07 -21.46
CA THR B 214 2.97 86.53 -21.47
C THR B 214 4.30 87.10 -20.97
N LYS B 215 4.80 88.14 -21.65
CA LYS B 215 5.88 88.98 -21.11
C LYS B 215 5.46 90.43 -21.28
N VAL B 216 5.76 91.27 -20.30
CA VAL B 216 5.28 92.65 -20.24
C VAL B 216 6.33 93.52 -19.57
N ASP B 217 6.61 94.70 -20.15
CA ASP B 217 7.54 95.66 -19.56
C ASP B 217 6.77 96.98 -19.46
N LYS B 218 6.12 97.22 -18.32
CA LYS B 218 5.29 98.40 -18.11
C LYS B 218 6.09 99.48 -17.39
N LYS B 219 6.16 100.67 -18.01
CA LYS B 219 6.81 101.85 -17.43
C LYS B 219 5.87 102.51 -16.45
N VAL B 220 6.30 102.68 -15.20
CA VAL B 220 5.50 103.42 -14.23
C VAL B 220 6.06 104.83 -14.19
N GLU B 221 5.23 105.77 -14.56
CA GLU B 221 5.59 107.16 -14.74
C GLU B 221 4.93 108.00 -13.66
N PRO B 222 5.53 109.12 -13.30
CA PRO B 222 4.92 109.98 -12.28
C PRO B 222 3.66 110.64 -12.85
N LYS B 223 2.60 110.64 -12.05
CA LYS B 223 1.41 111.41 -12.43
C LYS B 223 0.81 112.19 -11.26
N ASP C 1 -0.25 55.29 10.37
CA ASP C 1 0.92 56.07 9.97
C ASP C 1 1.57 56.75 11.14
N ILE C 2 2.70 57.44 10.85
CA ILE C 2 3.39 58.26 11.83
C ILE C 2 2.83 59.67 11.79
N LEU C 3 2.43 60.18 12.94
CA LEU C 3 2.00 61.56 13.09
C LEU C 3 3.05 62.34 13.87
N LEU C 4 3.50 63.43 13.30
CA LEU C 4 4.34 64.36 14.03
C LEU C 4 3.48 65.54 14.43
N THR C 5 3.59 65.94 15.68
CA THR C 5 2.86 67.09 16.19
C THR C 5 3.90 68.08 16.68
N GLN C 6 4.00 69.23 16.01
CA GLN C 6 4.92 70.27 16.46
C GLN C 6 4.18 71.23 17.38
N SER C 7 4.91 71.72 18.39
CA SER C 7 4.40 72.75 19.29
C SER C 7 5.53 73.72 19.53
N PRO C 8 5.24 75.00 19.67
CA PRO C 8 3.93 75.65 19.58
C PRO C 8 3.48 75.82 18.14
N ALA C 9 2.28 76.37 17.91
CA ALA C 9 1.88 76.63 16.53
C ALA C 9 2.75 77.70 15.90
N SER C 10 3.07 78.74 16.68
CA SER C 10 3.96 79.80 16.21
C SER C 10 4.60 80.47 17.42
N LEU C 11 5.26 81.60 17.18
CA LEU C 11 6.36 82.00 18.05
C LEU C 11 6.98 83.35 17.70
N SER C 12 6.91 84.33 18.61
CA SER C 12 7.67 85.57 18.48
C SER C 12 8.82 85.53 19.45
N ALA C 13 10.01 85.86 18.97
CA ALA C 13 11.19 85.92 19.81
C ALA C 13 12.16 86.95 19.27
N SER C 14 12.71 87.76 20.17
CA SER C 14 13.59 88.83 19.75
C SER C 14 15.01 88.34 19.57
N VAL C 15 15.81 89.13 18.83
CA VAL C 15 17.15 88.69 18.49
C VAL C 15 17.93 88.39 19.76
N GLY C 16 18.85 87.44 19.67
CA GLY C 16 19.71 87.07 20.77
C GLY C 16 19.11 86.05 21.72
N GLU C 17 17.78 86.10 21.93
CA GLU C 17 17.02 85.13 22.72
C GLU C 17 17.29 83.69 22.30
N THR C 18 17.13 82.76 23.23
CA THR C 18 17.11 81.34 22.88
C THR C 18 15.66 80.95 22.58
N VAL C 19 15.50 80.11 21.55
CA VAL C 19 14.20 79.70 21.01
C VAL C 19 14.12 78.18 21.05
N THR C 20 12.95 77.64 21.37
CA THR C 20 12.89 76.17 21.34
C THR C 20 11.48 75.64 21.10
N ILE C 21 11.40 74.72 20.13
CA ILE C 21 10.18 74.07 19.68
C ILE C 21 10.37 72.55 19.81
N THR C 22 9.28 71.86 20.15
CA THR C 22 9.25 70.41 20.13
C THR C 22 8.46 69.84 18.97
N CYS C 23 8.70 68.55 18.76
CA CYS C 23 8.03 67.68 17.83
C CYS C 23 7.69 66.40 18.60
N ARG C 24 6.49 65.87 18.39
CA ARG C 24 6.00 64.72 19.17
C ARG C 24 5.55 63.64 18.20
N ALA C 25 6.30 62.57 18.16
CA ALA C 25 5.96 61.46 17.30
C ALA C 25 4.92 60.56 17.97
N SER C 26 3.96 60.10 17.17
CA SER C 26 2.84 59.28 17.60
C SER C 26 3.27 57.86 17.95
N GLU C 27 4.49 57.48 17.61
CA GLU C 27 5.03 56.18 17.98
C GLU C 27 6.55 56.26 17.82
N ASN C 28 7.23 55.19 18.24
CA ASN C 28 8.67 55.26 18.42
C ASN C 28 9.38 55.36 17.08
N ILE C 29 10.08 56.48 16.84
CA ILE C 29 10.86 56.67 15.62
C ILE C 29 12.37 56.68 15.91
N ASN C 30 12.77 56.22 17.08
CA ASN C 30 14.19 56.06 17.46
C ASN C 30 14.84 57.44 17.47
N SER C 31 15.90 57.68 16.70
CA SER C 31 16.42 59.04 16.58
C SER C 31 16.37 59.52 15.15
N TYR C 32 15.44 58.97 14.37
CA TYR C 32 15.28 59.24 12.95
C TYR C 32 14.40 60.47 12.73
N LEU C 33 14.82 61.62 13.28
CA LEU C 33 14.06 62.84 13.15
C LEU C 33 14.93 63.95 12.55
N ALA C 34 14.40 64.67 11.55
CA ALA C 34 15.11 65.81 10.96
C ALA C 34 14.27 67.08 11.08
N TRP C 35 14.98 68.19 11.05
CA TRP C 35 14.40 69.53 11.17
C TRP C 35 14.78 70.33 9.94
N TYR C 36 13.85 71.16 9.47
CA TYR C 36 14.04 72.02 8.31
C TYR C 36 13.50 73.40 8.61
N GLN C 37 14.20 74.43 8.15
CA GLN C 37 13.73 75.82 8.17
C GLN C 37 13.23 76.15 6.77
N GLN C 38 12.03 76.73 6.68
CA GLN C 38 11.47 77.12 5.39
C GLN C 38 11.07 78.59 5.38
N LYS C 39 11.69 79.36 4.50
CA LYS C 39 11.23 80.69 4.18
C LYS C 39 10.36 80.59 2.92
N GLN C 40 9.92 81.73 2.39
CA GLN C 40 8.80 81.69 1.45
C GLN C 40 9.24 81.32 0.04
N GLY C 41 8.38 80.57 -0.66
CA GLY C 41 8.65 80.05 -1.98
C GLY C 41 10.06 79.54 -2.12
N LYS C 42 10.40 78.47 -1.39
CA LYS C 42 11.75 77.93 -1.41
C LYS C 42 11.78 76.51 -0.89
N SER C 43 12.70 75.72 -1.41
CA SER C 43 12.88 74.38 -0.88
C SER C 43 13.26 74.50 0.59
N PRO C 44 12.59 73.76 1.47
CA PRO C 44 12.97 73.80 2.89
C PRO C 44 14.42 73.40 3.04
N GLN C 45 15.15 74.13 3.86
CA GLN C 45 16.56 73.82 4.08
C GLN C 45 16.72 72.92 5.31
N LEU C 46 17.53 71.87 5.17
CA LEU C 46 17.78 70.96 6.29
C LEU C 46 18.73 71.57 7.34
N LEU C 47 18.30 71.54 8.59
CA LEU C 47 19.12 71.90 9.74
C LEU C 47 19.65 70.70 10.52
N VAL C 48 18.76 69.93 11.14
CA VAL C 48 19.13 68.76 11.90
C VAL C 48 18.61 67.54 11.19
N TYR C 49 19.36 66.45 11.30
CA TYR C 49 18.86 65.13 10.96
C TYR C 49 19.46 64.19 11.98
N ASN C 50 18.88 62.98 12.08
CA ASN C 50 19.26 62.05 13.12
C ASN C 50 19.08 62.65 14.52
N ALA C 51 18.08 63.52 14.64
CA ALA C 51 17.66 64.15 15.88
C ALA C 51 18.66 65.21 16.36
N LYS C 52 19.97 64.99 16.19
CA LYS C 52 20.96 65.90 16.77
C LYS C 52 22.07 66.32 15.83
N THR C 53 22.16 65.79 14.61
CA THR C 53 23.27 66.11 13.74
C THR C 53 22.96 67.35 12.93
N LEU C 54 23.86 68.33 12.98
CA LEU C 54 23.75 69.47 12.07
C LEU C 54 24.14 69.09 10.65
N ALA C 55 23.39 69.62 9.70
CA ALA C 55 23.73 69.54 8.29
C ALA C 55 24.89 70.47 7.95
N GLU C 56 25.47 70.25 6.77
CA GLU C 56 26.60 71.06 6.33
C GLU C 56 26.25 72.55 6.31
N GLY C 57 27.16 73.36 6.84
CA GLY C 57 27.04 74.79 6.81
C GLY C 57 25.87 75.33 7.60
N VAL C 58 25.25 74.52 8.44
CA VAL C 58 24.25 75.06 9.35
C VAL C 58 24.96 75.67 10.55
N PRO C 59 24.62 76.91 10.94
CA PRO C 59 25.27 77.54 12.08
C PRO C 59 25.14 76.71 13.34
N SER C 60 26.23 76.66 14.11
CA SER C 60 26.27 75.97 15.38
C SER C 60 25.20 76.42 16.37
N ARG C 61 24.55 77.57 16.14
CA ARG C 61 23.44 78.00 17.01
C ARG C 61 22.29 77.03 16.97
N PHE C 62 22.25 76.14 15.99
CA PHE C 62 21.18 75.16 15.83
C PHE C 62 21.59 73.83 16.44
N SER C 63 20.73 73.31 17.30
CA SER C 63 20.93 72.03 17.95
C SER C 63 19.61 71.27 17.93
N GLY C 64 19.72 69.95 17.85
CA GLY C 64 18.56 69.10 18.00
C GLY C 64 18.81 68.07 19.07
N SER C 65 17.73 67.67 19.75
CA SER C 65 17.79 66.58 20.71
C SER C 65 16.53 65.74 20.61
N GLY C 66 16.61 64.53 21.14
CA GLY C 66 15.45 63.70 21.35
C GLY C 66 15.71 62.27 20.91
N SER C 67 14.71 61.45 21.18
CA SER C 67 14.63 60.06 20.75
C SER C 67 13.25 59.56 21.10
N ASP C 68 12.94 58.35 20.64
CA ASP C 68 11.66 57.73 20.93
C ASP C 68 10.49 58.55 20.38
N THR C 69 9.83 59.36 21.22
CA THR C 69 8.66 60.10 20.78
C THR C 69 8.77 61.61 20.90
N GLN C 70 9.72 62.12 21.69
CA GLN C 70 9.84 63.55 21.92
C GLN C 70 11.21 64.03 21.43
N PHE C 71 11.19 65.09 20.63
CA PHE C 71 12.36 65.72 20.04
C PHE C 71 12.20 67.22 20.15
N SER C 72 13.31 67.95 20.13
CA SER C 72 13.19 69.40 20.05
C SER C 72 14.42 70.03 19.44
N LEU C 73 14.17 71.04 18.62
CA LEU C 73 15.20 71.85 18.01
C LEU C 73 15.43 73.07 18.88
N LYS C 74 16.70 73.36 19.16
CA LYS C 74 17.02 74.59 19.88
C LYS C 74 17.77 75.56 18.96
N ILE C 75 17.40 76.83 19.02
CA ILE C 75 18.13 77.92 18.38
C ILE C 75 18.46 78.92 19.45
N ASN C 76 19.75 79.03 19.80
CA ASN C 76 20.18 80.04 20.74
C ASN C 76 20.84 81.20 19.99
N THR C 77 20.81 82.38 20.61
CA THR C 77 21.25 83.63 19.97
C THR C 77 20.48 83.82 18.68
N LEU C 78 19.16 83.99 18.84
CA LEU C 78 18.27 84.10 17.68
C LEU C 78 18.73 85.23 16.78
N GLN C 79 18.45 85.08 15.49
CA GLN C 79 19.08 85.94 14.53
C GLN C 79 18.03 86.44 13.56
N PRO C 80 18.19 87.66 13.03
CA PRO C 80 17.11 88.26 12.24
C PRO C 80 16.63 87.41 11.10
N GLU C 81 17.51 86.55 10.54
CA GLU C 81 17.20 85.68 9.41
C GLU C 81 16.73 84.30 9.84
N ASP C 82 16.34 84.12 11.09
CA ASP C 82 15.90 82.82 11.55
C ASP C 82 14.39 82.68 11.41
N PHE C 83 13.73 83.70 10.86
CA PHE C 83 12.29 83.60 10.70
C PHE C 83 11.97 82.52 9.67
N GLY C 84 10.72 82.07 9.72
CA GLY C 84 10.23 81.13 8.75
C GLY C 84 9.31 80.12 9.40
N THR C 85 9.13 79.00 8.71
CA THR C 85 8.40 77.86 9.27
C THR C 85 9.35 76.67 9.45
N TYR C 86 9.25 76.04 10.59
CA TYR C 86 10.17 74.99 11.02
C TYR C 86 9.40 73.67 11.04
N TYR C 87 9.77 72.76 10.12
CA TYR C 87 9.15 71.46 9.99
C TYR C 87 10.09 70.40 10.53
N CYS C 88 9.52 69.47 11.31
CA CYS C 88 10.21 68.23 11.60
C CYS C 88 9.79 67.18 10.56
N GLN C 89 10.64 66.19 10.36
CA GLN C 89 10.28 65.00 9.60
C GLN C 89 10.91 63.82 10.31
N HIS C 90 10.24 62.68 10.22
CA HIS C 90 10.81 61.42 10.66
C HIS C 90 11.38 60.69 9.45
N HIS C 91 12.52 60.04 9.62
CA HIS C 91 13.01 59.15 8.57
C HIS C 91 13.22 57.76 9.16
N SER C 92 12.23 57.29 9.91
CA SER C 92 12.25 55.94 10.45
C SER C 92 11.85 54.90 9.41
N GLY C 93 11.45 55.31 8.22
CA GLY C 93 10.99 54.39 7.22
C GLY C 93 9.84 55.02 6.46
N THR C 94 9.50 54.42 5.32
CA THR C 94 8.43 54.99 4.52
C THR C 94 7.08 54.53 5.07
N PRO C 95 6.04 55.38 4.95
CA PRO C 95 6.06 56.75 4.43
C PRO C 95 6.66 57.73 5.42
N TYR C 96 7.57 58.57 4.96
CA TYR C 96 7.99 59.70 5.79
C TYR C 96 6.78 60.59 6.08
N THR C 97 6.78 61.24 7.23
CA THR C 97 5.80 62.29 7.47
C THR C 97 6.51 63.53 7.98
N PHE C 98 5.82 64.66 7.88
CA PHE C 98 6.25 65.91 8.50
C PHE C 98 5.24 66.34 9.56
N GLY C 99 5.65 67.26 10.38
CA GLY C 99 4.72 67.92 11.26
C GLY C 99 4.11 69.09 10.58
N GLY C 100 3.12 69.70 11.25
CA GLY C 100 2.40 70.80 10.63
C GLY C 100 3.22 72.06 10.44
N GLY C 101 4.31 72.19 11.17
CA GLY C 101 5.19 73.34 11.18
C GLY C 101 5.02 74.19 12.44
N THR C 102 6.07 74.96 12.76
CA THR C 102 6.02 76.04 13.75
C THR C 102 6.48 77.34 13.08
N LYS C 103 5.63 78.36 13.10
CA LYS C 103 5.95 79.63 12.45
C LYS C 103 6.67 80.56 13.43
N LEU C 104 7.92 80.91 13.11
CA LEU C 104 8.77 81.69 13.99
C LEU C 104 8.88 83.10 13.44
N GLU C 105 8.50 84.09 14.24
CA GLU C 105 8.65 85.51 13.91
C GLU C 105 9.75 86.13 14.77
N ILE C 106 10.44 87.12 14.21
CA ILE C 106 11.48 87.82 14.96
C ILE C 106 10.89 89.10 15.56
N LYS C 107 11.04 89.23 16.86
CA LYS C 107 10.47 90.34 17.62
C LYS C 107 11.46 91.49 17.67
N ARG C 108 10.95 92.70 17.45
CA ARG C 108 11.77 93.91 17.40
C ARG C 108 10.95 95.04 17.97
N THR C 109 11.54 96.24 17.94
CA THR C 109 10.81 97.39 18.45
C THR C 109 9.82 97.88 17.39
N VAL C 110 8.77 98.57 17.85
CA VAL C 110 7.67 98.91 16.93
C VAL C 110 8.12 99.95 15.91
N ALA C 111 7.37 99.99 14.81
CA ALA C 111 7.67 100.83 13.66
C ALA C 111 6.36 101.10 12.91
N ALA C 112 5.83 102.31 13.09
CA ALA C 112 4.64 102.71 12.35
C ALA C 112 4.93 102.61 10.85
N PRO C 113 3.92 102.23 10.04
CA PRO C 113 4.08 102.14 8.58
C PRO C 113 4.06 103.48 7.86
N SER C 114 4.87 103.58 6.80
CA SER C 114 4.56 104.53 5.73
C SER C 114 3.36 104.04 4.93
N VAL C 115 2.36 104.88 4.77
CA VAL C 115 1.19 104.54 3.99
C VAL C 115 1.21 105.31 2.68
N PHE C 116 0.84 104.62 1.61
CA PHE C 116 0.69 105.22 0.30
C PHE C 116 -0.61 104.72 -0.29
N ILE C 117 -1.29 105.56 -1.06
CA ILE C 117 -2.52 105.17 -1.73
C ILE C 117 -2.31 105.31 -3.23
N PHE C 118 -2.82 104.32 -3.96
CA PHE C 118 -2.66 104.25 -5.41
C PHE C 118 -4.01 104.23 -6.11
N PRO C 119 -4.25 105.16 -7.02
CA PRO C 119 -5.52 105.20 -7.73
C PRO C 119 -5.53 104.21 -8.87
N PRO C 120 -6.70 103.71 -9.26
CA PRO C 120 -6.80 102.90 -10.48
C PRO C 120 -6.28 103.68 -11.68
N SER C 121 -5.43 103.03 -12.47
CA SER C 121 -4.88 103.66 -13.68
C SER C 121 -5.97 103.86 -14.73
N ASP C 122 -5.73 104.81 -15.63
CA ASP C 122 -6.66 104.97 -16.76
C ASP C 122 -6.75 103.67 -17.54
N GLU C 123 -5.59 103.13 -17.97
CA GLU C 123 -5.55 101.87 -18.70
C GLU C 123 -6.45 100.82 -18.05
N GLN C 124 -6.43 100.75 -16.72
CA GLN C 124 -7.23 99.75 -16.04
C GLN C 124 -8.71 100.12 -16.12
N LEU C 125 -8.99 101.42 -16.16
CA LEU C 125 -10.35 101.92 -16.15
C LEU C 125 -11.01 101.67 -17.50
N LYS C 126 -10.20 101.60 -18.57
CA LYS C 126 -10.71 101.29 -19.90
C LYS C 126 -11.10 99.81 -20.02
N SER C 127 -10.54 98.94 -19.17
CA SER C 127 -10.91 97.53 -19.19
C SER C 127 -12.29 97.31 -18.61
N GLY C 128 -12.73 98.18 -17.70
CA GLY C 128 -14.04 98.07 -17.10
C GLY C 128 -14.05 97.95 -15.59
N THR C 129 -12.91 97.88 -14.93
CA THR C 129 -12.90 97.72 -13.47
C THR C 129 -11.76 98.52 -12.86
N ALA C 130 -11.98 98.99 -11.63
CA ALA C 130 -11.08 99.90 -10.92
C ALA C 130 -10.57 99.21 -9.64
N SER C 131 -9.24 99.18 -9.47
CA SER C 131 -8.60 98.60 -8.30
C SER C 131 -7.83 99.70 -7.57
N VAL C 132 -8.25 100.00 -6.35
CA VAL C 132 -7.58 100.97 -5.52
C VAL C 132 -6.63 100.22 -4.59
N VAL C 133 -5.42 100.75 -4.42
CA VAL C 133 -4.33 100.04 -3.76
C VAL C 133 -3.85 100.86 -2.57
N CYS C 134 -3.69 100.17 -1.43
CA CYS C 134 -3.08 100.72 -0.23
C CYS C 134 -1.84 99.92 0.14
N LEU C 135 -0.74 100.62 0.42
CA LEU C 135 0.53 99.99 0.76
C LEU C 135 1.04 100.56 2.06
N LEU C 136 0.94 99.78 3.14
CA LEU C 136 1.69 100.00 4.37
C LEU C 136 3.08 99.39 4.20
N ASN C 137 4.09 100.12 4.61
CA ASN C 137 5.46 99.79 4.23
C ASN C 137 6.32 99.71 5.47
N ASN C 138 7.32 98.81 5.43
CA ASN C 138 8.30 98.62 6.50
C ASN C 138 7.78 98.93 7.88
N PHE C 139 6.89 98.07 8.41
CA PHE C 139 6.36 98.22 9.76
C PHE C 139 6.54 96.93 10.55
N TYR C 140 6.45 97.07 11.89
CA TYR C 140 6.40 96.00 12.89
C TYR C 140 5.69 96.58 14.10
N PRO C 141 4.85 95.81 14.82
CA PRO C 141 4.44 94.44 14.55
C PRO C 141 3.56 94.33 13.32
N ARG C 142 3.12 93.10 13.02
CA ARG C 142 2.41 92.81 11.78
C ARG C 142 0.93 93.15 11.86
N GLU C 143 0.33 93.07 13.06
CA GLU C 143 -1.08 93.34 13.25
C GLU C 143 -1.39 94.76 12.82
N ALA C 144 -2.18 94.91 11.77
CA ALA C 144 -2.61 96.20 11.27
C ALA C 144 -4.05 96.11 10.77
N LYS C 145 -4.82 97.13 11.08
CA LYS C 145 -6.22 97.23 10.66
C LYS C 145 -6.29 98.26 9.54
N VAL C 146 -6.41 97.77 8.31
CA VAL C 146 -6.68 98.62 7.16
C VAL C 146 -8.18 98.55 6.88
N GLN C 147 -8.84 99.71 6.89
CA GLN C 147 -10.21 99.86 6.42
C GLN C 147 -10.26 100.81 5.23
N TRP C 148 -11.19 100.54 4.32
CA TRP C 148 -11.53 101.45 3.24
C TRP C 148 -12.82 102.19 3.60
N LYS C 149 -12.84 103.49 3.33
CA LYS C 149 -14.08 104.26 3.36
C LYS C 149 -14.18 105.04 2.05
N VAL C 150 -15.33 104.95 1.39
CA VAL C 150 -15.61 105.73 0.18
C VAL C 150 -16.61 106.81 0.56
N ASP C 151 -16.16 108.08 0.46
CA ASP C 151 -16.94 109.26 0.84
C ASP C 151 -17.19 109.30 2.34
N ASN C 152 -16.36 108.59 3.10
CA ASN C 152 -16.46 108.27 4.52
C ASN C 152 -17.41 107.09 4.80
N ALA C 153 -18.11 106.55 3.80
CA ALA C 153 -18.87 105.33 4.01
C ALA C 153 -17.93 104.11 4.00
N LEU C 154 -18.02 103.27 5.04
CA LEU C 154 -17.06 102.18 5.26
C LEU C 154 -17.31 101.03 4.29
N GLN C 155 -16.24 100.56 3.62
CA GLN C 155 -16.27 99.47 2.66
C GLN C 155 -16.16 98.10 3.34
N SER C 156 -16.68 97.08 2.64
CA SER C 156 -16.67 95.73 3.20
C SER C 156 -16.79 94.70 2.09
N GLY C 157 -16.00 93.62 2.20
CA GLY C 157 -16.02 92.51 1.25
C GLY C 157 -15.61 92.81 -0.18
N ASN C 158 -15.08 93.99 -0.48
CA ASN C 158 -14.56 94.32 -1.81
C ASN C 158 -13.05 94.43 -1.84
N SER C 159 -12.40 93.98 -0.76
CA SER C 159 -10.98 94.22 -0.51
C SER C 159 -10.30 92.93 -0.07
N GLN C 160 -9.07 92.76 -0.52
CA GLN C 160 -8.25 91.60 -0.18
C GLN C 160 -6.88 92.10 0.27
N GLU C 161 -6.20 91.29 1.07
CA GLU C 161 -4.98 91.71 1.74
C GLU C 161 -3.85 90.72 1.53
N SER C 162 -2.64 91.24 1.38
CA SER C 162 -1.46 90.45 1.08
C SER C 162 -0.28 91.01 1.87
N VAL C 163 0.39 90.15 2.63
CA VAL C 163 1.48 90.60 3.51
C VAL C 163 2.80 90.02 3.02
N THR C 164 3.83 90.86 2.99
CA THR C 164 5.17 90.37 2.68
C THR C 164 5.61 89.41 3.77
N GLU C 165 6.77 88.80 3.57
CA GLU C 165 7.32 88.12 4.72
C GLU C 165 8.34 89.03 5.39
N GLN C 166 8.56 88.74 6.68
CA GLN C 166 9.47 89.51 7.50
C GLN C 166 10.81 89.71 6.81
N ASP C 167 11.30 90.93 6.86
CA ASP C 167 12.52 91.31 6.20
C ASP C 167 13.71 90.56 6.79
N SER C 168 14.67 90.22 5.93
CA SER C 168 15.80 89.41 6.38
C SER C 168 16.69 90.17 7.37
N LYS C 169 16.80 91.48 7.24
CA LYS C 169 17.79 92.25 7.97
C LYS C 169 17.22 93.11 9.10
N ASP C 170 15.95 93.53 9.02
CA ASP C 170 15.36 94.42 10.02
C ASP C 170 13.97 93.99 10.48
N SER C 171 13.46 92.85 10.04
CA SER C 171 12.24 92.26 10.61
C SER C 171 11.00 93.13 10.41
N THR C 172 10.90 93.86 9.30
CA THR C 172 9.72 94.67 9.06
C THR C 172 8.85 94.06 7.97
N TYR C 173 7.55 94.14 8.18
CA TYR C 173 6.54 93.66 7.26
C TYR C 173 6.20 94.72 6.22
N SER C 174 5.46 94.32 5.19
CA SER C 174 4.81 95.28 4.31
C SER C 174 3.50 94.66 3.87
N LEU C 175 2.49 95.49 3.73
CA LEU C 175 1.15 95.01 3.48
C LEU C 175 0.57 95.81 2.33
N SER C 176 -0.15 95.13 1.44
CA SER C 176 -0.99 95.77 0.44
C SER C 176 -2.42 95.29 0.66
N SER C 177 -3.35 96.23 0.61
CA SER C 177 -4.77 95.95 0.49
C SER C 177 -5.22 96.42 -0.89
N THR C 178 -6.22 95.74 -1.45
CA THR C 178 -6.65 96.03 -2.81
C THR C 178 -8.17 96.17 -2.85
N LEU C 179 -8.63 97.43 -2.96
CA LEU C 179 -10.02 97.79 -3.22
C LEU C 179 -10.34 97.61 -4.69
N THR C 180 -11.20 96.63 -5.02
CA THR C 180 -11.56 96.27 -6.39
C THR C 180 -13.08 96.44 -6.60
N LEU C 181 -13.46 97.37 -7.47
CA LEU C 181 -14.86 97.65 -7.78
C LEU C 181 -15.00 97.99 -9.26
N SER C 182 -16.23 97.80 -9.78
CA SER C 182 -16.53 98.06 -11.17
C SER C 182 -16.28 99.53 -11.50
N LYS C 183 -16.11 99.82 -12.80
CA LYS C 183 -15.95 101.21 -13.24
C LYS C 183 -17.19 102.05 -12.92
N ALA C 184 -18.39 101.43 -12.84
CA ALA C 184 -19.61 102.12 -12.44
C ALA C 184 -19.48 102.65 -11.01
N ASP C 185 -19.38 101.73 -10.04
CA ASP C 185 -19.20 102.15 -8.65
C ASP C 185 -18.07 103.17 -8.51
N TYR C 186 -16.94 102.94 -9.19
CA TYR C 186 -15.86 103.91 -9.13
C TYR C 186 -16.26 105.26 -9.69
N GLU C 187 -17.08 105.28 -10.73
CA GLU C 187 -17.48 106.57 -11.31
C GLU C 187 -18.50 107.32 -10.45
N LYS C 188 -18.98 106.73 -9.35
CA LYS C 188 -20.02 107.37 -8.53
C LYS C 188 -19.47 108.37 -7.50
N HIS C 189 -18.34 108.09 -6.85
CA HIS C 189 -17.89 108.83 -5.67
C HIS C 189 -16.57 109.55 -5.84
N LYS C 190 -16.31 110.49 -4.94
CA LYS C 190 -15.15 111.36 -5.02
C LYS C 190 -14.07 111.02 -3.99
N VAL C 191 -14.44 110.85 -2.73
CA VAL C 191 -13.49 110.54 -1.65
C VAL C 191 -13.20 109.04 -1.59
N TYR C 192 -11.92 108.67 -1.75
CA TYR C 192 -11.47 107.29 -1.59
C TYR C 192 -10.35 107.25 -0.57
N ALA C 193 -10.66 106.73 0.61
CA ALA C 193 -9.75 106.78 1.74
C ALA C 193 -9.34 105.37 2.18
N CYS C 194 -8.08 105.26 2.53
CA CYS C 194 -7.52 104.09 3.17
C CYS C 194 -7.17 104.47 4.60
N GLU C 195 -7.58 103.65 5.58
CA GLU C 195 -7.42 103.98 7.00
C GLU C 195 -6.58 102.89 7.67
N VAL C 196 -5.64 103.29 8.52
CA VAL C 196 -4.68 102.35 9.10
C VAL C 196 -4.60 102.50 10.63
N THR C 197 -4.91 101.42 11.33
CA THR C 197 -4.68 101.32 12.77
C THR C 197 -3.45 100.45 13.00
N HIS C 198 -2.52 100.93 13.82
CA HIS C 198 -1.33 100.15 14.08
C HIS C 198 -0.81 100.50 15.46
N GLN C 199 -0.04 99.57 16.03
CA GLN C 199 0.44 99.74 17.40
C GLN C 199 1.32 100.98 17.54
N GLY C 200 2.08 101.30 16.48
CA GLY C 200 2.94 102.47 16.45
C GLY C 200 2.30 103.74 15.97
N LEU C 201 0.97 103.76 15.84
CA LEU C 201 0.19 104.91 15.39
C LEU C 201 -0.81 105.26 16.51
N SER C 202 -0.48 106.26 17.34
CA SER C 202 -1.39 106.67 18.40
C SER C 202 -2.78 106.94 17.85
N SER C 203 -2.84 107.67 16.73
CA SER C 203 -4.06 108.11 16.07
C SER C 203 -4.14 107.48 14.69
N PRO C 204 -5.17 106.66 14.39
CA PRO C 204 -5.37 106.14 13.03
C PRO C 204 -5.08 107.12 11.89
N VAL C 205 -4.34 106.65 10.91
CA VAL C 205 -3.85 107.45 9.79
C VAL C 205 -4.63 107.06 8.55
N THR C 206 -4.96 108.04 7.71
CA THR C 206 -5.62 107.72 6.46
C THR C 206 -4.98 108.54 5.35
N LYS C 207 -4.58 107.86 4.28
CA LYS C 207 -4.23 108.52 3.04
C LYS C 207 -5.43 108.37 2.10
N SER C 208 -5.59 109.33 1.19
CA SER C 208 -6.75 109.26 0.31
C SER C 208 -6.53 110.15 -0.90
N PHE C 209 -7.43 109.99 -1.87
CA PHE C 209 -7.48 110.86 -3.03
C PHE C 209 -8.94 111.20 -3.29
N ASN C 210 -9.15 112.24 -4.09
CA ASN C 210 -10.46 112.59 -4.63
C ASN C 210 -10.51 112.27 -6.11
N ARG C 211 -11.53 111.53 -6.53
CA ARG C 211 -11.61 111.04 -7.91
C ARG C 211 -11.43 112.18 -8.91
N GLY C 212 -10.54 111.99 -9.88
CA GLY C 212 -10.32 113.04 -10.85
C GLY C 212 -9.15 113.95 -10.55
N GLU C 213 -9.20 114.71 -9.45
CA GLU C 213 -8.20 115.74 -9.21
C GLU C 213 -6.78 115.17 -9.19
N CYS C 214 -5.84 115.97 -9.70
CA CYS C 214 -4.44 115.56 -9.87
C CYS C 214 -3.51 116.78 -9.88
N PRO D 14 27.21 -15.22 0.29
CA PRO D 14 28.27 -14.84 1.24
C PRO D 14 27.79 -14.32 2.60
N GLU D 15 26.88 -13.32 2.62
CA GLU D 15 26.52 -12.65 3.86
C GLU D 15 25.20 -13.14 4.45
N GLY D 16 25.20 -13.32 5.77
CA GLY D 16 24.11 -13.98 6.43
C GLY D 16 23.92 -15.41 5.95
N VAL D 17 22.68 -15.86 6.05
CA VAL D 17 22.28 -17.17 5.55
C VAL D 17 21.99 -17.08 4.05
N SER D 18 22.63 -17.95 3.26
CA SER D 18 22.44 -18.05 1.82
C SER D 18 21.96 -19.44 1.42
N ASN D 19 21.38 -19.54 0.22
CA ASN D 19 20.97 -20.85 -0.31
C ASN D 19 22.16 -21.76 -0.54
N LEU D 20 21.89 -23.07 -0.60
CA LEU D 20 22.92 -24.06 -0.83
C LEU D 20 23.41 -24.06 -2.29
N VAL D 21 24.29 -23.12 -2.61
CA VAL D 21 24.81 -23.00 -3.98
C VAL D 21 26.32 -22.84 -3.93
N GLY D 22 26.94 -22.96 -5.10
CA GLY D 22 28.38 -22.88 -5.18
C GLY D 22 29.07 -24.12 -4.65
N LEU D 23 30.25 -23.91 -4.02
CA LEU D 23 31.11 -24.97 -3.49
C LEU D 23 31.26 -24.86 -1.98
N PRO D 24 30.27 -25.32 -1.23
CA PRO D 24 30.34 -25.22 0.23
C PRO D 24 31.43 -26.10 0.81
N ASN D 25 31.78 -25.80 2.06
CA ASN D 25 32.73 -26.57 2.83
C ASN D 25 32.40 -28.04 2.77
N ASN D 26 33.45 -28.86 2.74
CA ASN D 26 33.31 -30.31 2.77
C ASN D 26 32.42 -30.71 3.93
N ILE D 27 31.92 -31.94 3.90
CA ILE D 27 31.18 -32.51 5.01
C ILE D 27 31.66 -33.94 5.21
N CYS D 28 31.31 -34.52 6.37
CA CYS D 28 31.66 -35.91 6.63
C CYS D 28 31.03 -36.81 5.58
N LEU D 29 31.85 -37.54 4.83
CA LEU D 29 31.38 -38.44 3.80
C LEU D 29 31.36 -39.92 4.21
N GLN D 30 31.74 -40.25 5.44
CA GLN D 30 31.85 -41.64 5.85
C GLN D 30 30.66 -42.09 6.69
N LYS D 31 30.36 -43.38 6.62
CA LYS D 31 29.53 -43.97 7.65
C LYS D 31 30.28 -43.84 8.97
N THR D 32 29.55 -43.54 10.06
CA THR D 32 30.17 -43.37 11.37
C THR D 32 29.15 -43.44 12.48
N SER D 33 29.54 -44.08 13.57
CA SER D 33 28.66 -44.13 14.71
C SER D 33 28.98 -43.02 15.69
N ASN D 34 29.98 -42.20 15.40
CA ASN D 34 30.27 -41.04 16.22
C ASN D 34 29.06 -40.09 16.23
N GLN D 35 28.89 -39.39 17.35
CA GLN D 35 27.76 -38.49 17.52
C GLN D 35 28.11 -37.09 17.02
N ILE D 36 28.54 -37.06 15.75
CA ILE D 36 29.06 -35.84 15.13
C ILE D 36 27.96 -34.87 14.70
N LEU D 37 26.69 -35.27 14.80
CA LEU D 37 25.55 -34.38 14.63
C LEU D 37 25.12 -33.90 16.00
N LYS D 38 25.12 -32.56 16.18
CA LYS D 38 24.69 -31.90 17.42
C LYS D 38 23.53 -30.97 17.10
N PRO D 39 22.30 -31.46 17.20
CA PRO D 39 21.15 -30.61 16.91
C PRO D 39 20.96 -29.55 17.97
N LYS D 40 20.19 -28.52 17.60
CA LYS D 40 19.97 -27.32 18.39
C LYS D 40 18.48 -27.00 18.39
N LEU D 41 17.87 -26.97 19.56
CA LEU D 41 16.47 -26.60 19.69
C LEU D 41 16.36 -25.09 19.46
N ILE D 42 15.77 -24.72 18.33
CA ILE D 42 15.72 -23.31 17.96
C ILE D 42 14.27 -22.84 17.89
N SER D 43 13.36 -23.61 18.46
CA SER D 43 11.94 -23.35 18.32
C SER D 43 11.57 -22.05 18.98
N TYR D 44 12.39 -21.60 19.94
CA TYR D 44 11.96 -20.57 20.89
C TYR D 44 11.64 -19.24 20.23
N THR D 45 12.22 -18.96 19.06
CA THR D 45 11.97 -17.68 18.38
C THR D 45 10.65 -17.65 17.59
N LEU D 46 9.62 -18.46 17.99
CA LEU D 46 8.36 -18.60 17.25
C LEU D 46 7.11 -18.78 18.12
N PRO D 47 5.90 -18.75 17.53
CA PRO D 47 4.67 -19.00 18.30
C PRO D 47 4.60 -20.40 18.88
N VAL D 48 4.23 -20.46 20.18
CA VAL D 48 4.08 -21.69 20.99
C VAL D 48 3.60 -22.91 20.20
N CYS D 55 -3.75 -26.63 20.89
CA CYS D 55 -3.13 -27.54 19.93
C CYS D 55 -2.75 -26.91 18.57
N ILE D 56 -1.66 -27.39 17.99
CA ILE D 56 -1.06 -26.75 16.82
C ILE D 56 -0.80 -27.81 15.77
N THR D 57 -1.53 -27.75 14.67
CA THR D 57 -1.43 -28.72 13.60
C THR D 57 -1.16 -28.06 12.25
N ASP D 58 -0.95 -28.90 11.25
CA ASP D 58 -0.81 -28.55 9.83
C ASP D 58 0.32 -27.57 9.59
N PRO D 59 1.55 -27.92 9.95
CA PRO D 59 2.65 -26.97 9.82
C PRO D 59 3.16 -26.90 8.39
N LEU D 60 3.88 -25.82 8.14
CA LEU D 60 4.45 -25.51 6.85
C LEU D 60 5.74 -24.78 7.16
N LEU D 61 6.86 -25.22 6.61
CA LEU D 61 8.06 -24.42 6.73
C LEU D 61 8.77 -24.39 5.40
N ALA D 62 8.97 -23.20 4.90
CA ALA D 62 9.64 -23.01 3.64
C ALA D 62 10.81 -22.06 3.85
N MET D 63 11.92 -22.37 3.19
CA MET D 63 13.14 -21.58 3.27
C MET D 63 13.73 -21.32 1.89
N ASP D 64 14.32 -20.13 1.72
CA ASP D 64 14.83 -19.66 0.44
C ASP D 64 15.51 -18.29 0.57
N GLU D 65 16.76 -18.19 0.13
CA GLU D 65 17.50 -16.94 0.11
C GLU D 65 17.53 -16.23 1.47
N GLY D 66 17.69 -17.00 2.56
CA GLY D 66 17.72 -16.43 3.89
C GLY D 66 16.40 -15.88 4.38
N TYR D 67 15.29 -16.18 3.72
CA TYR D 67 13.98 -15.84 4.25
C TYR D 67 13.25 -17.17 4.46
N PHE D 68 12.16 -17.13 5.22
CA PHE D 68 11.43 -18.36 5.49
C PHE D 68 9.94 -18.06 5.53
N ALA D 69 9.12 -19.10 5.36
CA ALA D 69 7.68 -18.96 5.48
C ALA D 69 7.15 -20.05 6.40
N TYR D 70 6.24 -19.67 7.28
CA TYR D 70 5.74 -20.59 8.28
C TYR D 70 4.22 -20.53 8.33
N SER D 71 3.60 -21.69 8.58
CA SER D 71 2.16 -21.69 8.73
C SER D 71 1.76 -22.80 9.69
N HIS D 72 0.64 -22.59 10.37
CA HIS D 72 -0.02 -23.63 11.13
C HIS D 72 -1.47 -23.22 11.37
N LEU D 73 -2.24 -24.20 11.81
CA LEU D 73 -3.62 -23.98 12.22
C LEU D 73 -3.72 -24.38 13.68
N GLU D 74 -4.27 -23.48 14.50
CA GLU D 74 -4.35 -23.67 15.94
C GLU D 74 -5.79 -24.03 16.31
N ARG D 75 -6.00 -25.32 16.62
CA ARG D 75 -7.31 -25.89 16.98
C ARG D 75 -7.53 -25.84 18.49
N ILE D 76 -8.81 -25.95 18.89
CA ILE D 76 -9.21 -26.00 20.30
C ILE D 76 -9.32 -27.47 20.70
N GLY D 77 -8.55 -27.86 21.73
CA GLY D 77 -8.54 -29.20 22.25
C GLY D 77 -8.10 -30.27 21.28
N SER D 78 -9.08 -30.93 20.64
CA SER D 78 -8.78 -32.12 19.87
C SER D 78 -8.07 -31.75 18.58
N CYS D 79 -6.91 -32.37 18.36
CA CYS D 79 -6.08 -32.09 17.19
C CYS D 79 -6.59 -32.81 15.95
N SER D 80 -7.71 -33.52 16.04
CA SER D 80 -8.31 -34.18 14.89
C SER D 80 -9.53 -33.41 14.38
N ARG D 81 -10.50 -33.18 15.26
CA ARG D 81 -11.79 -32.60 14.85
C ARG D 81 -12.18 -31.40 15.70
N GLY D 82 -11.24 -30.82 16.45
CA GLY D 82 -11.52 -29.65 17.28
C GLY D 82 -11.79 -28.38 16.47
N VAL D 83 -12.26 -27.36 17.18
CA VAL D 83 -12.62 -26.09 16.57
C VAL D 83 -11.37 -25.38 16.05
N SER D 84 -11.38 -25.03 14.77
CA SER D 84 -10.26 -24.33 14.14
C SER D 84 -10.27 -22.88 14.59
N LYS D 85 -9.47 -22.54 15.60
CA LYS D 85 -9.49 -21.18 16.12
C LYS D 85 -8.77 -20.19 15.22
N GLN D 86 -7.59 -20.55 14.68
CA GLN D 86 -6.78 -19.56 14.01
C GLN D 86 -5.80 -20.19 13.03
N ARG D 87 -5.73 -19.61 11.83
CA ARG D 87 -4.75 -19.94 10.82
C ARG D 87 -3.69 -18.83 10.80
N ILE D 88 -2.43 -19.20 10.81
CA ILE D 88 -1.33 -18.25 10.80
C ILE D 88 -0.45 -18.54 9.60
N ILE D 89 -0.35 -17.56 8.71
CA ILE D 89 0.56 -17.58 7.57
C ILE D 89 1.52 -16.43 7.80
N GLY D 90 2.80 -16.71 7.98
CA GLY D 90 3.77 -15.66 8.23
C GLY D 90 5.12 -15.94 7.60
N VAL D 91 5.89 -14.87 7.42
CA VAL D 91 7.20 -14.93 6.78
C VAL D 91 8.16 -14.17 7.68
N GLY D 92 9.44 -14.53 7.56
CA GLY D 92 10.45 -13.86 8.35
C GLY D 92 11.81 -14.04 7.73
N GLU D 93 12.84 -13.71 8.50
CA GLU D 93 14.21 -13.90 8.05
C GLU D 93 14.90 -14.99 8.87
N VAL D 94 16.06 -15.42 8.37
CA VAL D 94 16.87 -16.45 8.97
C VAL D 94 18.20 -15.80 9.31
N LEU D 95 18.41 -15.52 10.58
CA LEU D 95 19.59 -14.82 11.05
C LEU D 95 20.34 -15.77 11.96
N ASP D 96 21.67 -15.65 12.05
CA ASP D 96 22.30 -16.40 13.12
C ASP D 96 22.05 -15.66 14.42
N ARG D 97 21.50 -16.38 15.40
CA ARG D 97 20.95 -15.72 16.58
C ARG D 97 22.00 -15.04 17.43
N GLY D 98 23.28 -15.29 17.15
CA GLY D 98 24.35 -14.62 17.85
C GLY D 98 25.62 -15.43 17.92
N ASP D 99 25.49 -16.75 18.03
CA ASP D 99 26.62 -17.64 18.25
C ASP D 99 26.95 -18.49 17.02
N GLU D 100 26.68 -17.96 15.80
CA GLU D 100 26.82 -18.70 14.53
C GLU D 100 25.87 -19.91 14.43
N VAL D 101 24.68 -19.81 15.02
CA VAL D 101 23.62 -20.79 14.86
C VAL D 101 22.40 -20.07 14.27
N PRO D 102 21.83 -20.56 13.15
CA PRO D 102 20.64 -19.91 12.61
C PRO D 102 19.37 -20.15 13.43
N SER D 103 18.42 -19.24 13.25
CA SER D 103 17.12 -19.36 13.90
C SER D 103 16.11 -18.54 13.09
N LEU D 104 14.83 -18.87 13.24
CA LEU D 104 13.79 -18.17 12.48
C LEU D 104 13.23 -17.02 13.31
N PHE D 105 13.32 -15.80 12.77
CA PHE D 105 12.74 -14.62 13.40
C PHE D 105 11.67 -14.08 12.47
N MET D 106 10.41 -14.16 12.90
CA MET D 106 9.27 -13.75 12.08
C MET D 106 9.34 -12.25 11.82
N THR D 107 8.81 -11.82 10.67
CA THR D 107 8.80 -10.40 10.29
C THR D 107 7.47 -9.88 9.78
N ASN D 108 6.50 -10.74 9.51
CA ASN D 108 5.28 -10.33 8.85
C ASN D 108 4.35 -11.52 8.94
N VAL D 109 3.18 -11.35 9.56
CA VAL D 109 2.23 -12.43 9.74
C VAL D 109 0.86 -12.03 9.24
N TRP D 110 0.20 -12.94 8.53
CA TRP D 110 -1.15 -12.72 8.05
C TRP D 110 -2.05 -13.79 8.65
N THR D 111 -3.17 -13.35 9.24
CA THR D 111 -4.18 -14.25 9.79
C THR D 111 -5.39 -14.25 8.88
N PRO D 112 -5.78 -15.34 8.25
CA PRO D 112 -7.03 -15.33 7.48
C PRO D 112 -8.19 -14.94 8.37
N PRO D 113 -9.23 -14.32 7.78
CA PRO D 113 -10.49 -14.18 8.53
C PRO D 113 -11.10 -15.49 8.98
N ASN D 114 -11.27 -16.43 8.06
CA ASN D 114 -11.99 -17.65 8.38
C ASN D 114 -10.96 -18.75 8.44
N PRO D 115 -10.47 -19.13 9.63
CA PRO D 115 -9.35 -20.09 9.67
C PRO D 115 -9.70 -21.44 9.09
N ASN D 116 -10.98 -21.78 9.08
CA ASN D 116 -11.40 -23.13 8.77
C ASN D 116 -11.80 -23.28 7.31
N THR D 117 -11.53 -22.27 6.49
CA THR D 117 -11.77 -22.39 5.06
C THR D 117 -10.49 -22.45 4.25
N VAL D 118 -9.32 -22.36 4.88
CA VAL D 118 -8.02 -22.23 4.20
C VAL D 118 -7.25 -23.55 4.33
N TYR D 119 -6.84 -24.13 3.21
CA TYR D 119 -6.28 -25.47 3.22
C TYR D 119 -5.09 -25.65 2.30
N HIS D 120 -4.21 -26.56 2.72
CA HIS D 120 -3.10 -27.13 1.93
C HIS D 120 -2.11 -26.10 1.42
N CYS D 121 -2.13 -24.94 2.09
CA CYS D 121 -1.19 -23.86 1.88
C CYS D 121 0.19 -24.35 1.47
N SER D 122 0.74 -23.73 0.44
CA SER D 122 2.06 -24.05 -0.11
C SER D 122 2.74 -22.74 -0.43
N ALA D 123 4.06 -22.68 -0.26
CA ALA D 123 4.74 -21.39 -0.22
C ALA D 123 5.98 -21.39 -1.09
N VAL D 124 6.22 -20.25 -1.77
CA VAL D 124 7.32 -20.03 -2.71
C VAL D 124 7.84 -18.60 -2.57
N TYR D 125 9.17 -18.45 -2.48
CA TYR D 125 9.78 -17.13 -2.35
C TYR D 125 10.25 -16.64 -3.70
N ASN D 126 10.15 -15.33 -3.93
CA ASN D 126 10.70 -14.69 -5.11
C ASN D 126 10.86 -13.20 -4.85
N ASN D 127 12.10 -12.73 -4.78
CA ASN D 127 12.41 -11.29 -4.86
C ASN D 127 11.63 -10.47 -3.82
N GLU D 128 12.07 -10.63 -2.57
CA GLU D 128 11.58 -9.89 -1.39
C GLU D 128 10.06 -9.98 -1.18
N PHE D 129 9.46 -11.06 -1.69
CA PHE D 129 8.08 -11.48 -1.46
C PHE D 129 8.03 -13.00 -1.35
N TYR D 130 7.29 -13.50 -0.36
CA TYR D 130 6.75 -14.86 -0.37
C TYR D 130 5.34 -14.90 -0.94
N TYR D 131 5.06 -15.97 -1.68
CA TYR D 131 3.76 -16.23 -2.27
C TYR D 131 3.23 -17.53 -1.67
N VAL D 132 1.99 -17.51 -1.21
CA VAL D 132 1.42 -18.65 -0.52
C VAL D 132 0.09 -19.01 -1.19
N LEU D 133 0.08 -20.19 -1.82
CA LEU D 133 -1.06 -20.71 -2.53
C LEU D 133 -1.78 -21.66 -1.60
N CYS D 134 -3.06 -21.44 -1.39
CA CYS D 134 -3.87 -22.28 -0.52
C CYS D 134 -5.18 -22.61 -1.23
N ALA D 135 -5.71 -23.78 -0.94
CA ALA D 135 -7.05 -24.11 -1.39
C ALA D 135 -8.06 -23.49 -0.44
N VAL D 136 -9.12 -22.91 -0.99
CA VAL D 136 -10.20 -22.38 -0.19
C VAL D 136 -11.43 -23.23 -0.41
N SER D 137 -11.98 -23.72 0.69
CA SER D 137 -13.03 -24.71 0.65
C SER D 137 -14.01 -24.48 1.78
N THR D 138 -15.27 -24.34 1.41
CA THR D 138 -16.37 -24.27 2.36
C THR D 138 -16.89 -25.65 2.76
N VAL D 139 -16.36 -26.72 2.18
CA VAL D 139 -16.91 -28.06 2.33
C VAL D 139 -15.93 -29.04 2.94
N GLY D 140 -14.83 -28.57 3.49
CA GLY D 140 -13.94 -29.41 4.26
C GLY D 140 -12.60 -29.59 3.57
N ASP D 141 -11.78 -30.47 4.15
CA ASP D 141 -10.52 -30.82 3.50
C ASP D 141 -10.80 -31.34 2.10
N PRO D 142 -10.33 -30.67 1.05
CA PRO D 142 -10.71 -31.10 -0.30
C PRO D 142 -10.17 -32.47 -0.68
N ILE D 143 -9.07 -32.93 -0.07
CA ILE D 143 -8.70 -34.32 -0.30
C ILE D 143 -9.81 -35.24 0.17
N LEU D 144 -10.59 -34.79 1.15
CA LEU D 144 -11.61 -35.63 1.78
C LEU D 144 -13.02 -35.42 1.26
N ASN D 145 -13.32 -34.29 0.66
CA ASN D 145 -14.65 -34.09 0.11
C ASN D 145 -14.58 -33.65 -1.34
N SER D 146 -13.71 -34.28 -2.13
CA SER D 146 -13.27 -33.69 -3.39
C SER D 146 -14.42 -33.48 -4.36
N THR D 147 -15.33 -34.45 -4.47
CA THR D 147 -16.48 -34.28 -5.34
C THR D 147 -17.34 -33.06 -4.99
N TYR D 148 -17.17 -32.46 -3.81
CA TYR D 148 -17.93 -31.29 -3.40
C TYR D 148 -17.08 -30.02 -3.31
N TRP D 149 -15.81 -30.06 -3.68
CA TRP D 149 -14.95 -28.90 -3.54
C TRP D 149 -15.01 -27.97 -4.74
N SER D 150 -15.12 -26.67 -4.45
CA SER D 150 -15.29 -25.68 -5.50
C SER D 150 -14.10 -25.59 -6.43
N GLY D 151 -12.91 -26.05 -6.02
CA GLY D 151 -11.70 -25.88 -6.80
C GLY D 151 -11.03 -24.54 -6.64
N SER D 152 -11.64 -23.64 -5.87
CA SER D 152 -11.15 -22.26 -5.72
C SER D 152 -9.83 -22.21 -4.95
N LEU D 153 -8.92 -21.38 -5.44
CA LEU D 153 -7.60 -21.24 -4.87
C LEU D 153 -7.42 -19.77 -4.43
N MET D 154 -6.47 -19.56 -3.54
CA MET D 154 -6.15 -18.23 -3.06
C MET D 154 -4.65 -18.10 -3.05
N MET D 155 -4.18 -16.90 -3.34
CA MET D 155 -2.76 -16.61 -3.38
C MET D 155 -2.51 -15.36 -2.55
N THR D 156 -1.56 -15.44 -1.64
CA THR D 156 -1.24 -14.37 -0.72
C THR D 156 0.24 -14.04 -0.85
N ARG D 157 0.54 -12.78 -1.17
CA ARG D 157 1.91 -12.27 -1.17
C ARG D 157 2.17 -11.56 0.16
N LEU D 158 3.23 -11.94 0.86
CA LEU D 158 3.66 -11.23 2.05
C LEU D 158 5.08 -10.71 1.86
N ALA D 159 5.29 -9.43 2.11
CA ALA D 159 6.64 -8.93 2.08
C ALA D 159 7.48 -9.61 3.16
N VAL D 160 8.64 -10.14 2.76
CA VAL D 160 9.53 -10.66 3.79
C VAL D 160 9.99 -9.55 4.72
N LYS D 161 10.13 -8.32 4.21
CA LYS D 161 10.60 -7.20 5.03
C LYS D 161 9.65 -6.00 4.91
N PRO D 162 8.53 -6.03 5.63
CA PRO D 162 7.50 -5.00 5.44
C PRO D 162 7.99 -3.59 5.75
N LYS D 163 7.22 -2.61 5.30
CA LYS D 163 7.56 -1.21 5.49
C LYS D 163 6.38 -0.53 6.15
N SER D 164 6.66 0.52 6.92
CA SER D 164 5.59 1.32 7.53
C SER D 164 4.69 1.92 6.45
N ASN D 165 3.39 1.86 6.67
CA ASN D 165 2.41 2.31 5.68
C ASN D 165 2.57 1.59 4.34
N GLY D 166 3.14 0.40 4.36
CA GLY D 166 3.44 -0.33 3.15
C GLY D 166 2.27 -0.97 2.44
N GLY D 167 1.03 -0.62 2.79
CA GLY D 167 -0.12 -1.03 2.00
C GLY D 167 -0.06 -2.43 1.44
N GLY D 168 -0.44 -2.57 0.16
CA GLY D 168 -0.42 -3.87 -0.49
C GLY D 168 0.97 -4.48 -0.60
N TYR D 169 2.02 -3.68 -0.49
CA TYR D 169 3.37 -4.24 -0.50
C TYR D 169 3.61 -5.11 0.72
N ASN D 170 3.08 -4.69 1.88
CA ASN D 170 3.23 -5.48 3.09
C ASN D 170 2.48 -6.80 2.94
N GLN D 171 1.22 -6.72 2.49
CA GLN D 171 0.36 -7.90 2.36
C GLN D 171 -0.68 -7.70 1.27
N HIS D 172 -0.78 -8.64 0.33
CA HIS D 172 -1.71 -8.52 -0.78
C HIS D 172 -2.30 -9.87 -1.17
N GLN D 173 -3.58 -9.86 -1.51
CA GLN D 173 -4.32 -11.07 -1.83
C GLN D 173 -4.60 -11.08 -3.33
N LEU D 174 -3.82 -11.85 -4.08
CA LEU D 174 -3.87 -11.81 -5.53
C LEU D 174 -5.15 -12.48 -6.04
N ALA D 175 -5.57 -12.06 -7.24
CA ALA D 175 -6.79 -12.59 -7.87
C ALA D 175 -6.48 -13.81 -8.72
N LEU D 176 -6.89 -15.00 -8.24
CA LEU D 176 -6.64 -16.25 -8.98
C LEU D 176 -7.80 -16.58 -9.91
N ARG D 177 -7.82 -15.85 -11.03
CA ARG D 177 -8.92 -15.92 -11.99
C ARG D 177 -8.87 -17.23 -12.76
N SER D 178 -7.84 -17.39 -13.59
CA SER D 178 -7.80 -18.52 -14.51
C SER D 178 -7.01 -19.66 -13.87
N ILE D 179 -7.67 -20.81 -13.69
CA ILE D 179 -6.98 -22.04 -13.30
C ILE D 179 -7.03 -22.98 -14.51
N GLU D 180 -5.88 -23.20 -15.14
CA GLU D 180 -5.75 -24.07 -16.31
C GLU D 180 -5.29 -25.43 -15.84
N LYS D 181 -6.08 -26.48 -16.15
CA LYS D 181 -5.99 -27.73 -15.41
C LYS D 181 -5.93 -28.98 -16.26
N GLY D 182 -5.77 -28.86 -17.57
CA GLY D 182 -5.79 -30.04 -18.44
C GLY D 182 -6.99 -30.93 -18.18
N ARG D 183 -6.76 -32.24 -18.24
CA ARG D 183 -7.90 -33.16 -18.11
C ARG D 183 -8.39 -33.26 -16.71
N TYR D 184 -7.92 -32.44 -15.78
CA TYR D 184 -8.24 -32.61 -14.36
C TYR D 184 -9.43 -31.75 -13.97
N ASP D 185 -10.30 -32.31 -13.15
CA ASP D 185 -11.43 -31.56 -12.61
C ASP D 185 -10.94 -30.35 -11.82
N LYS D 186 -10.05 -30.60 -10.85
CA LYS D 186 -9.56 -29.61 -9.90
C LYS D 186 -8.11 -29.88 -9.61
N VAL D 187 -7.34 -28.82 -9.50
CA VAL D 187 -5.96 -28.85 -9.04
C VAL D 187 -5.88 -28.04 -7.75
N MET D 188 -4.87 -28.34 -6.93
CA MET D 188 -4.70 -27.71 -5.64
C MET D 188 -3.24 -27.81 -5.23
N PRO D 189 -2.73 -26.86 -4.43
CA PRO D 189 -1.40 -27.02 -3.84
C PRO D 189 -1.41 -28.16 -2.85
N TYR D 190 -0.38 -29.00 -2.91
CA TYR D 190 -0.31 -30.17 -2.00
C TYR D 190 1.15 -30.36 -1.63
N GLY D 191 1.63 -29.54 -0.71
CA GLY D 191 3.04 -29.63 -0.31
C GLY D 191 3.46 -28.34 0.35
N PRO D 192 4.59 -28.28 1.06
CA PRO D 192 4.94 -27.06 1.77
C PRO D 192 5.74 -26.01 0.99
N SER D 193 6.66 -26.43 0.12
CA SER D 193 7.56 -25.45 -0.51
C SER D 193 7.74 -25.68 -2.00
N GLY D 194 8.01 -24.62 -2.74
CA GLY D 194 8.28 -24.71 -4.17
C GLY D 194 9.55 -23.97 -4.54
N ILE D 195 9.64 -23.58 -5.81
CA ILE D 195 10.80 -22.93 -6.37
C ILE D 195 10.36 -21.75 -7.23
N LYS D 196 11.33 -20.93 -7.62
CA LYS D 196 11.12 -19.95 -8.68
C LYS D 196 12.17 -20.19 -9.75
N GLN D 197 11.74 -20.03 -10.99
CA GLN D 197 12.69 -20.13 -12.13
C GLN D 197 12.53 -18.82 -12.89
N GLY D 198 13.13 -17.75 -12.35
CA GLY D 198 13.02 -16.43 -12.97
C GLY D 198 11.86 -15.66 -12.40
N ASP D 199 10.74 -15.63 -13.11
CA ASP D 199 9.57 -14.86 -12.67
C ASP D 199 8.43 -15.83 -12.47
N THR D 200 8.73 -17.12 -12.61
CA THR D 200 7.65 -18.07 -12.52
C THR D 200 7.80 -18.93 -11.28
N LEU D 201 6.70 -19.07 -10.56
CA LEU D 201 6.66 -19.91 -9.39
C LEU D 201 6.17 -21.30 -9.78
N TYR D 202 6.74 -22.32 -9.14
CA TYR D 202 6.26 -23.69 -9.25
C TYR D 202 5.98 -24.21 -7.85
N PHE D 203 4.71 -24.38 -7.52
CA PHE D 203 4.19 -24.89 -6.25
C PHE D 203 3.99 -26.40 -6.33
N PRO D 204 4.36 -27.20 -5.33
CA PRO D 204 3.98 -28.61 -5.33
C PRO D 204 2.46 -28.77 -5.22
N ALA D 205 1.90 -29.47 -6.18
CA ALA D 205 0.46 -29.53 -6.37
C ALA D 205 -0.02 -30.97 -6.42
N VAL D 206 -1.33 -31.08 -6.66
CA VAL D 206 -1.99 -32.35 -6.93
C VAL D 206 -3.15 -32.08 -7.89
N GLY D 207 -3.32 -32.96 -8.87
CA GLY D 207 -4.46 -32.92 -9.78
C GLY D 207 -5.47 -33.98 -9.39
N PHE D 208 -6.76 -33.62 -9.49
CA PHE D 208 -7.88 -34.51 -9.23
C PHE D 208 -8.48 -34.97 -10.56
N LEU D 209 -8.29 -36.25 -10.90
CA LEU D 209 -8.74 -36.82 -12.16
C LEU D 209 -9.84 -37.84 -11.89
N VAL D 210 -10.99 -37.67 -12.55
CA VAL D 210 -12.06 -38.67 -12.40
C VAL D 210 -11.52 -40.03 -12.76
N ARG D 211 -11.82 -41.02 -11.92
CA ARG D 211 -11.13 -42.29 -12.00
C ARG D 211 -11.30 -42.93 -13.36
N THR D 212 -12.47 -42.74 -13.96
CA THR D 212 -12.78 -43.40 -15.22
C THR D 212 -11.93 -42.90 -16.37
N GLU D 213 -11.36 -41.70 -16.28
CA GLU D 213 -10.52 -41.21 -17.36
C GLU D 213 -9.07 -41.58 -17.15
N PHE D 214 -8.75 -42.23 -16.04
CA PHE D 214 -7.37 -42.50 -15.70
C PHE D 214 -6.88 -43.67 -16.51
N LYS D 215 -5.82 -43.46 -17.27
CA LYS D 215 -5.30 -44.46 -18.19
C LYS D 215 -4.13 -45.17 -17.51
N TYR D 216 -4.29 -46.47 -17.27
CA TYR D 216 -3.26 -47.22 -16.57
C TYR D 216 -3.22 -48.65 -17.10
N ASN D 217 -2.00 -49.14 -17.30
CA ASN D 217 -1.74 -50.53 -17.65
C ASN D 217 -1.42 -51.31 -16.39
N ASP D 218 -2.40 -52.08 -15.91
CA ASP D 218 -2.18 -52.85 -14.71
C ASP D 218 -1.05 -53.86 -14.87
N SER D 219 -0.62 -54.15 -16.09
CA SER D 219 0.51 -55.06 -16.20
C SER D 219 1.79 -54.43 -15.71
N ASN D 220 1.80 -53.12 -15.49
CA ASN D 220 2.98 -52.47 -14.96
C ASN D 220 3.03 -52.41 -13.45
N CYS D 221 1.99 -52.86 -12.77
CA CYS D 221 2.02 -52.90 -11.31
C CYS D 221 3.01 -53.96 -10.85
N PRO D 222 4.07 -53.60 -10.14
CA PRO D 222 5.18 -54.53 -9.92
C PRO D 222 4.95 -55.51 -8.79
N ILE D 223 4.39 -56.68 -9.09
CA ILE D 223 4.02 -57.62 -8.03
C ILE D 223 4.74 -58.96 -8.18
N THR D 224 5.93 -58.94 -8.78
CA THR D 224 6.61 -60.19 -9.11
C THR D 224 6.91 -61.00 -7.86
N LYS D 225 7.63 -60.40 -6.91
CA LYS D 225 7.92 -61.06 -5.64
C LYS D 225 6.89 -60.73 -4.55
N CYS D 226 5.64 -60.47 -4.92
CA CYS D 226 4.56 -60.10 -4.00
C CYS D 226 3.41 -61.09 -4.13
N GLN D 227 3.43 -62.17 -3.36
CA GLN D 227 2.47 -63.21 -3.71
C GLN D 227 1.03 -62.88 -3.32
N TYR D 228 0.78 -61.87 -2.50
CA TYR D 228 -0.57 -61.59 -2.06
C TYR D 228 -1.16 -60.34 -2.70
N SER D 229 -0.50 -59.76 -3.69
CA SER D 229 -1.04 -58.67 -4.48
C SER D 229 -1.85 -59.22 -5.66
N LYS D 230 -2.42 -58.31 -6.42
CA LYS D 230 -3.01 -58.56 -7.72
C LYS D 230 -2.53 -57.44 -8.64
N PRO D 231 -2.56 -57.67 -9.95
CA PRO D 231 -2.06 -56.66 -10.87
C PRO D 231 -2.68 -55.28 -10.71
N GLU D 232 -3.85 -55.15 -10.09
CA GLU D 232 -4.54 -53.88 -10.15
C GLU D 232 -4.49 -53.10 -8.84
N ASN D 233 -3.64 -53.48 -7.89
CA ASN D 233 -3.61 -52.66 -6.70
C ASN D 233 -3.10 -51.24 -7.02
N CYS D 234 -2.05 -51.12 -7.82
CA CYS D 234 -1.52 -49.79 -8.18
C CYS D 234 -2.64 -48.86 -8.61
N ARG D 235 -3.31 -49.22 -9.70
CA ARG D 235 -4.44 -48.44 -10.19
C ARG D 235 -5.43 -48.12 -9.10
N LEU D 236 -5.73 -49.10 -8.24
CA LEU D 236 -6.75 -48.92 -7.21
C LEU D 236 -6.30 -47.93 -6.13
N SER D 237 -5.01 -47.92 -5.77
CA SER D 237 -4.55 -46.99 -4.76
C SER D 237 -4.01 -45.67 -5.34
N MET D 238 -4.44 -45.30 -6.55
CA MET D 238 -4.22 -43.92 -6.97
C MET D 238 -5.30 -43.01 -6.40
N GLY D 239 -6.21 -43.58 -5.61
CA GLY D 239 -7.24 -42.81 -4.97
C GLY D 239 -7.18 -43.07 -3.48
N ILE D 240 -8.00 -42.30 -2.74
CA ILE D 240 -8.00 -42.52 -1.32
C ILE D 240 -8.84 -43.74 -0.97
N ARG D 241 -9.71 -44.18 -1.88
CA ARG D 241 -10.38 -45.45 -1.71
C ARG D 241 -10.33 -46.16 -3.06
N PRO D 242 -10.41 -47.49 -3.09
CA PRO D 242 -10.37 -48.16 -4.39
C PRO D 242 -11.53 -47.77 -5.29
N ASN D 243 -12.66 -47.30 -4.74
CA ASN D 243 -13.75 -46.80 -5.55
C ASN D 243 -13.89 -45.28 -5.46
N SER D 244 -12.82 -44.57 -5.14
CA SER D 244 -12.86 -43.12 -5.07
C SER D 244 -13.24 -42.54 -6.43
N HIS D 245 -13.93 -41.41 -6.39
CA HIS D 245 -14.33 -40.79 -7.64
C HIS D 245 -13.12 -40.31 -8.42
N TYR D 246 -12.13 -39.73 -7.73
CA TYR D 246 -10.96 -39.15 -8.35
C TYR D 246 -9.75 -40.01 -8.05
N ILE D 247 -8.73 -39.85 -8.87
CA ILE D 247 -7.38 -40.22 -8.49
C ILE D 247 -6.63 -38.94 -8.18
N LEU D 248 -5.53 -39.09 -7.45
CA LEU D 248 -4.65 -37.98 -7.14
C LEU D 248 -3.37 -38.18 -7.93
N ARG D 249 -2.99 -37.17 -8.71
CA ARG D 249 -1.72 -37.18 -9.42
C ARG D 249 -0.91 -35.99 -8.92
N SER D 250 0.31 -36.26 -8.47
CA SER D 250 1.10 -35.15 -7.98
C SER D 250 1.65 -34.33 -9.15
N GLY D 251 2.01 -33.10 -8.85
CA GLY D 251 2.68 -32.30 -9.86
C GLY D 251 2.92 -30.90 -9.36
N LEU D 252 2.97 -29.97 -10.32
CA LEU D 252 3.29 -28.57 -10.03
C LEU D 252 2.12 -27.68 -10.45
N LEU D 253 2.04 -26.51 -9.82
CA LEU D 253 1.23 -25.41 -10.29
C LEU D 253 2.17 -24.26 -10.62
N LYS D 254 2.23 -23.88 -11.92
CA LYS D 254 3.10 -22.82 -12.42
C LYS D 254 2.35 -21.51 -12.35
N TYR D 255 2.95 -20.52 -11.69
CA TYR D 255 2.42 -19.16 -11.59
C TYR D 255 3.43 -18.21 -12.23
N ASN D 256 3.09 -17.66 -13.39
CA ASN D 256 3.98 -16.76 -14.11
C ASN D 256 3.73 -15.32 -13.68
N LEU D 257 4.67 -14.74 -12.91
CA LEU D 257 4.39 -13.42 -12.33
C LEU D 257 4.20 -12.36 -13.40
N SER D 258 4.79 -12.55 -14.57
CA SER D 258 4.74 -11.59 -15.64
C SER D 258 3.73 -11.94 -16.72
N ASP D 259 2.75 -12.76 -16.40
CA ASP D 259 1.67 -13.17 -17.29
C ASP D 259 0.47 -12.26 -17.09
N GLY D 260 0.69 -10.98 -17.41
CA GLY D 260 -0.38 -10.00 -17.42
C GLY D 260 -0.75 -9.50 -16.03
N GLU D 261 -1.93 -8.86 -15.97
CA GLU D 261 -2.36 -8.23 -14.72
C GLU D 261 -2.79 -9.27 -13.69
N ASN D 262 -3.52 -10.30 -14.14
CA ASN D 262 -3.85 -11.47 -13.33
C ASN D 262 -3.27 -12.68 -14.04
N PRO D 263 -2.19 -13.26 -13.53
CA PRO D 263 -1.63 -14.46 -14.14
C PRO D 263 -2.42 -15.71 -13.75
N LYS D 264 -2.42 -16.67 -14.66
CA LYS D 264 -3.11 -17.91 -14.38
C LYS D 264 -2.18 -18.86 -13.66
N VAL D 265 -2.78 -19.78 -12.94
CA VAL D 265 -2.08 -20.93 -12.40
C VAL D 265 -2.32 -22.09 -13.36
N VAL D 266 -1.29 -22.89 -13.63
CA VAL D 266 -1.36 -23.93 -14.66
C VAL D 266 -0.78 -25.24 -14.13
N PHE D 267 -1.52 -26.32 -14.28
CA PHE D 267 -1.09 -27.61 -13.75
C PHE D 267 -0.08 -28.29 -14.65
N ILE D 268 0.89 -28.94 -14.03
CA ILE D 268 1.93 -29.72 -14.69
C ILE D 268 1.95 -31.05 -13.98
N GLU D 269 1.65 -32.14 -14.68
CA GLU D 269 1.64 -33.42 -14.00
C GLU D 269 3.06 -33.98 -13.89
N ILE D 270 3.30 -34.71 -12.80
CA ILE D 270 4.51 -35.51 -12.71
C ILE D 270 4.41 -36.67 -13.69
N SER D 271 5.54 -37.07 -14.26
CA SER D 271 5.49 -38.17 -15.21
C SER D 271 5.00 -39.45 -14.52
N ASP D 272 4.62 -40.44 -15.31
CA ASP D 272 4.13 -41.68 -14.74
C ASP D 272 5.25 -42.59 -14.26
N GLN D 273 6.48 -42.13 -14.32
CA GLN D 273 7.61 -42.88 -13.78
C GLN D 273 7.42 -43.13 -12.29
N ARG D 274 7.49 -44.39 -11.88
CA ARG D 274 7.42 -44.83 -10.48
C ARG D 274 6.19 -44.21 -9.80
N LEU D 275 5.08 -44.26 -10.51
CA LEU D 275 3.87 -43.55 -10.11
C LEU D 275 3.33 -44.08 -8.79
N SER D 276 2.89 -43.16 -7.94
CA SER D 276 2.35 -43.40 -6.62
C SER D 276 1.25 -42.37 -6.41
N ILE D 277 0.38 -42.62 -5.42
CA ILE D 277 -0.72 -41.69 -5.16
C ILE D 277 -0.23 -40.24 -5.02
N GLY D 278 -1.01 -39.30 -5.58
CA GLY D 278 -0.78 -37.90 -5.38
C GLY D 278 -0.63 -37.59 -3.92
N SER D 279 0.50 -37.04 -3.53
CA SER D 279 0.73 -36.89 -2.12
C SER D 279 1.37 -35.54 -1.87
N PRO D 280 1.53 -35.14 -0.60
CA PRO D 280 2.21 -33.89 -0.30
C PRO D 280 3.65 -33.97 -0.75
N SER D 281 4.10 -32.92 -1.42
CA SER D 281 5.34 -32.99 -2.15
C SER D 281 6.08 -31.68 -1.97
N LYS D 282 7.25 -31.58 -2.59
CA LYS D 282 8.12 -30.44 -2.40
C LYS D 282 9.11 -30.41 -3.56
N ILE D 283 9.36 -29.23 -4.11
CA ILE D 283 10.38 -29.01 -5.13
C ILE D 283 11.29 -27.92 -4.60
N TYR D 284 12.59 -28.15 -4.66
CA TYR D 284 13.52 -27.24 -4.01
C TYR D 284 14.83 -27.16 -4.78
N ASP D 285 15.50 -26.02 -4.65
CA ASP D 285 16.76 -25.79 -5.33
C ASP D 285 17.90 -26.26 -4.45
N SER D 286 18.85 -26.94 -5.06
CA SER D 286 20.05 -27.37 -4.34
C SER D 286 21.19 -27.51 -5.34
N LEU D 287 22.18 -26.63 -5.19
CA LEU D 287 23.41 -26.65 -5.95
C LEU D 287 23.20 -26.26 -7.42
N GLY D 288 22.16 -25.46 -7.69
CA GLY D 288 21.87 -24.97 -9.01
C GLY D 288 20.66 -25.62 -9.68
N GLN D 289 20.31 -26.87 -9.32
CA GLN D 289 19.27 -27.61 -9.99
C GLN D 289 18.17 -28.04 -9.03
N PRO D 290 16.92 -28.14 -9.50
CA PRO D 290 15.81 -28.53 -8.63
C PRO D 290 15.78 -30.02 -8.29
N VAL D 291 15.27 -30.30 -7.08
CA VAL D 291 15.03 -31.64 -6.55
C VAL D 291 13.54 -31.76 -6.20
N PHE D 292 12.99 -32.96 -6.32
CA PHE D 292 11.56 -33.16 -6.06
C PHE D 292 11.34 -34.28 -5.05
N TYR D 293 10.45 -34.06 -4.08
CA TYR D 293 10.17 -35.07 -3.06
C TYR D 293 8.68 -35.34 -3.00
N GLN D 294 8.31 -36.62 -2.90
CA GLN D 294 6.92 -37.07 -2.87
C GLN D 294 6.69 -38.02 -1.71
N ALA D 295 5.69 -37.70 -0.90
CA ALA D 295 5.39 -38.50 0.27
C ALA D 295 4.83 -39.85 -0.15
N SER D 296 5.25 -40.88 0.56
CA SER D 296 4.81 -42.22 0.23
C SER D 296 3.56 -42.49 1.07
N PHE D 297 2.40 -42.09 0.55
CA PHE D 297 1.13 -42.30 1.25
C PHE D 297 0.41 -43.55 0.81
N SER D 298 1.14 -44.53 0.30
CA SER D 298 0.53 -45.71 -0.28
C SER D 298 1.54 -46.82 -0.12
N TRP D 299 1.41 -47.86 -0.94
CA TRP D 299 2.19 -49.08 -0.78
C TRP D 299 3.67 -48.90 -1.10
N ASP D 300 3.99 -48.03 -2.06
CA ASP D 300 5.40 -47.73 -2.34
C ASP D 300 5.96 -46.89 -1.19
N THR D 301 6.58 -47.52 -0.18
CA THR D 301 6.92 -46.80 1.03
C THR D 301 8.35 -46.29 1.05
N MET D 302 9.22 -46.79 0.17
CA MET D 302 10.57 -46.24 0.11
C MET D 302 10.56 -44.77 -0.33
N ILE D 303 11.51 -44.01 0.22
CA ILE D 303 11.58 -42.58 -0.04
C ILE D 303 11.64 -42.32 -1.54
N LYS D 304 10.85 -41.34 -1.98
CA LYS D 304 10.77 -40.98 -3.39
C LYS D 304 11.27 -39.55 -3.52
N PHE D 305 12.48 -39.40 -4.03
CA PHE D 305 12.98 -38.09 -4.34
C PHE D 305 14.14 -38.24 -5.29
N GLY D 306 14.30 -37.24 -6.14
CA GLY D 306 15.44 -37.19 -7.03
C GLY D 306 15.58 -35.81 -7.62
N ASP D 307 16.62 -35.66 -8.43
CA ASP D 307 16.75 -34.46 -9.23
C ASP D 307 15.64 -34.41 -10.27
N VAL D 308 15.13 -33.21 -10.50
CA VAL D 308 14.19 -33.01 -11.58
C VAL D 308 14.97 -33.00 -12.87
N LEU D 309 14.62 -33.89 -13.80
CA LEU D 309 15.20 -33.84 -15.13
C LEU D 309 14.70 -32.62 -15.89
N THR D 310 13.38 -32.45 -15.95
CA THR D 310 12.74 -31.25 -16.45
C THR D 310 11.57 -30.84 -15.54
N VAL D 311 11.48 -29.52 -15.31
CA VAL D 311 10.36 -28.93 -14.56
C VAL D 311 9.08 -29.00 -15.39
N ASN D 312 9.19 -29.07 -16.71
CA ASN D 312 7.99 -29.14 -17.52
C ASN D 312 8.20 -29.82 -18.88
N PRO D 313 7.56 -30.95 -19.16
CA PRO D 313 6.77 -31.82 -18.26
C PRO D 313 7.56 -32.20 -17.01
N LEU D 314 6.93 -32.46 -15.87
CA LEU D 314 7.72 -32.71 -14.66
C LEU D 314 8.28 -34.11 -14.71
N VAL D 315 9.59 -34.23 -14.76
CA VAL D 315 10.22 -35.55 -14.82
C VAL D 315 11.31 -35.61 -13.75
N VAL D 316 11.26 -36.63 -12.92
CA VAL D 316 12.03 -36.69 -11.69
C VAL D 316 12.84 -37.97 -11.73
N ASN D 317 14.16 -37.85 -11.85
CA ASN D 317 15.01 -39.02 -11.74
C ASN D 317 15.00 -39.47 -10.29
N TRP D 318 14.07 -40.35 -9.94
CA TRP D 318 13.95 -40.81 -8.57
C TRP D 318 15.20 -41.57 -8.16
N ARG D 319 15.61 -41.39 -6.91
CA ARG D 319 16.70 -42.19 -6.38
C ARG D 319 16.17 -43.60 -6.17
N ASN D 320 17.03 -44.59 -6.43
CA ASN D 320 16.78 -45.98 -6.01
C ASN D 320 17.22 -46.10 -4.55
N ASN D 321 16.48 -45.46 -3.66
CA ASN D 321 16.90 -45.40 -2.28
C ASN D 321 16.38 -46.61 -1.50
N THR D 322 17.24 -47.20 -0.69
CA THR D 322 16.95 -48.48 -0.08
C THR D 322 17.10 -48.45 1.44
N VAL D 323 17.25 -47.27 2.03
CA VAL D 323 17.42 -47.19 3.48
C VAL D 323 16.39 -46.31 4.16
N ILE D 324 15.75 -45.38 3.48
CA ILE D 324 14.80 -44.48 4.14
C ILE D 324 13.38 -44.88 3.75
N SER D 325 12.50 -44.89 4.74
CA SER D 325 11.10 -45.14 4.47
C SER D 325 10.27 -44.24 5.37
N ARG D 326 9.05 -44.65 5.67
CA ARG D 326 8.18 -43.87 6.54
C ARG D 326 7.33 -44.86 7.31
N PRO D 327 6.92 -44.52 8.53
CA PRO D 327 5.96 -45.37 9.25
C PRO D 327 4.62 -45.39 8.53
N GLY D 328 3.93 -46.53 8.62
CA GLY D 328 2.63 -46.68 8.01
C GLY D 328 1.62 -47.28 8.98
N GLN D 329 0.55 -47.86 8.46
CA GLN D 329 -0.33 -48.65 9.30
C GLN D 329 -0.01 -50.11 9.06
N SER D 330 -1.02 -50.98 9.16
CA SER D 330 -0.76 -52.40 8.98
C SER D 330 -0.74 -52.82 7.53
N GLN D 331 -1.48 -52.13 6.66
CA GLN D 331 -1.53 -52.50 5.26
C GLN D 331 -0.23 -52.17 4.53
N CYS D 332 0.35 -51.02 4.82
CA CYS D 332 1.54 -50.56 4.12
C CYS D 332 2.50 -50.04 5.17
N PRO D 333 3.01 -50.92 6.06
CA PRO D 333 4.01 -50.50 7.04
C PRO D 333 5.30 -50.01 6.42
N ARG D 334 6.19 -49.59 7.29
CA ARG D 334 7.47 -49.09 6.84
C ARG D 334 8.21 -50.22 6.12
N PHE D 335 8.87 -49.84 5.04
CA PHE D 335 9.66 -50.73 4.20
C PHE D 335 8.79 -51.65 3.36
N ASN D 336 7.49 -51.41 3.32
CA ASN D 336 6.66 -52.19 2.41
C ASN D 336 6.99 -51.85 0.97
N THR D 337 7.10 -52.87 0.13
CA THR D 337 7.29 -52.69 -1.30
C THR D 337 6.18 -53.31 -2.12
N CYS D 338 5.25 -53.91 -1.51
CA CYS D 338 4.31 -54.63 -2.34
C CYS D 338 3.06 -53.80 -2.64
N PRO D 339 2.67 -53.69 -3.91
CA PRO D 339 1.40 -53.03 -4.26
C PRO D 339 0.18 -53.57 -3.50
N GLU D 340 -0.40 -52.69 -2.70
CA GLU D 340 -1.51 -53.00 -1.81
C GLU D 340 -2.58 -51.92 -2.02
N ILE D 341 -3.76 -52.09 -1.46
CA ILE D 341 -4.72 -51.00 -1.49
C ILE D 341 -4.57 -50.29 -0.15
N CYS D 342 -3.97 -49.11 -0.16
CA CYS D 342 -3.82 -48.43 1.13
C CYS D 342 -3.59 -46.94 0.91
N TRP D 343 -4.05 -46.13 1.85
CA TRP D 343 -3.74 -44.70 1.88
C TRP D 343 -3.30 -44.35 3.29
N GLU D 344 -1.98 -44.33 3.49
CA GLU D 344 -1.43 -44.16 4.83
C GLU D 344 0.04 -43.79 4.74
N GLY D 345 0.53 -43.15 5.80
CA GLY D 345 1.91 -42.68 5.87
C GLY D 345 1.99 -41.19 6.17
N VAL D 346 3.22 -40.75 6.44
CA VAL D 346 3.45 -39.37 6.81
C VAL D 346 4.52 -38.72 5.93
N TYR D 347 4.40 -37.40 5.77
CA TYR D 347 5.40 -36.61 5.06
C TYR D 347 6.66 -36.48 5.92
N ASN D 348 7.77 -37.11 5.50
CA ASN D 348 9.08 -36.95 6.14
C ASN D 348 10.11 -36.65 5.05
N ASP D 349 10.20 -35.40 4.57
CA ASP D 349 10.98 -35.14 3.37
C ASP D 349 12.48 -35.25 3.64
N ALA D 350 13.26 -35.10 2.58
CA ALA D 350 14.70 -34.95 2.73
C ALA D 350 15.23 -33.85 1.82
N PHE D 351 16.40 -33.34 2.16
CA PHE D 351 16.98 -32.21 1.44
C PHE D 351 18.37 -32.60 0.96
N LEU D 352 18.56 -32.58 -0.34
CA LEU D 352 19.85 -32.91 -0.95
C LEU D 352 20.91 -31.91 -0.54
N ILE D 353 21.97 -32.40 0.11
CA ILE D 353 23.06 -31.51 0.54
C ILE D 353 24.35 -31.70 -0.26
N ASP D 354 24.48 -32.79 -1.03
CA ASP D 354 25.69 -33.06 -1.79
C ASP D 354 25.29 -33.76 -3.08
N ARG D 355 25.58 -33.17 -4.26
CA ARG D 355 25.08 -33.81 -5.48
C ARG D 355 26.08 -34.77 -6.11
N ILE D 356 27.38 -34.44 -6.09
CA ILE D 356 28.37 -35.39 -6.59
C ILE D 356 28.24 -36.72 -5.86
N ASN D 357 27.99 -36.69 -4.55
CA ASN D 357 27.90 -37.90 -3.76
C ASN D 357 26.48 -38.22 -3.27
N TRP D 358 25.44 -37.52 -3.77
CA TRP D 358 24.02 -37.74 -3.43
C TRP D 358 23.78 -38.10 -1.96
N ILE D 359 24.25 -37.20 -1.10
CA ILE D 359 24.02 -37.27 0.33
C ILE D 359 22.92 -36.28 0.68
N SER D 360 21.94 -36.74 1.44
CA SER D 360 20.80 -35.91 1.78
C SER D 360 20.53 -36.03 3.26
N ALA D 361 19.86 -35.02 3.80
CA ALA D 361 19.50 -34.97 5.20
C ALA D 361 17.99 -34.85 5.33
N GLY D 362 17.45 -35.35 6.43
CA GLY D 362 16.04 -35.24 6.74
C GLY D 362 15.80 -35.89 8.08
N VAL D 363 14.59 -35.71 8.62
CA VAL D 363 14.23 -36.27 9.92
C VAL D 363 13.21 -37.38 9.65
N PHE D 364 13.58 -38.63 9.99
CA PHE D 364 12.72 -39.78 9.74
C PHE D 364 12.36 -40.40 11.08
N LEU D 365 11.34 -41.25 11.06
CA LEU D 365 10.80 -41.86 12.27
C LEU D 365 11.21 -43.34 12.35
N ASP D 366 11.93 -43.70 13.41
CA ASP D 366 12.43 -45.07 13.59
C ASP D 366 11.44 -45.93 14.36
N SER D 367 10.43 -46.43 13.65
CA SER D 367 9.59 -47.53 14.09
C SER D 367 8.81 -48.04 12.88
N ASN D 368 8.53 -49.35 12.87
CA ASN D 368 7.93 -49.98 11.69
C ASN D 368 6.53 -49.42 11.42
N GLN D 369 5.60 -49.58 12.39
CA GLN D 369 4.18 -49.27 12.20
C GLN D 369 3.67 -48.15 13.11
N THR D 370 4.40 -47.82 14.18
CA THR D 370 4.11 -46.64 15.00
C THR D 370 4.99 -45.47 14.58
N ALA D 371 4.39 -44.29 14.50
CA ALA D 371 5.14 -43.07 14.19
C ALA D 371 5.75 -42.52 15.47
N GLU D 372 7.05 -42.74 15.66
CA GLU D 372 7.74 -42.24 16.86
C GLU D 372 9.24 -42.30 16.64
N ASN D 373 9.98 -41.62 17.55
CA ASN D 373 11.44 -41.60 17.56
C ASN D 373 11.93 -40.83 16.32
N PRO D 374 11.98 -39.50 16.38
CA PRO D 374 12.47 -38.72 15.22
C PRO D 374 13.99 -38.66 15.21
N VAL D 375 14.59 -38.98 14.07
CA VAL D 375 16.04 -39.00 13.96
C VAL D 375 16.51 -38.17 12.77
N PHE D 376 17.29 -37.12 13.04
CA PHE D 376 17.97 -36.39 11.97
C PHE D 376 18.99 -37.32 11.35
N THR D 377 18.92 -37.47 10.03
CA THR D 377 19.65 -38.51 9.32
C THR D 377 20.32 -37.92 8.09
N VAL D 378 21.61 -38.22 7.93
CA VAL D 378 22.36 -37.90 6.72
C VAL D 378 22.68 -39.21 6.01
N PHE D 379 22.19 -39.36 4.78
CA PHE D 379 22.17 -40.69 4.15
C PHE D 379 22.49 -40.62 2.65
N LYS D 380 22.83 -41.80 2.12
CA LYS D 380 23.03 -42.04 0.71
C LYS D 380 21.92 -43.00 0.24
N ASP D 381 22.02 -43.45 -1.02
CA ASP D 381 20.96 -44.29 -1.60
C ASP D 381 20.82 -45.61 -0.85
N ASN D 382 21.96 -46.16 -0.41
CA ASN D 382 22.01 -47.52 0.09
C ASN D 382 22.72 -47.59 1.43
N GLU D 383 22.82 -46.48 2.13
CA GLU D 383 23.58 -46.49 3.38
C GLU D 383 23.29 -45.19 4.10
N ILE D 384 22.91 -45.27 5.35
CA ILE D 384 22.87 -44.06 6.17
C ILE D 384 24.29 -43.75 6.61
N LEU D 385 24.67 -42.47 6.61
CA LEU D 385 26.04 -42.12 7.00
C LEU D 385 26.16 -41.84 8.50
N TYR D 386 25.35 -40.94 9.05
CA TYR D 386 25.34 -40.70 10.47
C TYR D 386 24.00 -40.12 10.89
N ARG D 387 23.71 -40.23 12.18
CA ARG D 387 22.42 -39.74 12.66
C ARG D 387 22.59 -39.10 14.04
N ALA D 388 21.46 -38.65 14.56
CA ALA D 388 21.38 -38.02 15.87
C ALA D 388 19.91 -38.05 16.27
N GLN D 389 19.61 -38.69 17.39
CA GLN D 389 18.25 -38.71 17.89
C GLN D 389 17.87 -37.29 18.29
N LEU D 390 16.59 -36.97 18.12
CA LEU D 390 16.11 -35.71 18.62
C LEU D 390 15.30 -35.91 19.90
N ALA D 391 14.91 -37.13 20.22
CA ALA D 391 14.26 -37.36 21.51
C ALA D 391 14.53 -38.80 21.98
N SER D 392 13.58 -39.38 22.70
CA SER D 392 13.64 -40.78 23.08
C SER D 392 12.77 -41.60 22.13
N GLU D 393 13.07 -42.90 22.04
CA GLU D 393 12.31 -43.78 21.16
C GLU D 393 10.82 -43.81 21.49
N ASP D 394 10.40 -43.33 22.67
CA ASP D 394 8.98 -43.30 22.99
C ASP D 394 8.23 -42.20 22.28
N THR D 395 8.89 -41.07 22.00
CA THR D 395 8.20 -39.82 21.70
C THR D 395 7.64 -39.85 20.29
N ASN D 396 6.33 -39.66 20.18
CA ASN D 396 5.64 -39.70 18.91
C ASN D 396 5.89 -38.42 18.12
N ALA D 397 5.95 -38.56 16.79
CA ALA D 397 6.52 -37.55 15.92
C ALA D 397 5.59 -37.07 14.82
N GLN D 398 5.22 -37.93 13.86
CA GLN D 398 4.54 -37.49 12.63
C GLN D 398 5.38 -36.61 11.67
N LYS D 399 4.88 -35.44 11.26
CA LYS D 399 5.43 -34.76 10.09
C LYS D 399 6.79 -34.09 10.33
N THR D 400 7.67 -34.18 9.33
CA THR D 400 8.95 -33.46 9.38
C THR D 400 9.28 -32.80 8.04
N ILE D 401 9.75 -31.55 8.13
CA ILE D 401 10.13 -30.73 6.98
C ILE D 401 11.56 -30.30 7.21
N THR D 402 12.42 -30.48 6.21
CA THR D 402 13.84 -30.20 6.38
C THR D 402 14.33 -29.33 5.23
N ASN D 403 15.06 -28.25 5.58
CA ASN D 403 15.60 -27.35 4.57
C ASN D 403 17.03 -27.04 4.93
N CYS D 404 17.90 -26.93 3.94
CA CYS D 404 19.31 -26.73 4.20
C CYS D 404 19.84 -25.54 3.39
N PHE D 405 20.91 -24.96 3.88
CA PHE D 405 21.38 -23.66 3.42
C PHE D 405 22.82 -23.44 3.89
N LEU D 406 23.31 -22.24 3.61
CA LEU D 406 24.67 -21.86 3.95
C LEU D 406 24.65 -20.76 5.00
N LEU D 407 25.56 -20.88 5.96
CA LEU D 407 25.86 -19.84 6.93
C LEU D 407 27.37 -19.83 7.08
N LYS D 408 28.01 -18.74 6.61
CA LYS D 408 29.46 -18.70 6.44
C LYS D 408 29.95 -19.98 5.73
N ASN D 409 29.29 -20.29 4.61
CA ASN D 409 29.66 -21.36 3.69
C ASN D 409 29.67 -22.74 4.34
N LYS D 410 28.81 -22.97 5.34
CA LYS D 410 28.76 -24.25 6.05
C LYS D 410 27.33 -24.76 5.96
N ILE D 411 27.18 -26.03 5.57
CA ILE D 411 25.84 -26.61 5.40
C ILE D 411 25.16 -26.70 6.77
N TRP D 412 23.98 -26.11 6.85
CA TRP D 412 23.13 -26.17 8.01
C TRP D 412 21.77 -26.65 7.54
N CYS D 413 21.04 -27.35 8.40
CA CYS D 413 19.67 -27.71 8.10
C CYS D 413 18.79 -27.26 9.25
N ILE D 414 17.63 -26.74 8.94
CA ILE D 414 16.61 -26.48 9.94
C ILE D 414 15.48 -27.47 9.64
N SER D 415 15.11 -28.25 10.65
CA SER D 415 14.04 -29.22 10.48
C SER D 415 12.89 -28.78 11.35
N LEU D 416 11.68 -28.93 10.82
CA LEU D 416 10.47 -28.77 11.62
C LEU D 416 9.89 -30.15 11.88
N VAL D 417 9.74 -30.49 13.15
CA VAL D 417 9.38 -31.84 13.55
C VAL D 417 8.18 -31.76 14.49
N GLU D 418 7.07 -32.39 14.10
CA GLU D 418 5.92 -32.44 15.00
C GLU D 418 6.23 -33.38 16.17
N ILE D 419 5.76 -33.00 17.37
CA ILE D 419 5.92 -33.87 18.56
C ILE D 419 4.63 -33.88 19.40
N ASP D 424 5.05 -33.83 26.37
CA ASP D 424 4.14 -32.78 25.91
C ASP D 424 2.66 -33.04 26.21
N ASN D 425 1.89 -31.95 26.18
CA ASN D 425 0.48 -32.02 26.51
C ASN D 425 -0.33 -32.58 25.34
N VAL D 426 -0.11 -32.03 24.12
CA VAL D 426 -0.55 -32.58 22.83
C VAL D 426 0.57 -32.38 21.81
N ILE D 427 0.31 -32.80 20.57
CA ILE D 427 1.31 -32.68 19.49
C ILE D 427 1.47 -31.23 19.07
N ARG D 428 2.72 -30.78 18.93
CA ARG D 428 3.02 -29.40 18.56
C ARG D 428 4.29 -29.38 17.72
N PRO D 429 4.54 -28.28 17.00
CA PRO D 429 5.75 -28.17 16.16
C PRO D 429 6.95 -27.62 16.90
N LYS D 430 8.11 -28.18 16.58
CA LYS D 430 9.36 -27.86 17.26
C LYS D 430 10.49 -27.77 16.24
N LEU D 431 11.27 -26.70 16.30
CA LEU D 431 12.25 -26.42 15.26
C LEU D 431 13.63 -26.85 15.73
N PHE D 432 14.36 -27.55 14.87
CA PHE D 432 15.73 -27.96 15.13
C PHE D 432 16.66 -27.39 14.08
N ALA D 433 17.83 -26.96 14.53
CA ALA D 433 18.91 -26.50 13.66
C ALA D 433 20.08 -27.46 13.79
N VAL D 434 20.45 -28.09 12.70
CA VAL D 434 21.57 -29.03 12.67
C VAL D 434 22.56 -28.55 11.61
N LYS D 435 23.80 -28.33 12.04
CA LYS D 435 24.92 -28.16 11.13
C LYS D 435 25.44 -29.54 10.70
N ILE D 436 25.64 -29.70 9.40
CA ILE D 436 26.25 -30.90 8.85
C ILE D 436 27.74 -30.70 9.05
N PRO D 437 28.42 -31.61 9.73
CA PRO D 437 29.81 -31.38 10.11
C PRO D 437 30.76 -31.81 9.00
N GLU D 438 31.98 -31.27 9.03
CA GLU D 438 32.91 -31.66 7.99
C GLU D 438 34.00 -32.60 8.47
N GLN D 439 34.18 -32.74 9.78
CA GLN D 439 35.02 -33.80 10.32
C GLN D 439 34.15 -34.94 10.80
N CYS D 440 34.58 -36.17 10.53
CA CYS D 440 33.81 -37.36 10.89
C CYS D 440 34.00 -37.79 12.35
N THR D 441 34.58 -36.94 13.21
CA THR D 441 34.72 -37.18 14.64
C THR D 441 34.65 -35.89 15.46
N GLU E 1 -4.93 -77.47 4.67
CA GLU E 1 -6.32 -77.66 4.30
C GLU E 1 -7.13 -76.52 4.88
N VAL E 2 -7.68 -75.70 3.99
CA VAL E 2 -8.32 -74.47 4.45
C VAL E 2 -9.58 -74.83 5.22
N LYS E 3 -9.78 -74.15 6.34
CA LYS E 3 -10.95 -74.38 7.16
C LYS E 3 -11.43 -73.05 7.74
N LEU E 4 -12.73 -72.75 7.57
CA LEU E 4 -13.38 -71.64 8.24
C LEU E 4 -14.61 -72.15 8.98
N VAL E 5 -14.77 -71.70 10.23
CA VAL E 5 -15.81 -72.22 11.13
C VAL E 5 -16.56 -71.06 11.75
N GLU E 6 -17.78 -70.81 11.27
CA GLU E 6 -18.64 -69.81 11.88
C GLU E 6 -19.13 -70.28 13.24
N SER E 7 -19.57 -69.33 14.06
CA SER E 7 -20.09 -69.59 15.40
C SER E 7 -20.74 -68.32 15.91
N GLY E 8 -21.63 -68.48 16.89
CA GLY E 8 -22.27 -67.33 17.49
C GLY E 8 -23.58 -66.89 16.87
N GLY E 9 -24.08 -67.59 15.88
CA GLY E 9 -25.36 -67.20 15.32
C GLY E 9 -26.51 -67.65 16.19
N GLY E 10 -27.60 -66.88 16.15
CA GLY E 10 -28.73 -67.31 16.93
C GLY E 10 -30.03 -66.56 16.78
N LEU E 11 -30.84 -66.63 17.84
CA LEU E 11 -32.14 -65.96 17.94
C LEU E 11 -31.93 -64.62 18.60
N VAL E 12 -32.42 -63.55 17.97
CA VAL E 12 -32.27 -62.19 18.47
C VAL E 12 -33.55 -61.42 18.22
N LYS E 13 -33.91 -60.53 19.15
CA LYS E 13 -35.17 -59.76 19.03
C LYS E 13 -34.94 -58.53 18.15
N PRO E 14 -35.88 -58.19 17.25
CA PRO E 14 -35.71 -57.08 16.33
C PRO E 14 -35.23 -55.80 17.04
N GLY E 15 -33.94 -55.47 16.93
CA GLY E 15 -33.40 -54.26 17.56
C GLY E 15 -32.17 -54.63 18.36
N GLY E 16 -31.98 -55.92 18.60
CA GLY E 16 -30.86 -56.40 19.41
C GLY E 16 -29.56 -56.45 18.64
N SER E 17 -28.56 -57.09 19.28
CA SER E 17 -27.24 -57.17 18.67
C SER E 17 -26.68 -58.59 18.79
N LEU E 18 -25.57 -58.80 18.07
CA LEU E 18 -24.88 -60.08 17.99
C LEU E 18 -23.46 -59.88 17.45
N LYS E 19 -22.56 -60.78 17.86
CA LYS E 19 -21.21 -60.81 17.31
C LYS E 19 -20.91 -62.24 16.87
N LEU E 20 -20.80 -62.40 15.57
CA LEU E 20 -20.45 -63.66 14.93
C LEU E 20 -18.93 -63.75 14.86
N SER E 21 -18.42 -64.97 14.90
CA SER E 21 -17.00 -65.19 14.80
C SER E 21 -16.73 -66.36 13.87
N CYS E 22 -15.58 -66.32 13.23
CA CYS E 22 -15.16 -67.34 12.29
C CYS E 22 -13.72 -67.68 12.62
N ALA E 23 -13.46 -68.95 12.93
CA ALA E 23 -12.10 -69.41 13.16
C ALA E 23 -11.53 -69.91 11.85
N ALA E 24 -10.26 -69.62 11.61
CA ALA E 24 -9.68 -69.99 10.33
C ALA E 24 -8.38 -70.77 10.53
N SER E 25 -8.22 -71.82 9.76
CA SER E 25 -6.99 -72.59 9.77
C SER E 25 -6.66 -72.97 8.34
N GLY E 26 -5.45 -73.48 8.16
CA GLY E 26 -5.07 -74.09 6.90
C GLY E 26 -4.51 -73.15 5.87
N PHE E 27 -4.25 -71.89 6.24
CA PHE E 27 -3.69 -70.87 5.35
C PHE E 27 -3.22 -69.74 6.24
N SER E 28 -2.24 -68.98 5.76
CA SER E 28 -1.75 -67.87 6.56
C SER E 28 -2.83 -66.78 6.62
N PHE E 29 -3.62 -66.79 7.70
CA PHE E 29 -4.78 -65.92 7.82
C PHE E 29 -4.40 -64.46 7.65
N ARG E 30 -3.32 -64.03 8.31
CA ARG E 30 -3.02 -62.61 8.38
C ARG E 30 -2.76 -61.97 7.02
N ASN E 31 -2.38 -62.73 5.99
CA ASN E 31 -2.09 -62.06 4.73
C ASN E 31 -3.28 -61.98 3.78
N TYR E 32 -4.47 -62.40 4.19
CA TYR E 32 -5.64 -62.43 3.31
C TYR E 32 -6.69 -61.44 3.78
N ALA E 33 -7.40 -60.85 2.84
CA ALA E 33 -8.63 -60.16 3.17
C ALA E 33 -9.75 -61.18 3.37
N MET E 34 -10.78 -60.79 4.10
CA MET E 34 -11.90 -61.68 4.37
C MET E 34 -13.22 -60.93 4.17
N SER E 35 -14.30 -61.70 4.06
CA SER E 35 -15.61 -61.16 3.78
C SER E 35 -16.66 -61.98 4.51
N TRP E 36 -17.78 -61.34 4.82
CA TRP E 36 -18.97 -62.03 5.33
C TRP E 36 -20.05 -61.96 4.27
N VAL E 37 -20.67 -63.09 3.96
CA VAL E 37 -21.73 -63.15 2.96
C VAL E 37 -22.91 -63.87 3.58
N ARG E 38 -24.10 -63.36 3.39
CA ARG E 38 -25.27 -63.99 3.99
C ARG E 38 -26.23 -64.50 2.93
N GLN E 39 -27.09 -65.44 3.33
CA GLN E 39 -28.12 -65.98 2.45
C GLN E 39 -29.50 -65.89 3.10
N SER E 40 -30.42 -65.20 2.41
CA SER E 40 -31.74 -64.90 2.95
C SER E 40 -32.56 -66.17 3.00
N PRO E 41 -33.69 -66.16 3.72
CA PRO E 41 -34.54 -67.36 3.73
C PRO E 41 -34.95 -67.77 2.33
N GLU E 42 -35.22 -66.80 1.46
CA GLU E 42 -35.56 -67.03 0.06
C GLU E 42 -34.34 -67.40 -0.78
N LYS E 43 -33.17 -67.58 -0.15
CA LYS E 43 -31.91 -68.09 -0.73
C LYS E 43 -31.16 -67.08 -1.61
N ARG E 44 -31.54 -65.79 -1.64
CA ARG E 44 -30.74 -64.79 -2.36
C ARG E 44 -29.44 -64.55 -1.61
N LEU E 45 -28.32 -64.58 -2.34
CA LEU E 45 -27.03 -64.38 -1.70
C LEU E 45 -26.73 -62.90 -1.61
N GLU E 46 -26.11 -62.49 -0.51
CA GLU E 46 -25.92 -61.06 -0.28
C GLU E 46 -24.64 -60.82 0.51
N TRP E 47 -23.77 -60.01 -0.08
CA TRP E 47 -22.50 -59.70 0.55
C TRP E 47 -22.68 -58.59 1.61
N VAL E 48 -21.86 -58.64 2.66
CA VAL E 48 -22.17 -57.96 3.90
C VAL E 48 -20.98 -57.12 4.37
N ALA E 49 -19.76 -57.68 4.28
CA ALA E 49 -18.60 -57.07 4.92
C ALA E 49 -17.32 -57.53 4.27
N GLU E 50 -16.37 -56.61 4.06
CA GLU E 50 -15.02 -56.98 3.67
C GLU E 50 -14.02 -56.22 4.52
N VAL E 51 -12.93 -56.90 4.91
CA VAL E 51 -11.87 -56.28 5.70
C VAL E 51 -10.52 -56.60 5.08
N SER E 52 -9.64 -55.59 4.97
CA SER E 52 -8.32 -55.87 4.45
C SER E 52 -7.59 -56.88 5.36
N SER E 53 -6.42 -57.32 4.92
CA SER E 53 -5.65 -58.25 5.74
C SER E 53 -5.14 -57.55 6.99
N GLY E 54 -4.56 -56.35 6.82
CA GLY E 54 -4.16 -55.53 7.95
C GLY E 54 -5.27 -55.23 8.93
N GLY E 55 -6.53 -55.30 8.48
CA GLY E 55 -7.65 -54.88 9.30
C GLY E 55 -7.94 -53.39 9.28
N GLY E 56 -7.12 -52.60 8.59
CA GLY E 56 -7.38 -51.17 8.52
C GLY E 56 -8.60 -50.86 7.66
N TYR E 57 -8.80 -51.59 6.58
CA TYR E 57 -9.78 -51.19 5.58
C TYR E 57 -10.99 -52.11 5.59
N THR E 58 -12.13 -51.54 5.91
CA THR E 58 -13.42 -52.22 5.99
C THR E 58 -14.37 -51.63 4.95
N TYR E 59 -15.12 -52.48 4.27
CA TYR E 59 -16.07 -52.06 3.26
C TYR E 59 -17.42 -52.70 3.54
N TYR E 60 -18.50 -52.01 3.19
CA TYR E 60 -19.83 -52.45 3.58
C TYR E 60 -20.84 -52.04 2.53
N PRO E 61 -21.92 -52.78 2.37
CA PRO E 61 -23.02 -52.29 1.52
C PRO E 61 -23.79 -51.20 2.25
N ASP E 62 -24.63 -50.51 1.50
CA ASP E 62 -25.50 -49.52 2.15
C ASP E 62 -26.38 -50.21 3.17
N THR E 63 -26.83 -51.41 2.85
CA THR E 63 -27.91 -52.02 3.60
C THR E 63 -27.50 -52.36 5.03
N VAL E 64 -26.21 -52.56 5.30
CA VAL E 64 -25.80 -52.85 6.68
C VAL E 64 -24.90 -51.78 7.25
N THR E 65 -24.77 -50.64 6.59
CA THR E 65 -23.73 -49.72 7.00
C THR E 65 -24.09 -49.07 8.32
N GLY E 66 -23.08 -48.87 9.16
CA GLY E 66 -23.28 -48.27 10.46
C GLY E 66 -23.95 -49.15 11.49
N ARG E 67 -24.44 -50.33 11.10
CA ARG E 67 -24.99 -51.34 12.01
C ARG E 67 -24.05 -52.51 12.25
N PHE E 68 -23.32 -52.93 11.23
CA PHE E 68 -22.40 -54.06 11.27
C PHE E 68 -20.97 -53.56 11.30
N THR E 69 -20.06 -54.40 11.79
CA THR E 69 -18.67 -53.99 11.87
C THR E 69 -17.79 -55.22 11.79
N ILE E 70 -17.05 -55.32 10.70
CA ILE E 70 -16.15 -56.45 10.48
C ILE E 70 -14.85 -56.15 11.21
N SER E 71 -14.30 -57.16 11.89
CA SER E 71 -13.08 -56.98 12.68
C SER E 71 -12.26 -58.27 12.62
N ARG E 72 -10.97 -58.17 12.94
CA ARG E 72 -10.14 -59.35 12.78
C ARG E 72 -8.99 -59.37 13.79
N ASP E 73 -8.75 -60.56 14.35
CA ASP E 73 -7.63 -60.86 15.24
C ASP E 73 -6.65 -61.74 14.45
N ASN E 74 -5.55 -61.16 13.99
CA ASN E 74 -4.52 -61.93 13.30
C ASN E 74 -3.64 -62.73 14.23
N ALA E 75 -3.85 -62.63 15.55
CA ALA E 75 -3.06 -63.44 16.46
C ALA E 75 -3.72 -64.79 16.66
N LYS E 76 -5.01 -64.78 16.98
CA LYS E 76 -5.79 -65.98 17.20
C LYS E 76 -6.43 -66.54 15.94
N ASN E 77 -6.15 -65.93 14.78
CA ASN E 77 -6.71 -66.34 13.49
C ASN E 77 -8.24 -66.38 13.51
N ILE E 78 -8.84 -65.27 13.91
CA ILE E 78 -10.30 -65.19 14.03
C ILE E 78 -10.81 -63.94 13.36
N LEU E 79 -11.90 -64.09 12.62
CA LEU E 79 -12.61 -63.00 11.98
C LEU E 79 -13.92 -62.84 12.73
N TYR E 80 -14.42 -61.61 12.76
CA TYR E 80 -15.60 -61.26 13.54
C TYR E 80 -16.54 -60.42 12.69
N LEU E 81 -17.81 -60.42 13.08
CA LEU E 81 -18.79 -59.54 12.46
C LEU E 81 -19.74 -59.08 13.56
N GLU E 82 -19.51 -57.86 14.05
CA GLU E 82 -20.37 -57.23 15.05
C GLU E 82 -21.59 -56.63 14.36
N MET E 83 -22.76 -57.19 14.63
CA MET E 83 -24.02 -56.70 14.08
C MET E 83 -24.86 -56.08 15.19
N SER E 84 -25.47 -54.92 14.91
CA SER E 84 -26.36 -54.31 15.89
C SER E 84 -27.56 -53.68 15.19
N SER E 85 -28.57 -53.35 16.00
CA SER E 85 -29.82 -52.78 15.50
C SER E 85 -30.51 -53.74 14.56
N LEU E 86 -30.50 -55.02 14.93
CA LEU E 86 -30.85 -56.10 14.01
C LEU E 86 -32.30 -56.01 13.57
N ARG E 87 -32.52 -56.11 12.27
CA ARG E 87 -33.83 -56.01 11.65
C ARG E 87 -34.29 -57.39 11.24
N SER E 88 -35.61 -57.54 11.08
CA SER E 88 -36.10 -58.86 10.70
C SER E 88 -35.55 -59.30 9.36
N GLU E 89 -35.20 -58.33 8.49
CA GLU E 89 -34.71 -58.61 7.16
C GLU E 89 -33.23 -58.90 7.13
N ASP E 90 -32.56 -59.07 8.26
CA ASP E 90 -31.22 -59.63 8.26
C ASP E 90 -31.20 -61.06 8.73
N THR E 91 -32.37 -61.66 8.91
CA THR E 91 -32.46 -63.08 9.17
C THR E 91 -31.79 -63.78 8.01
N ALA E 92 -30.62 -64.39 8.23
CA ALA E 92 -29.92 -65.03 7.12
C ALA E 92 -28.89 -65.99 7.68
N MET E 93 -28.44 -66.89 6.81
CA MET E 93 -27.28 -67.71 7.11
C MET E 93 -26.04 -66.89 6.85
N TYR E 94 -25.04 -67.01 7.71
CA TYR E 94 -23.89 -66.09 7.67
C TYR E 94 -22.61 -66.89 7.47
N TYR E 95 -22.01 -66.71 6.30
CA TYR E 95 -20.79 -67.38 5.91
C TYR E 95 -19.64 -66.41 6.00
N CYS E 96 -18.56 -66.89 6.54
CA CYS E 96 -17.30 -66.17 6.52
C CYS E 96 -16.47 -66.74 5.39
N THR E 97 -15.88 -65.85 4.59
CA THR E 97 -15.22 -66.24 3.36
C THR E 97 -13.84 -65.64 3.27
N ARG E 98 -12.96 -66.33 2.55
CA ARG E 98 -11.62 -65.83 2.35
C ARG E 98 -11.53 -65.13 0.99
N ASP E 99 -10.81 -64.01 0.96
CA ASP E 99 -10.57 -63.37 -0.32
C ASP E 99 -9.37 -64.00 -0.99
N PRO E 100 -9.14 -63.72 -2.27
CA PRO E 100 -7.97 -64.32 -2.92
C PRO E 100 -6.65 -63.60 -2.62
N ASP E 101 -6.69 -62.36 -2.15
CA ASP E 101 -5.44 -61.63 -1.94
C ASP E 101 -5.54 -60.80 -0.67
N SER E 102 -4.47 -60.03 -0.43
CA SER E 102 -4.32 -59.29 0.82
C SER E 102 -5.26 -58.08 0.94
N SER E 103 -5.56 -57.38 -0.16
CA SER E 103 -6.42 -56.19 -0.04
C SER E 103 -7.85 -56.30 -0.56
N GLY E 104 -8.17 -57.27 -1.39
CA GLY E 104 -9.56 -57.48 -1.71
C GLY E 104 -10.14 -56.50 -2.70
N TYR E 105 -11.43 -56.18 -2.58
CA TYR E 105 -12.18 -55.29 -3.47
C TYR E 105 -12.60 -56.00 -4.76
N LEU E 106 -11.71 -56.77 -5.41
CA LEU E 106 -12.08 -57.54 -6.60
C LEU E 106 -12.03 -59.04 -6.30
N ALA E 107 -12.90 -59.47 -5.39
CA ALA E 107 -12.71 -60.73 -4.69
C ALA E 107 -13.88 -61.68 -4.89
N TRP E 108 -13.55 -62.91 -5.27
CA TRP E 108 -14.45 -64.04 -5.24
C TRP E 108 -14.06 -64.93 -4.07
N PHE E 109 -14.95 -65.81 -3.67
CA PHE E 109 -14.79 -66.59 -2.46
C PHE E 109 -14.59 -68.06 -2.84
N ALA E 110 -13.34 -68.50 -2.78
CA ALA E 110 -12.98 -69.90 -2.97
C ALA E 110 -13.21 -70.72 -1.72
N TYR E 111 -13.31 -70.08 -0.56
CA TYR E 111 -13.43 -70.76 0.71
C TYR E 111 -14.54 -70.11 1.50
N TRP E 112 -15.47 -70.94 1.96
CA TRP E 112 -16.55 -70.55 2.84
C TRP E 112 -16.63 -71.54 3.98
N GLY E 113 -16.97 -71.03 5.15
CA GLY E 113 -17.33 -71.86 6.27
C GLY E 113 -18.69 -72.50 6.06
N GLN E 114 -19.10 -73.28 7.07
CA GLN E 114 -20.38 -73.98 7.01
C GLN E 114 -21.54 -73.04 7.22
N GLY E 115 -21.26 -71.81 7.65
CA GLY E 115 -22.28 -70.85 7.97
C GLY E 115 -22.73 -70.92 9.43
N THR E 116 -23.32 -69.81 9.87
CA THR E 116 -23.99 -69.75 11.16
C THR E 116 -25.29 -68.98 10.97
N LEU E 117 -26.36 -69.46 11.58
CA LEU E 117 -27.71 -68.99 11.27
C LEU E 117 -28.17 -67.95 12.30
N VAL E 118 -28.48 -66.75 11.81
CA VAL E 118 -29.01 -65.68 12.64
C VAL E 118 -30.49 -65.54 12.34
N THR E 119 -31.31 -65.65 13.36
CA THR E 119 -32.75 -65.42 13.27
C THR E 119 -33.08 -64.17 14.07
N VAL E 120 -33.56 -63.13 13.40
CA VAL E 120 -34.00 -61.91 14.08
C VAL E 120 -35.51 -62.00 14.17
N SER E 121 -36.01 -62.27 15.38
CA SER E 121 -37.40 -62.70 15.56
C SER E 121 -37.92 -62.33 16.95
N ALA E 122 -39.14 -61.77 16.96
CA ALA E 122 -39.84 -61.45 18.21
C ALA E 122 -40.05 -62.70 19.06
N ALA E 123 -40.13 -63.87 18.43
CA ALA E 123 -40.60 -65.10 19.05
C ALA E 123 -39.58 -65.70 20.01
N SER E 124 -40.02 -66.63 20.83
CA SER E 124 -39.20 -67.21 21.89
C SER E 124 -38.80 -68.63 21.54
N THR E 125 -37.59 -69.03 21.94
CA THR E 125 -37.18 -70.37 21.59
C THR E 125 -38.11 -71.35 22.29
N LYS E 126 -38.40 -72.44 21.60
CA LYS E 126 -39.26 -73.52 22.07
C LYS E 126 -38.65 -74.81 21.54
N GLY E 127 -38.26 -75.71 22.44
CA GLY E 127 -37.73 -76.99 22.03
C GLY E 127 -38.81 -77.93 21.55
N PRO E 128 -38.42 -78.97 20.81
CA PRO E 128 -39.42 -79.79 20.11
C PRO E 128 -39.73 -81.07 20.85
N SER E 129 -40.91 -81.63 20.57
CA SER E 129 -41.18 -83.03 20.88
C SER E 129 -40.83 -83.87 19.66
N VAL E 130 -40.21 -85.03 19.91
CA VAL E 130 -39.79 -85.94 18.86
C VAL E 130 -40.61 -87.23 18.99
N PHE E 131 -41.40 -87.52 17.97
CA PHE E 131 -42.32 -88.62 18.14
C PHE E 131 -41.91 -89.80 17.27
N PRO E 132 -42.17 -91.02 17.72
CA PRO E 132 -41.89 -92.17 16.87
C PRO E 132 -42.85 -92.21 15.70
N LEU E 133 -42.33 -92.51 14.51
CA LEU E 133 -43.15 -92.81 13.35
C LEU E 133 -43.17 -94.32 13.28
N ALA E 134 -44.31 -94.91 13.57
CA ALA E 134 -44.38 -96.35 13.71
C ALA E 134 -44.43 -97.02 12.34
N PRO E 135 -43.50 -97.92 12.04
CA PRO E 135 -43.78 -98.92 10.98
C PRO E 135 -45.02 -99.74 11.33
N SER E 136 -45.98 -99.74 10.42
CA SER E 136 -47.11 -100.65 10.44
C SER E 136 -46.82 -101.83 9.54
N SER E 137 -47.69 -102.84 9.56
CA SER E 137 -47.54 -103.91 8.60
C SER E 137 -48.24 -103.61 7.28
N LYS E 138 -49.18 -102.65 7.26
CA LYS E 138 -49.69 -102.06 6.02
C LYS E 138 -48.57 -101.41 5.20
N SER E 139 -47.38 -101.25 5.80
CA SER E 139 -46.26 -100.52 5.18
C SER E 139 -45.64 -101.31 4.04
N THR E 140 -45.60 -102.63 4.19
CA THR E 140 -44.54 -103.49 3.63
C THR E 140 -44.67 -103.75 2.13
N SER E 141 -44.90 -102.70 1.34
CA SER E 141 -44.84 -102.72 -0.11
C SER E 141 -43.46 -103.19 -0.58
N GLY E 142 -43.42 -104.34 -1.27
CA GLY E 142 -42.19 -104.95 -1.75
C GLY E 142 -41.24 -105.49 -0.69
N GLY E 143 -41.64 -105.56 0.58
CA GLY E 143 -40.80 -106.08 1.66
C GLY E 143 -39.86 -105.09 2.31
N THR E 144 -39.91 -103.82 1.92
CA THR E 144 -39.20 -102.74 2.60
C THR E 144 -40.15 -102.03 3.55
N ALA E 145 -39.71 -101.80 4.78
CA ALA E 145 -40.53 -101.12 5.78
C ALA E 145 -39.90 -99.79 6.16
N ALA E 146 -40.74 -98.76 6.37
CA ALA E 146 -40.29 -97.40 6.60
C ALA E 146 -40.60 -96.93 8.02
N LEU E 147 -39.59 -96.35 8.69
CA LEU E 147 -39.72 -95.81 10.04
C LEU E 147 -38.99 -94.48 10.13
N GLY E 148 -39.40 -93.67 11.11
CA GLY E 148 -38.79 -92.36 11.27
C GLY E 148 -39.10 -91.67 12.59
N CYS E 149 -38.92 -90.34 12.56
CA CYS E 149 -39.12 -89.44 13.69
C CYS E 149 -39.77 -88.14 13.23
N LEU E 150 -40.71 -87.68 14.01
CA LEU E 150 -41.34 -86.41 13.77
C LEU E 150 -40.83 -85.44 14.84
N VAL E 151 -40.03 -84.46 14.42
CA VAL E 151 -39.54 -83.40 15.28
C VAL E 151 -40.47 -82.20 15.12
N LYS E 152 -41.31 -81.94 16.13
CA LYS E 152 -42.46 -81.07 15.94
C LYS E 152 -42.49 -79.95 16.99
N ASP E 153 -42.99 -78.78 16.56
CA ASP E 153 -43.21 -77.58 17.39
C ASP E 153 -41.93 -77.14 18.10
N TYR E 154 -41.03 -76.57 17.30
CA TYR E 154 -39.81 -75.99 17.85
C TYR E 154 -39.51 -74.67 17.14
N PHE E 155 -38.54 -73.94 17.72
CA PHE E 155 -38.15 -72.64 17.20
C PHE E 155 -36.88 -72.19 17.90
N PRO E 156 -35.89 -71.66 17.18
CA PRO E 156 -35.84 -71.43 15.75
C PRO E 156 -35.12 -72.56 15.03
N GLU E 157 -34.91 -72.45 13.71
CA GLU E 157 -34.04 -73.39 13.04
C GLU E 157 -32.62 -73.20 13.58
N PRO E 158 -31.81 -74.26 13.65
CA PRO E 158 -31.99 -75.64 13.15
C PRO E 158 -32.16 -76.74 14.19
N VAL E 159 -32.50 -77.95 13.71
CA VAL E 159 -32.30 -79.18 14.46
C VAL E 159 -31.50 -80.13 13.59
N THR E 160 -30.85 -81.10 14.22
CA THR E 160 -30.11 -82.15 13.53
C THR E 160 -30.70 -83.49 13.91
N VAL E 161 -30.92 -84.35 12.90
CA VAL E 161 -31.32 -85.73 13.11
C VAL E 161 -30.18 -86.65 12.69
N SER E 162 -29.88 -87.65 13.52
CA SER E 162 -29.02 -88.74 13.14
C SER E 162 -29.78 -90.02 13.33
N TRP E 163 -29.21 -91.12 12.86
CA TRP E 163 -29.75 -92.43 13.21
C TRP E 163 -28.62 -93.26 13.77
N ASN E 164 -28.93 -94.00 14.83
CA ASN E 164 -27.98 -94.90 15.48
C ASN E 164 -26.63 -94.23 15.62
N SER E 165 -26.67 -92.92 15.92
CA SER E 165 -25.50 -92.11 16.23
C SER E 165 -24.56 -91.97 15.04
N GLY E 166 -25.12 -92.01 13.84
CA GLY E 166 -24.33 -91.87 12.64
C GLY E 166 -23.96 -93.17 11.98
N ALA E 167 -24.14 -94.29 12.69
CA ALA E 167 -23.90 -95.59 12.06
C ALA E 167 -24.84 -95.79 10.87
N LEU E 168 -26.12 -95.42 11.02
CA LEU E 168 -27.13 -95.60 9.99
C LEU E 168 -27.25 -94.36 9.13
N THR E 169 -26.88 -94.48 7.84
CA THR E 169 -27.05 -93.36 6.92
C THR E 169 -27.86 -93.70 5.66
N SER E 170 -27.59 -94.83 4.99
CA SER E 170 -28.26 -95.08 3.72
C SER E 170 -29.71 -95.44 3.98
N GLY E 171 -30.60 -94.87 3.16
CA GLY E 171 -32.01 -94.97 3.38
C GLY E 171 -32.62 -93.77 4.08
N VAL E 172 -31.82 -92.99 4.81
CA VAL E 172 -32.35 -91.89 5.60
C VAL E 172 -32.77 -90.73 4.70
N HIS E 173 -33.93 -90.16 4.99
CA HIS E 173 -34.40 -88.94 4.33
C HIS E 173 -34.84 -87.96 5.41
N THR E 174 -33.95 -87.05 5.84
CA THR E 174 -34.35 -85.99 6.74
C THR E 174 -34.91 -84.87 5.91
N PHE E 175 -36.14 -84.56 6.11
CA PHE E 175 -36.79 -83.60 5.24
C PHE E 175 -36.53 -82.17 5.72
N PRO E 176 -36.66 -81.22 4.81
CA PRO E 176 -36.67 -79.82 5.24
C PRO E 176 -37.78 -79.60 6.24
N ALA E 177 -37.58 -78.61 7.12
CA ALA E 177 -38.62 -78.21 8.06
C ALA E 177 -39.74 -77.47 7.34
N VAL E 178 -40.94 -77.55 7.90
CA VAL E 178 -42.09 -76.78 7.42
C VAL E 178 -42.55 -75.85 8.52
N LEU E 179 -42.88 -74.60 8.14
CA LEU E 179 -43.33 -73.57 9.07
C LEU E 179 -44.85 -73.68 9.25
N GLN E 180 -45.28 -74.18 10.41
CA GLN E 180 -46.70 -74.42 10.61
C GLN E 180 -47.43 -73.08 10.80
N SER E 181 -48.75 -73.12 10.59
CA SER E 181 -49.57 -71.92 10.81
C SER E 181 -49.37 -71.38 12.23
N SER E 182 -49.12 -72.26 13.21
CA SER E 182 -48.84 -71.83 14.56
C SER E 182 -47.54 -71.05 14.69
N GLY E 183 -46.71 -71.00 13.64
CA GLY E 183 -45.44 -70.31 13.71
C GLY E 183 -44.29 -71.08 14.31
N LEU E 184 -44.38 -72.40 14.42
CA LEU E 184 -43.23 -73.22 14.77
C LEU E 184 -42.85 -74.11 13.60
N TYR E 185 -41.60 -74.57 13.61
CA TYR E 185 -41.11 -75.45 12.56
C TYR E 185 -41.34 -76.90 12.92
N SER E 186 -41.52 -77.72 11.89
CA SER E 186 -41.66 -79.17 12.00
C SER E 186 -40.98 -79.82 10.81
N LEU E 187 -40.20 -80.85 11.09
CA LEU E 187 -39.58 -81.67 10.07
C LEU E 187 -39.71 -83.12 10.45
N SER E 188 -39.50 -83.98 9.46
CA SER E 188 -39.65 -85.42 9.58
C SER E 188 -38.45 -86.13 8.95
N SER E 189 -37.82 -87.02 9.71
CA SER E 189 -36.69 -87.80 9.22
C SER E 189 -37.09 -89.27 9.15
N VAL E 190 -37.08 -89.85 7.94
CA VAL E 190 -37.45 -91.25 7.73
C VAL E 190 -36.26 -92.04 7.21
N VAL E 191 -36.24 -93.33 7.51
CA VAL E 191 -35.30 -94.23 6.86
C VAL E 191 -36.04 -95.50 6.50
N THR E 192 -35.74 -96.04 5.33
CA THR E 192 -36.37 -97.26 4.83
C THR E 192 -35.41 -98.43 5.01
N VAL E 193 -35.92 -99.52 5.55
CA VAL E 193 -35.07 -100.65 5.96
C VAL E 193 -35.71 -101.94 5.47
N PRO E 194 -34.91 -103.00 5.38
CA PRO E 194 -35.50 -104.32 5.12
C PRO E 194 -36.54 -104.61 6.17
N SER E 195 -37.79 -104.85 5.72
CA SER E 195 -38.83 -105.27 6.63
C SER E 195 -38.39 -106.46 7.46
N SER E 196 -37.45 -107.26 6.94
CA SER E 196 -36.89 -108.38 7.69
C SER E 196 -35.99 -107.93 8.83
N SER E 197 -35.51 -106.69 8.82
CA SER E 197 -34.66 -106.23 9.92
C SER E 197 -35.46 -105.65 11.08
N LEU E 198 -36.78 -105.47 10.88
CA LEU E 198 -37.62 -104.78 11.86
C LEU E 198 -37.56 -105.44 13.22
N GLY E 199 -37.74 -106.77 13.23
CA GLY E 199 -37.75 -107.49 14.48
C GLY E 199 -36.40 -107.59 15.15
N THR E 200 -35.31 -107.51 14.36
CA THR E 200 -34.00 -107.85 14.89
C THR E 200 -33.01 -106.70 14.98
N GLN E 201 -33.33 -105.53 14.44
CA GLN E 201 -32.45 -104.36 14.53
C GLN E 201 -33.23 -103.19 15.13
N THR E 202 -32.77 -102.69 16.26
CA THR E 202 -33.40 -101.53 16.87
C THR E 202 -32.89 -100.24 16.22
N TYR E 203 -33.80 -99.28 16.00
CA TYR E 203 -33.47 -98.03 15.30
C TYR E 203 -33.74 -96.83 16.20
N ILE E 204 -32.68 -96.10 16.52
CA ILE E 204 -32.71 -95.02 17.51
C ILE E 204 -32.39 -93.72 16.80
N CYS E 205 -33.33 -92.79 16.81
CA CYS E 205 -33.16 -91.53 16.10
C CYS E 205 -32.69 -90.48 17.10
N ASN E 206 -31.67 -89.75 16.70
CA ASN E 206 -30.92 -88.83 17.56
C ASN E 206 -31.21 -87.44 17.10
N VAL E 207 -32.08 -86.73 17.81
CA VAL E 207 -32.40 -85.33 17.50
C VAL E 207 -31.60 -84.44 18.43
N ASN E 208 -31.16 -83.30 17.91
CA ASN E 208 -30.42 -82.31 18.68
C ASN E 208 -30.88 -80.93 18.23
N HIS E 209 -31.46 -80.18 19.14
CA HIS E 209 -31.89 -78.78 18.95
C HIS E 209 -31.00 -77.93 19.82
N LYS E 210 -29.84 -77.58 19.28
CA LYS E 210 -28.84 -76.82 20.00
C LYS E 210 -29.38 -75.56 20.68
N PRO E 211 -30.24 -74.73 20.06
CA PRO E 211 -30.73 -73.54 20.80
C PRO E 211 -31.40 -73.88 22.14
N SER E 212 -32.38 -74.76 22.14
CA SER E 212 -33.13 -75.10 23.34
C SER E 212 -32.40 -76.08 24.26
N ASN E 213 -31.16 -76.45 23.97
CA ASN E 213 -30.39 -77.42 24.76
C ASN E 213 -31.06 -78.78 24.86
N THR E 214 -31.87 -79.10 23.86
CA THR E 214 -32.50 -80.40 23.72
C THR E 214 -31.57 -81.40 23.03
N LYS E 215 -31.47 -82.63 23.56
CA LYS E 215 -31.41 -83.71 22.61
C LYS E 215 -32.23 -84.88 23.13
N VAL E 216 -33.00 -85.49 22.23
CA VAL E 216 -33.77 -86.67 22.56
C VAL E 216 -33.24 -87.83 21.73
N ASP E 217 -33.54 -89.04 22.17
CA ASP E 217 -33.31 -90.23 21.35
C ASP E 217 -34.56 -91.11 21.46
N LYS E 218 -35.57 -90.85 20.64
CA LYS E 218 -36.75 -91.72 20.62
C LYS E 218 -36.40 -92.99 19.85
N LYS E 219 -36.53 -94.15 20.49
CA LYS E 219 -36.38 -95.42 19.79
C LYS E 219 -37.66 -95.71 19.02
N VAL E 220 -37.54 -95.91 17.71
CA VAL E 220 -38.70 -96.31 16.92
C VAL E 220 -38.77 -97.83 16.99
N GLU E 221 -39.93 -98.36 17.37
CA GLU E 221 -40.22 -99.77 17.49
C GLU E 221 -41.42 -100.14 16.63
N PRO E 222 -41.49 -101.39 16.18
CA PRO E 222 -42.60 -101.77 15.30
C PRO E 222 -43.95 -101.83 16.03
N ASP F 1 -25.97 -49.79 -8.30
CA ASP F 1 -25.29 -51.07 -8.11
C ASP F 1 -25.23 -51.89 -9.39
N ILE F 2 -24.57 -53.04 -9.31
CA ILE F 2 -24.53 -53.98 -10.42
C ILE F 2 -25.68 -54.96 -10.23
N LEU F 3 -26.41 -55.18 -11.30
CA LEU F 3 -27.49 -56.17 -11.34
C LEU F 3 -27.08 -57.34 -12.21
N LEU F 4 -27.07 -58.53 -11.63
CA LEU F 4 -26.91 -59.75 -12.41
C LEU F 4 -28.29 -60.35 -12.64
N THR F 5 -28.54 -60.74 -13.88
CA THR F 5 -29.76 -61.40 -14.30
C THR F 5 -29.34 -62.74 -14.89
N GLN F 6 -29.73 -63.82 -14.23
CA GLN F 6 -29.42 -65.16 -14.72
C GLN F 6 -30.55 -65.69 -15.58
N SER F 7 -30.18 -66.33 -16.68
CA SER F 7 -31.17 -67.06 -17.44
C SER F 7 -30.68 -68.47 -17.74
N PRO F 8 -31.57 -69.47 -17.68
CA PRO F 8 -32.99 -69.38 -17.35
C PRO F 8 -33.22 -69.39 -15.86
N ALA F 9 -34.48 -69.26 -15.42
CA ALA F 9 -34.78 -69.40 -13.99
C ALA F 9 -34.40 -70.77 -13.48
N SER F 10 -34.73 -71.80 -14.25
CA SER F 10 -34.54 -73.20 -13.88
C SER F 10 -34.42 -73.99 -15.17
N LEU F 11 -34.12 -75.28 -15.02
CA LEU F 11 -33.52 -76.05 -16.10
C LEU F 11 -33.52 -77.53 -15.76
N SER F 12 -33.85 -78.38 -16.73
CA SER F 12 -33.88 -79.83 -16.52
C SER F 12 -33.23 -80.54 -17.71
N ALA F 13 -32.19 -81.31 -17.42
CA ALA F 13 -31.42 -81.93 -18.50
C ALA F 13 -30.97 -83.34 -18.11
N SER F 14 -30.85 -84.20 -19.12
CA SER F 14 -30.46 -85.57 -18.87
C SER F 14 -28.97 -85.66 -18.60
N VAL F 15 -28.59 -86.67 -17.83
CA VAL F 15 -27.19 -87.01 -17.69
C VAL F 15 -26.59 -87.08 -19.09
N GLY F 16 -25.37 -86.60 -19.22
CA GLY F 16 -24.69 -86.64 -20.50
C GLY F 16 -24.91 -85.42 -21.37
N GLU F 17 -26.15 -84.91 -21.39
CA GLU F 17 -26.45 -83.71 -22.14
C GLU F 17 -25.51 -82.57 -21.73
N THR F 18 -25.31 -81.61 -22.62
CA THR F 18 -24.58 -80.39 -22.27
C THR F 18 -25.60 -79.35 -21.84
N VAL F 19 -25.27 -78.59 -20.77
CA VAL F 19 -26.12 -77.51 -20.29
C VAL F 19 -25.34 -76.21 -20.33
N THR F 20 -26.10 -75.12 -20.41
CA THR F 20 -25.46 -73.83 -20.39
C THR F 20 -26.41 -72.82 -19.77
N ILE F 21 -25.85 -71.99 -18.88
CA ILE F 21 -26.54 -70.95 -18.13
C ILE F 21 -25.91 -69.65 -18.53
N THR F 22 -26.71 -68.60 -18.63
CA THR F 22 -26.19 -67.29 -18.97
C THR F 22 -26.46 -66.31 -17.82
N CYS F 23 -25.57 -65.32 -17.68
CA CYS F 23 -25.65 -64.27 -16.68
C CYS F 23 -25.32 -62.93 -17.33
N ARG F 24 -26.12 -61.90 -17.01
CA ARG F 24 -26.03 -60.61 -17.69
C ARG F 24 -25.89 -59.49 -16.67
N ALA F 25 -24.73 -58.85 -16.68
CA ALA F 25 -24.43 -57.75 -15.79
C ALA F 25 -25.07 -56.47 -16.32
N SER F 26 -25.67 -55.73 -15.38
CA SER F 26 -26.28 -54.43 -15.67
C SER F 26 -25.32 -53.44 -16.28
N GLU F 27 -24.02 -53.68 -16.16
CA GLU F 27 -22.99 -52.69 -16.47
C GLU F 27 -21.67 -53.44 -16.62
N ASN F 28 -20.73 -52.82 -17.33
CA ASN F 28 -19.51 -53.52 -17.70
C ASN F 28 -18.77 -53.99 -16.46
N ILE F 29 -18.40 -55.28 -16.43
CA ILE F 29 -17.63 -55.81 -15.29
C ILE F 29 -16.37 -56.53 -15.73
N ASN F 30 -15.90 -56.24 -16.93
CA ASN F 30 -14.64 -56.79 -17.45
C ASN F 30 -14.81 -58.31 -17.47
N SER F 31 -13.84 -59.08 -16.98
CA SER F 31 -14.06 -60.51 -16.80
C SER F 31 -14.11 -60.86 -15.33
N TYR F 32 -14.65 -59.95 -14.52
CA TYR F 32 -14.73 -60.15 -13.09
C TYR F 32 -16.02 -60.89 -12.71
N LEU F 33 -16.30 -62.02 -13.38
CA LEU F 33 -17.48 -62.79 -13.04
C LEU F 33 -17.07 -64.16 -12.57
N ALA F 34 -17.78 -64.65 -11.55
CA ALA F 34 -17.53 -65.88 -10.85
C ALA F 34 -18.81 -66.72 -10.90
N TRP F 35 -18.64 -68.03 -10.75
CA TRP F 35 -19.77 -68.95 -10.80
C TRP F 35 -19.68 -69.87 -9.60
N TYR F 36 -20.82 -70.10 -8.93
CA TYR F 36 -20.89 -71.03 -7.83
C TYR F 36 -22.02 -72.02 -8.06
N GLN F 37 -21.85 -73.25 -7.56
CA GLN F 37 -22.90 -74.27 -7.46
C GLN F 37 -23.23 -74.45 -5.98
N GLN F 38 -24.51 -74.44 -5.65
CA GLN F 38 -24.91 -74.64 -4.26
C GLN F 38 -25.95 -75.75 -4.19
N LYS F 39 -25.66 -76.76 -3.38
CA LYS F 39 -26.68 -77.72 -3.07
C LYS F 39 -27.28 -77.36 -1.70
N GLN F 40 -27.88 -78.33 -1.04
CA GLN F 40 -28.79 -78.04 0.07
C GLN F 40 -28.02 -77.82 1.34
N GLY F 41 -28.31 -76.70 2.01
CA GLY F 41 -27.71 -76.42 3.29
C GLY F 41 -26.23 -76.68 3.25
N LYS F 42 -25.55 -75.96 2.37
CA LYS F 42 -24.10 -75.95 2.34
C LYS F 42 -23.63 -74.64 1.75
N SER F 43 -22.42 -74.25 2.12
CA SER F 43 -21.87 -73.04 1.54
C SER F 43 -21.71 -73.24 0.03
N PRO F 44 -21.97 -72.21 -0.77
CA PRO F 44 -21.82 -72.36 -2.21
C PRO F 44 -20.38 -72.70 -2.55
N GLN F 45 -20.21 -73.47 -3.62
CA GLN F 45 -18.90 -73.96 -4.04
C GLN F 45 -18.43 -73.23 -5.29
N LEU F 46 -17.27 -72.58 -5.20
CA LEU F 46 -16.76 -71.84 -6.35
C LEU F 46 -16.43 -72.81 -7.49
N LEU F 47 -17.04 -72.57 -8.65
CA LEU F 47 -16.73 -73.26 -9.88
C LEU F 47 -15.73 -72.49 -10.75
N VAL F 48 -16.16 -71.35 -11.26
CA VAL F 48 -15.39 -70.49 -12.13
C VAL F 48 -15.19 -69.17 -11.40
N TYR F 49 -14.01 -68.57 -11.62
CA TYR F 49 -13.80 -67.14 -11.36
C TYR F 49 -13.05 -66.56 -12.55
N ASN F 50 -12.94 -65.21 -12.57
CA ASN F 50 -12.31 -64.45 -13.68
C ASN F 50 -12.94 -64.78 -15.04
N ALA F 51 -14.21 -65.23 -14.99
CA ALA F 51 -15.11 -65.52 -16.09
C ALA F 51 -14.82 -66.92 -16.66
N LYS F 52 -13.53 -67.24 -16.78
CA LYS F 52 -13.04 -68.42 -17.49
C LYS F 52 -12.13 -69.32 -16.67
N THR F 53 -11.61 -68.88 -15.53
CA THR F 53 -10.71 -69.73 -14.74
C THR F 53 -11.49 -70.69 -13.84
N LEU F 54 -11.12 -71.96 -13.93
CA LEU F 54 -11.67 -73.01 -13.10
C LEU F 54 -11.03 -72.98 -11.73
N ALA F 55 -11.82 -73.29 -10.70
CA ALA F 55 -11.30 -73.34 -9.34
C ALA F 55 -10.59 -74.67 -9.08
N GLU F 56 -9.86 -74.76 -7.96
CA GLU F 56 -9.10 -75.98 -7.66
C GLU F 56 -10.01 -77.19 -7.57
N GLY F 57 -9.58 -78.29 -8.20
CA GLY F 57 -10.36 -79.51 -8.25
C GLY F 57 -11.77 -79.35 -8.77
N VAL F 58 -12.03 -78.38 -9.62
CA VAL F 58 -13.31 -78.38 -10.32
C VAL F 58 -13.15 -79.23 -11.58
N PRO F 59 -14.05 -80.18 -11.81
CA PRO F 59 -14.04 -80.94 -13.06
C PRO F 59 -13.95 -80.03 -14.27
N SER F 60 -13.10 -80.43 -15.21
CA SER F 60 -12.96 -79.72 -16.48
C SER F 60 -14.19 -79.77 -17.37
N ARG F 61 -15.21 -80.58 -17.00
CA ARG F 61 -16.47 -80.50 -17.74
C ARG F 61 -17.19 -79.20 -17.49
N PHE F 62 -16.67 -78.36 -16.59
CA PHE F 62 -17.17 -77.01 -16.32
C PHE F 62 -16.29 -76.00 -17.02
N SER F 63 -16.89 -75.22 -17.92
CA SER F 63 -16.21 -74.07 -18.50
C SER F 63 -17.08 -72.86 -18.29
N GLY F 64 -16.44 -71.70 -18.29
CA GLY F 64 -17.16 -70.44 -18.28
C GLY F 64 -16.50 -69.51 -19.28
N SER F 65 -17.32 -68.69 -19.92
CA SER F 65 -16.81 -67.68 -20.83
C SER F 65 -17.52 -66.35 -20.57
N GLY F 66 -17.03 -65.30 -21.20
CA GLY F 66 -17.71 -64.03 -21.23
C GLY F 66 -16.78 -62.89 -20.87
N SER F 67 -17.31 -61.68 -21.12
CA SER F 67 -16.59 -60.43 -20.82
C SER F 67 -17.62 -59.32 -20.91
N ASP F 68 -17.34 -58.15 -20.36
CA ASP F 68 -18.25 -56.97 -20.45
C ASP F 68 -19.56 -57.20 -19.72
N THR F 69 -20.62 -57.55 -20.45
CA THR F 69 -21.95 -57.64 -19.81
C THR F 69 -22.53 -59.05 -19.87
N GLN F 70 -22.05 -59.91 -20.78
CA GLN F 70 -22.70 -61.20 -20.88
C GLN F 70 -21.67 -62.30 -20.61
N PHE F 71 -22.07 -63.28 -19.83
CA PHE F 71 -21.21 -64.41 -19.50
C PHE F 71 -22.03 -65.69 -19.55
N SER F 72 -21.35 -66.82 -19.69
CA SER F 72 -22.08 -68.05 -19.49
C SER F 72 -21.16 -69.15 -18.95
N LEU F 73 -21.81 -70.12 -18.32
CA LEU F 73 -21.19 -71.30 -17.75
C LEU F 73 -21.59 -72.48 -18.62
N LYS F 74 -20.68 -73.43 -18.84
CA LYS F 74 -21.02 -74.63 -19.58
C LYS F 74 -20.73 -75.85 -18.71
N ILE F 75 -21.68 -76.78 -18.67
CA ILE F 75 -21.46 -78.13 -18.16
C ILE F 75 -21.78 -79.09 -19.29
N ASN F 76 -20.75 -79.62 -19.91
CA ASN F 76 -20.97 -80.69 -20.87
C ASN F 76 -20.65 -82.00 -20.19
N THR F 77 -21.39 -83.03 -20.59
CA THR F 77 -21.40 -84.30 -19.87
C THR F 77 -21.96 -84.05 -18.47
N LEU F 78 -23.25 -83.70 -18.46
CA LEU F 78 -23.94 -83.47 -17.21
C LEU F 78 -23.87 -84.69 -16.32
N GLN F 79 -23.91 -84.47 -15.03
CA GLN F 79 -23.63 -85.54 -14.09
C GLN F 79 -24.68 -85.49 -13.00
N PRO F 80 -25.03 -86.63 -12.40
CA PRO F 80 -26.14 -86.59 -11.44
C PRO F 80 -25.85 -85.71 -10.25
N GLU F 81 -24.58 -85.47 -9.90
CA GLU F 81 -24.23 -84.59 -8.79
C GLU F 81 -24.17 -83.11 -9.19
N ASP F 82 -24.48 -82.78 -10.43
CA ASP F 82 -24.49 -81.42 -10.93
C ASP F 82 -25.80 -80.73 -10.67
N PHE F 83 -26.68 -81.33 -9.89
CA PHE F 83 -27.89 -80.63 -9.51
C PHE F 83 -27.58 -79.61 -8.43
N GLY F 84 -28.43 -78.58 -8.34
CA GLY F 84 -28.31 -77.53 -7.34
C GLY F 84 -28.78 -76.19 -7.90
N THR F 85 -28.44 -75.12 -7.20
CA THR F 85 -28.60 -73.77 -7.73
C THR F 85 -27.23 -73.20 -8.06
N TYR F 86 -27.14 -72.57 -9.23
CA TYR F 86 -25.91 -72.00 -9.77
C TYR F 86 -26.03 -70.48 -9.77
N TYR F 87 -25.20 -69.82 -8.98
CA TYR F 87 -25.22 -68.37 -8.89
C TYR F 87 -24.00 -67.78 -9.57
N CYS F 88 -24.18 -66.61 -10.17
CA CYS F 88 -23.03 -65.85 -10.67
C CYS F 88 -22.80 -64.67 -9.73
N GLN F 89 -21.55 -64.43 -9.40
CA GLN F 89 -21.21 -63.23 -8.65
C GLN F 89 -20.24 -62.43 -9.50
N HIS F 90 -20.35 -61.11 -9.44
CA HIS F 90 -19.34 -60.29 -10.07
C HIS F 90 -18.35 -59.84 -9.00
N HIS F 91 -17.08 -59.79 -9.35
CA HIS F 91 -16.11 -59.21 -8.45
C HIS F 91 -15.42 -58.06 -9.17
N SER F 92 -16.21 -57.11 -9.65
CA SER F 92 -15.59 -55.94 -10.28
C SER F 92 -15.31 -54.81 -9.28
N GLY F 93 -15.37 -55.10 -7.99
CA GLY F 93 -15.40 -54.06 -6.98
C GLY F 93 -16.65 -54.16 -6.15
N THR F 94 -16.61 -53.48 -5.00
CA THR F 94 -17.64 -53.54 -3.96
C THR F 94 -18.75 -52.52 -4.24
N PRO F 95 -20.04 -52.84 -3.97
CA PRO F 95 -20.55 -54.06 -3.34
C PRO F 95 -20.59 -55.21 -4.33
N TYR F 96 -20.20 -56.39 -3.91
CA TYR F 96 -20.36 -57.57 -4.75
C TYR F 96 -21.83 -57.95 -4.80
N THR F 97 -22.34 -58.26 -5.97
CA THR F 97 -23.70 -58.76 -6.04
C THR F 97 -23.72 -60.08 -6.78
N PHE F 98 -24.71 -60.91 -6.43
CA PHE F 98 -24.95 -62.20 -7.05
C PHE F 98 -26.15 -62.14 -7.97
N GLY F 99 -26.31 -63.20 -8.73
CA GLY F 99 -27.49 -63.35 -9.56
C GLY F 99 -28.55 -64.11 -8.87
N GLY F 100 -29.77 -64.00 -9.37
CA GLY F 100 -30.89 -64.66 -8.72
C GLY F 100 -30.75 -66.16 -8.57
N GLY F 101 -29.93 -66.79 -9.39
CA GLY F 101 -29.72 -68.23 -9.38
C GLY F 101 -30.39 -68.90 -10.57
N THR F 102 -29.85 -70.05 -10.98
CA THR F 102 -30.52 -70.97 -11.91
C THR F 102 -30.59 -72.34 -11.26
N LYS F 103 -31.81 -72.88 -11.12
CA LYS F 103 -32.01 -74.17 -10.47
C LYS F 103 -31.91 -75.30 -11.51
N LEU F 104 -30.97 -76.23 -11.29
CA LEU F 104 -30.69 -77.32 -12.22
C LEU F 104 -31.17 -78.63 -11.62
N GLU F 105 -32.12 -79.28 -12.29
CA GLU F 105 -32.61 -80.61 -11.94
C GLU F 105 -32.05 -81.62 -12.94
N ILE F 106 -31.76 -82.82 -12.47
CA ILE F 106 -31.25 -83.84 -13.37
C ILE F 106 -32.42 -84.67 -13.89
N LYS F 107 -32.49 -84.84 -15.21
CA LYS F 107 -33.61 -85.50 -15.86
C LYS F 107 -33.34 -87.00 -15.96
N ARG F 108 -34.33 -87.83 -15.62
CA ARG F 108 -34.12 -89.28 -15.56
C ARG F 108 -35.38 -90.00 -16.05
N THR F 109 -35.36 -91.33 -16.05
CA THR F 109 -36.56 -92.04 -16.47
C THR F 109 -37.58 -92.00 -15.33
N VAL F 110 -38.87 -92.10 -15.70
CA VAL F 110 -39.93 -91.96 -14.72
C VAL F 110 -39.71 -93.02 -13.63
N ALA F 111 -40.27 -92.76 -12.45
CA ALA F 111 -40.06 -93.64 -11.31
C ALA F 111 -41.21 -93.48 -10.33
N ALA F 112 -42.02 -94.57 -10.15
CA ALA F 112 -43.17 -94.37 -9.29
C ALA F 112 -42.74 -94.45 -7.82
N PRO F 113 -43.40 -93.67 -6.93
CA PRO F 113 -42.98 -93.59 -5.54
C PRO F 113 -43.57 -94.69 -4.71
N SER F 114 -42.76 -95.26 -3.83
CA SER F 114 -43.31 -96.04 -2.72
C SER F 114 -44.05 -95.12 -1.76
N VAL F 115 -45.14 -95.60 -1.18
CA VAL F 115 -45.91 -94.79 -0.24
C VAL F 115 -46.05 -95.56 1.07
N PHE F 116 -45.80 -94.86 2.17
CA PHE F 116 -45.96 -95.38 3.52
C PHE F 116 -46.73 -94.34 4.31
N ILE F 117 -47.67 -94.79 5.14
CA ILE F 117 -48.55 -93.91 5.90
C ILE F 117 -48.24 -94.14 7.37
N PHE F 118 -48.06 -93.05 8.12
CA PHE F 118 -47.64 -93.14 9.51
C PHE F 118 -48.74 -92.63 10.43
N PRO F 119 -49.19 -93.43 11.38
CA PRO F 119 -50.29 -93.03 12.25
C PRO F 119 -49.76 -92.24 13.42
N PRO F 120 -50.49 -91.22 13.88
CA PRO F 120 -50.06 -90.45 15.06
C PRO F 120 -49.68 -91.35 16.23
N SER F 121 -48.62 -90.97 16.92
CA SER F 121 -48.09 -91.77 18.01
C SER F 121 -48.90 -91.51 19.28
N ASP F 122 -48.94 -92.52 20.16
CA ASP F 122 -49.66 -92.35 21.42
C ASP F 122 -49.10 -91.19 22.22
N GLU F 123 -47.77 -91.17 22.41
CA GLU F 123 -47.07 -90.04 23.01
C GLU F 123 -47.64 -88.70 22.54
N GLN F 124 -47.79 -88.53 21.22
CA GLN F 124 -48.27 -87.27 20.66
C GLN F 124 -49.73 -87.04 20.98
N LEU F 125 -50.51 -88.12 21.09
CA LEU F 125 -51.94 -87.99 21.34
C LEU F 125 -52.20 -87.55 22.78
N LYS F 126 -51.38 -88.05 23.72
CA LYS F 126 -51.41 -87.57 25.10
C LYS F 126 -51.26 -86.06 25.18
N SER F 127 -50.65 -85.44 24.17
CA SER F 127 -50.47 -83.99 24.14
C SER F 127 -51.67 -83.23 23.61
N GLY F 128 -52.61 -83.90 22.94
CA GLY F 128 -53.80 -83.25 22.43
C GLY F 128 -53.77 -82.83 20.98
N THR F 129 -52.82 -83.34 20.20
CA THR F 129 -52.85 -83.16 18.74
C THR F 129 -52.31 -84.41 18.08
N ALA F 130 -52.80 -84.67 16.88
CA ALA F 130 -52.41 -85.83 16.08
C ALA F 130 -51.92 -85.39 14.71
N SER F 131 -50.72 -85.83 14.34
CA SER F 131 -50.21 -85.65 12.99
C SER F 131 -49.95 -87.00 12.36
N VAL F 132 -50.56 -87.23 11.20
CA VAL F 132 -50.38 -88.45 10.42
C VAL F 132 -49.44 -88.12 9.28
N VAL F 133 -48.53 -89.04 8.97
CA VAL F 133 -47.43 -88.71 8.07
C VAL F 133 -47.44 -89.68 6.88
N CYS F 134 -47.32 -89.11 5.68
CA CYS F 134 -47.18 -89.85 4.43
C CYS F 134 -45.82 -89.59 3.81
N LEU F 135 -45.18 -90.64 3.32
CA LEU F 135 -43.86 -90.55 2.72
C LEU F 135 -43.95 -91.11 1.30
N LEU F 136 -43.66 -90.27 0.33
CA LEU F 136 -43.42 -90.70 -1.03
C LEU F 136 -41.93 -90.88 -1.19
N ASN F 137 -41.52 -92.07 -1.59
CA ASN F 137 -40.13 -92.46 -1.51
C ASN F 137 -39.54 -92.66 -2.90
N ASN F 138 -38.49 -91.89 -3.21
CA ASN F 138 -37.60 -92.14 -4.34
C ASN F 138 -38.38 -92.23 -5.64
N PHE F 139 -38.91 -91.09 -6.05
CA PHE F 139 -39.72 -91.01 -7.26
C PHE F 139 -39.18 -89.93 -8.17
N TYR F 140 -39.51 -90.06 -9.46
CA TYR F 140 -39.22 -89.08 -10.44
C TYR F 140 -40.26 -89.12 -11.56
N PRO F 141 -40.77 -87.97 -12.02
CA PRO F 141 -40.37 -86.59 -11.66
C PRO F 141 -40.84 -86.11 -10.30
N ARG F 142 -40.37 -84.92 -9.94
CA ARG F 142 -40.71 -84.35 -8.64
C ARG F 142 -42.22 -84.23 -8.51
N GLU F 143 -42.87 -83.75 -9.56
CA GLU F 143 -44.28 -83.42 -9.57
C GLU F 143 -45.12 -84.61 -9.15
N ALA F 144 -45.64 -84.57 -7.92
CA ALA F 144 -46.65 -85.50 -7.47
C ALA F 144 -47.79 -84.69 -6.86
N LYS F 145 -48.99 -85.24 -6.92
CA LYS F 145 -50.14 -84.67 -6.19
C LYS F 145 -50.47 -85.64 -5.06
N VAL F 146 -50.12 -85.25 -3.81
CA VAL F 146 -50.55 -85.99 -2.62
C VAL F 146 -51.86 -85.38 -2.15
N GLN F 147 -52.79 -86.24 -1.76
CA GLN F 147 -54.06 -85.80 -1.20
C GLN F 147 -54.38 -86.66 0.01
N TRP F 148 -54.81 -86.00 1.06
CA TRP F 148 -55.45 -86.63 2.20
C TRP F 148 -56.95 -86.43 2.02
N LYS F 149 -57.71 -87.52 1.96
CA LYS F 149 -59.13 -87.42 2.28
C LYS F 149 -59.32 -88.04 3.65
N VAL F 150 -60.19 -87.44 4.46
CA VAL F 150 -60.50 -88.08 5.77
C VAL F 150 -61.97 -88.50 5.69
N ASP F 151 -62.25 -89.81 5.56
CA ASP F 151 -63.64 -90.29 5.35
C ASP F 151 -64.11 -89.77 3.99
N ASN F 152 -63.38 -90.12 2.93
CA ASN F 152 -63.72 -89.65 1.57
C ASN F 152 -64.09 -88.17 1.60
N ALA F 153 -63.50 -87.40 2.53
CA ALA F 153 -63.75 -85.95 2.54
C ALA F 153 -62.46 -85.27 2.10
N LEU F 154 -62.50 -84.58 0.97
CA LEU F 154 -61.21 -84.04 0.56
C LEU F 154 -60.74 -83.01 1.58
N GLN F 155 -59.52 -83.19 2.09
CA GLN F 155 -58.94 -82.28 3.05
C GLN F 155 -58.20 -81.15 2.32
N SER F 156 -58.07 -80.02 2.99
CA SER F 156 -57.37 -78.88 2.39
C SER F 156 -56.95 -77.93 3.51
N GLY F 157 -55.80 -77.27 3.33
CA GLY F 157 -55.28 -76.32 4.29
C GLY F 157 -54.94 -76.86 5.67
N ASN F 158 -55.00 -78.18 5.87
CA ASN F 158 -54.60 -78.84 7.11
C ASN F 158 -53.43 -79.78 6.87
N SER F 159 -52.65 -79.50 5.84
CA SER F 159 -51.64 -80.38 5.31
C SER F 159 -50.46 -79.52 4.87
N GLN F 160 -49.25 -80.05 5.04
CA GLN F 160 -48.05 -79.38 4.56
C GLN F 160 -47.10 -80.40 3.95
N GLU F 161 -46.30 -79.91 3.01
CA GLU F 161 -45.49 -80.76 2.14
C GLU F 161 -44.02 -80.33 2.19
N SER F 162 -43.14 -81.32 2.32
CA SER F 162 -41.69 -81.10 2.33
C SER F 162 -41.06 -82.10 1.37
N VAL F 163 -40.23 -81.61 0.45
CA VAL F 163 -39.65 -82.43 -0.60
C VAL F 163 -38.14 -82.53 -0.39
N THR F 164 -37.65 -83.77 -0.30
CA THR F 164 -36.22 -84.09 -0.34
C THR F 164 -35.59 -83.35 -1.51
N GLU F 165 -34.29 -83.18 -1.49
CA GLU F 165 -33.68 -82.67 -2.70
C GLU F 165 -33.15 -83.83 -3.52
N GLN F 166 -33.02 -83.59 -4.82
CA GLN F 166 -32.73 -84.66 -5.77
C GLN F 166 -31.55 -85.50 -5.31
N ASP F 167 -31.68 -86.82 -5.44
CA ASP F 167 -30.64 -87.70 -4.91
C ASP F 167 -29.38 -87.61 -5.76
N SER F 168 -28.24 -87.75 -5.07
CA SER F 168 -26.96 -87.47 -5.72
C SER F 168 -26.56 -88.56 -6.71
N LYS F 169 -27.02 -89.78 -6.49
CA LYS F 169 -26.59 -90.91 -7.29
C LYS F 169 -27.65 -91.41 -8.27
N ASP F 170 -28.96 -91.18 -8.01
CA ASP F 170 -30.00 -91.67 -8.90
C ASP F 170 -31.11 -90.66 -9.22
N SER F 171 -30.97 -89.42 -8.77
CA SER F 171 -31.83 -88.30 -9.19
C SER F 171 -33.31 -88.50 -8.86
N THR F 172 -33.60 -89.19 -7.75
CA THR F 172 -34.97 -89.32 -7.24
C THR F 172 -35.25 -88.33 -6.12
N TYR F 173 -36.50 -87.90 -6.03
CA TYR F 173 -36.95 -87.06 -4.94
C TYR F 173 -37.61 -87.93 -3.87
N SER F 174 -37.91 -87.34 -2.72
CA SER F 174 -38.84 -87.94 -1.80
C SER F 174 -39.72 -86.84 -1.24
N LEU F 175 -40.90 -87.24 -0.81
CA LEU F 175 -41.89 -86.30 -0.31
C LEU F 175 -42.36 -86.82 1.04
N SER F 176 -42.55 -85.92 2.01
CA SER F 176 -43.40 -86.18 3.17
C SER F 176 -44.53 -85.14 3.16
N SER F 177 -45.73 -85.62 3.47
CA SER F 177 -46.87 -84.77 3.73
C SER F 177 -47.32 -85.02 5.16
N THR F 178 -47.66 -83.93 5.86
CA THR F 178 -48.14 -84.03 7.22
C THR F 178 -49.56 -83.48 7.27
N LEU F 179 -50.50 -84.36 7.60
CA LEU F 179 -51.85 -83.96 7.95
C LEU F 179 -51.90 -83.79 9.45
N THR F 180 -52.40 -82.65 9.87
CA THR F 180 -52.29 -82.27 11.25
C THR F 180 -53.69 -81.85 11.71
N LEU F 181 -54.20 -82.55 12.73
CA LEU F 181 -55.52 -82.28 13.29
C LEU F 181 -55.50 -82.54 14.79
N SER F 182 -56.41 -81.86 15.49
CA SER F 182 -56.48 -81.96 16.95
C SER F 182 -57.01 -83.32 17.40
N LYS F 183 -56.76 -83.64 18.67
CA LYS F 183 -57.19 -84.93 19.22
C LYS F 183 -58.72 -85.08 19.16
N ALA F 184 -59.46 -83.97 19.07
CA ALA F 184 -60.92 -84.02 18.95
C ALA F 184 -61.37 -84.36 17.53
N ASP F 185 -60.95 -83.53 16.55
CA ASP F 185 -61.25 -83.81 15.14
C ASP F 185 -60.71 -85.18 14.71
N TYR F 186 -59.66 -85.68 15.39
CA TYR F 186 -59.10 -87.02 15.12
C TYR F 186 -60.00 -88.13 15.66
N GLU F 187 -60.67 -87.93 16.79
CA GLU F 187 -61.64 -88.93 17.23
C GLU F 187 -62.73 -89.12 16.18
N LYS F 188 -63.07 -88.03 15.46
CA LYS F 188 -64.36 -87.89 14.80
C LYS F 188 -64.52 -88.72 13.53
N HIS F 189 -63.46 -89.28 12.95
CA HIS F 189 -63.54 -89.84 11.61
C HIS F 189 -62.94 -91.25 11.55
N LYS F 190 -63.28 -91.98 10.47
CA LYS F 190 -62.95 -93.41 10.26
C LYS F 190 -61.84 -93.61 9.24
N VAL F 191 -62.06 -93.13 8.01
CA VAL F 191 -61.12 -93.29 6.90
C VAL F 191 -60.01 -92.24 7.02
N TYR F 192 -58.75 -92.72 7.16
CA TYR F 192 -57.53 -91.89 7.12
C TYR F 192 -56.66 -92.33 5.95
N ALA F 193 -56.77 -91.61 4.84
CA ALA F 193 -56.24 -92.07 3.56
C ALA F 193 -55.19 -91.13 3.00
N CYS F 194 -54.15 -91.71 2.41
CA CYS F 194 -53.16 -90.97 1.66
C CYS F 194 -53.24 -91.41 0.20
N GLU F 195 -53.43 -90.45 -0.71
CA GLU F 195 -53.62 -90.72 -2.13
C GLU F 195 -52.55 -90.00 -2.93
N VAL F 196 -51.89 -90.74 -3.81
CA VAL F 196 -50.70 -90.25 -4.51
C VAL F 196 -50.91 -90.41 -6.01
N THR F 197 -50.89 -89.31 -6.73
CA THR F 197 -50.97 -89.30 -8.18
C THR F 197 -49.61 -88.97 -8.77
N HIS F 198 -49.15 -89.80 -9.72
CA HIS F 198 -47.81 -89.63 -10.25
C HIS F 198 -47.75 -90.17 -11.67
N GLN F 199 -46.72 -89.70 -12.39
CA GLN F 199 -46.55 -90.05 -13.80
C GLN F 199 -46.40 -91.54 -14.01
N GLY F 200 -45.75 -92.23 -13.08
CA GLY F 200 -45.47 -93.65 -13.19
C GLY F 200 -46.51 -94.55 -12.57
N LEU F 201 -47.58 -93.95 -12.09
CA LEU F 201 -48.74 -94.62 -11.51
C LEU F 201 -49.89 -94.38 -12.48
N SER F 202 -50.27 -95.41 -13.24
CA SER F 202 -51.44 -95.27 -14.11
C SER F 202 -52.67 -94.84 -13.31
N SER F 203 -52.89 -95.52 -12.18
CA SER F 203 -53.97 -95.24 -11.26
C SER F 203 -53.41 -94.70 -9.95
N PRO F 204 -53.95 -93.60 -9.42
CA PRO F 204 -53.59 -93.16 -8.06
C PRO F 204 -53.54 -94.29 -7.03
N VAL F 205 -52.43 -94.34 -6.29
CA VAL F 205 -52.21 -95.34 -5.25
C VAL F 205 -52.58 -94.74 -3.92
N THR F 206 -53.16 -95.55 -3.04
CA THR F 206 -53.55 -95.08 -1.72
C THR F 206 -53.06 -96.01 -0.64
N LYS F 207 -52.31 -95.47 0.32
CA LYS F 207 -52.09 -96.15 1.58
C LYS F 207 -52.88 -95.41 2.66
N SER F 208 -53.32 -96.16 3.67
CA SER F 208 -54.32 -95.62 4.57
C SER F 208 -54.43 -96.45 5.84
N PHE F 209 -55.22 -95.93 6.78
CA PHE F 209 -55.57 -96.58 8.05
C PHE F 209 -56.87 -95.99 8.65
#